data_1QI6
#
_entry.id   1QI6
#
_cell.length_a   140.800
_cell.length_b   157.500
_cell.length_c   110.300
_cell.angle_alpha   90.00
_cell.angle_beta   90.00
_cell.angle_gamma   90.00
#
_symmetry.space_group_name_H-M   'P 21 21 2'
#
loop_
_entity.id
_entity.type
_entity.pdbx_description
1 polymer 'PROTEIN (NADP DEPENDENT NONPHOSPHORYLATING GLYCERALDEHYDE-3-PHOSPHATE DEHYDROGENASE)'
2 non-polymer 'SULFATE ION'
3 water water
#
_entity_poly.entity_id   1
_entity_poly.type   'polypeptide(L)'
_entity_poly.pdbx_seq_one_letter_code
;MTKQYKNYVNGEWKLSENEIKIYEPASGAELGSVPAMSTEEVDYVYASAKKAQPAWRALSYIERAAYLHKVADILMRDKE
KIGAILSKEVAKGYKSAVSEVVRTAEIINYAAEEGLRMEGEVLEGGSFEAASKKKIAVVRREPVGLVLAISPFNYPVNLA
GSKIAPALIAGNVIAFKPPTQGSISGLLLAEAFAEAGLPAGVFNTITGRGSEIGDYIVEHQAVNFINFTGSTGIGERIGK
MAGMRPIMLELGGKDSAIVLEDADLELTAKNIIAGAFGYSGQRCTAVKRVLVMESVADELVEKIREKVLALTIGNPEDDA
DITPLIDTKSADYVEGLINDANDKGATALTEIKREGNLICPILFDKVTTDMRLAWEEPFGPVLPIIRVTSVEEAIEISNK
SEYGLQASIFTNDFPRAFGIAEQLEVGTVHINNKTQRGTDNFPFLGAKKSGAGIQGVKYSIEAMTTVKSVVFDIK
;
_entity_poly.pdbx_strand_id   A,B,C,D
#
loop_
_chem_comp.id
_chem_comp.type
_chem_comp.name
_chem_comp.formula
SO4 non-polymer 'SULFATE ION' 'O4 S -2'
#
# COMPACT_ATOMS: atom_id res chain seq x y z
N THR A 2 9.25 -54.25 -7.57
CA THR A 2 9.71 -52.92 -8.08
C THR A 2 9.79 -51.92 -6.93
N LYS A 3 10.56 -50.85 -7.11
CA LYS A 3 10.68 -49.81 -6.09
C LYS A 3 9.34 -49.07 -6.08
N GLN A 4 8.43 -49.49 -5.19
CA GLN A 4 7.10 -48.92 -5.09
C GLN A 4 6.92 -47.73 -4.17
N TYR A 5 6.55 -46.59 -4.76
CA TYR A 5 6.34 -45.36 -4.01
C TYR A 5 4.90 -45.26 -3.48
N LYS A 6 4.74 -44.52 -2.39
CA LYS A 6 3.43 -44.34 -1.76
C LYS A 6 3.03 -42.87 -1.66
N ASN A 7 1.73 -42.63 -1.54
CA ASN A 7 1.19 -41.29 -1.38
C ASN A 7 1.18 -40.93 0.10
N TYR A 8 1.32 -39.64 0.41
CA TYR A 8 1.28 -39.21 1.80
C TYR A 8 -0.12 -38.70 2.04
N VAL A 9 -0.89 -39.46 2.80
CA VAL A 9 -2.28 -39.09 3.08
C VAL A 9 -2.57 -39.11 4.58
N ASN A 10 -3.03 -37.96 5.10
CA ASN A 10 -3.38 -37.83 6.50
C ASN A 10 -2.30 -38.34 7.47
N GLY A 11 -1.06 -37.95 7.21
CA GLY A 11 0.04 -38.37 8.05
C GLY A 11 0.51 -39.81 7.89
N GLU A 12 0.07 -40.48 6.82
CA GLU A 12 0.43 -41.87 6.56
C GLU A 12 0.85 -42.08 5.12
N TRP A 13 1.75 -43.03 4.89
CA TRP A 13 2.18 -43.35 3.53
C TRP A 13 1.28 -44.50 3.09
N LYS A 14 0.62 -44.33 1.95
CA LYS A 14 -0.31 -45.33 1.47
C LYS A 14 -0.14 -45.82 0.03
N LEU A 15 -0.27 -47.12 -0.14
CA LEU A 15 -0.20 -47.75 -1.45
C LEU A 15 -1.65 -47.92 -1.90
N SER A 16 -1.86 -48.14 -3.20
CA SER A 16 -3.20 -48.36 -3.73
C SER A 16 -3.21 -49.80 -4.26
N GLU A 17 -4.39 -50.31 -4.61
CA GLU A 17 -4.46 -51.67 -5.12
C GLU A 17 -3.75 -51.76 -6.48
N ASN A 18 -3.82 -50.69 -7.25
CA ASN A 18 -3.19 -50.62 -8.57
C ASN A 18 -2.06 -49.61 -8.57
N GLU A 19 -1.15 -49.75 -9.53
CA GLU A 19 0.00 -48.84 -9.64
C GLU A 19 0.32 -48.51 -11.08
N ILE A 20 1.22 -47.54 -11.26
CA ILE A 20 1.66 -47.10 -12.58
C ILE A 20 3.19 -47.11 -12.59
N LYS A 21 3.78 -47.80 -13.56
CA LYS A 21 5.23 -47.87 -13.66
C LYS A 21 5.77 -46.69 -14.44
N ILE A 22 6.86 -46.09 -13.94
CA ILE A 22 7.48 -44.93 -14.59
C ILE A 22 8.84 -45.33 -15.14
N TYR A 23 9.13 -44.89 -16.37
CA TYR A 23 10.40 -45.19 -17.03
C TYR A 23 11.19 -43.91 -17.32
N GLU A 24 12.48 -44.05 -17.60
CA GLU A 24 13.35 -42.91 -17.90
C GLU A 24 13.22 -42.57 -19.38
N PRO A 25 12.83 -41.32 -19.69
CA PRO A 25 12.67 -40.83 -21.07
C PRO A 25 13.91 -40.95 -21.95
N ALA A 26 15.09 -40.98 -21.33
CA ALA A 26 16.32 -41.08 -22.08
C ALA A 26 16.81 -42.51 -22.32
N SER A 27 16.61 -43.40 -21.36
CA SER A 27 17.08 -44.78 -21.49
C SER A 27 16.00 -45.86 -21.59
N GLY A 28 14.79 -45.53 -21.14
CA GLY A 28 13.71 -46.49 -21.19
C GLY A 28 13.70 -47.42 -19.99
N ALA A 29 14.71 -47.26 -19.13
CA ALA A 29 14.83 -48.08 -17.93
C ALA A 29 13.78 -47.69 -16.91
N GLU A 30 13.27 -48.69 -16.20
CA GLU A 30 12.25 -48.48 -15.18
C GLU A 30 12.82 -47.76 -13.95
N LEU A 31 12.11 -46.75 -13.47
CA LEU A 31 12.54 -45.97 -12.29
C LEU A 31 11.83 -46.43 -11.01
N GLY A 32 10.65 -46.99 -11.17
CA GLY A 32 9.86 -47.46 -10.05
C GLY A 32 8.39 -47.32 -10.38
N SER A 33 7.54 -47.25 -9.36
CA SER A 33 6.11 -47.11 -9.58
C SER A 33 5.43 -46.19 -8.57
N VAL A 34 4.28 -45.65 -8.96
CA VAL A 34 3.47 -44.77 -8.12
C VAL A 34 2.04 -45.31 -8.09
N PRO A 35 1.28 -45.04 -7.01
CA PRO A 35 -0.10 -45.52 -6.90
C PRO A 35 -1.04 -44.98 -7.97
N ALA A 36 -2.04 -45.78 -8.32
CA ALA A 36 -3.06 -45.39 -9.29
C ALA A 36 -4.36 -45.27 -8.47
N MET A 37 -4.53 -44.12 -7.82
CA MET A 37 -5.69 -43.86 -6.96
C MET A 37 -7.06 -44.03 -7.57
N SER A 38 -8.01 -44.35 -6.69
CA SER A 38 -9.41 -44.53 -7.04
C SER A 38 -10.11 -43.26 -6.56
N THR A 39 -11.33 -43.02 -7.06
CA THR A 39 -12.10 -41.85 -6.66
C THR A 39 -12.41 -41.85 -5.16
N GLU A 40 -12.54 -43.03 -4.57
CA GLU A 40 -12.81 -43.16 -3.15
C GLU A 40 -11.58 -42.71 -2.36
N GLU A 41 -10.40 -43.04 -2.89
CA GLU A 41 -9.15 -42.67 -2.23
C GLU A 41 -8.94 -41.15 -2.28
N VAL A 42 -9.47 -40.53 -3.33
CA VAL A 42 -9.40 -39.08 -3.50
C VAL A 42 -10.33 -38.44 -2.48
N ASP A 43 -11.47 -39.09 -2.24
CA ASP A 43 -12.46 -38.62 -1.26
C ASP A 43 -11.85 -38.58 0.14
N TYR A 44 -10.99 -39.56 0.44
CA TYR A 44 -10.36 -39.62 1.75
C TYR A 44 -9.34 -38.51 1.96
N VAL A 45 -8.61 -38.18 0.90
CA VAL A 45 -7.60 -37.11 0.95
C VAL A 45 -8.29 -35.80 1.28
N TYR A 46 -9.38 -35.50 0.57
CA TYR A 46 -10.12 -34.26 0.77
C TYR A 46 -10.79 -34.17 2.14
N ALA A 47 -11.38 -35.28 2.59
CA ALA A 47 -12.05 -35.32 3.88
C ALA A 47 -11.03 -35.05 4.98
N SER A 48 -9.84 -35.62 4.86
CA SER A 48 -8.76 -35.44 5.82
C SER A 48 -8.30 -33.98 5.86
N ALA A 49 -8.18 -33.38 4.68
CA ALA A 49 -7.73 -31.98 4.56
C ALA A 49 -8.73 -31.00 5.14
N LYS A 50 -10.01 -31.22 4.85
CA LYS A 50 -11.06 -30.35 5.35
C LYS A 50 -11.15 -30.46 6.87
N LYS A 51 -10.85 -31.65 7.38
CA LYS A 51 -10.88 -31.91 8.82
C LYS A 51 -9.78 -31.18 9.57
N ALA A 52 -8.61 -31.10 8.95
CA ALA A 52 -7.42 -30.46 9.54
C ALA A 52 -7.31 -28.94 9.36
N GLN A 53 -8.06 -28.39 8.40
CA GLN A 53 -7.99 -26.96 8.11
C GLN A 53 -8.22 -25.98 9.27
N PRO A 54 -9.32 -26.15 10.04
CA PRO A 54 -9.60 -25.24 11.16
C PRO A 54 -8.45 -25.08 12.16
N ALA A 55 -7.85 -26.20 12.56
CA ALA A 55 -6.74 -26.16 13.52
C ALA A 55 -5.48 -25.57 12.89
N TRP A 56 -5.34 -25.71 11.57
CA TRP A 56 -4.19 -25.17 10.85
C TRP A 56 -4.33 -23.65 10.78
N ARG A 57 -5.55 -23.20 10.48
CA ARG A 57 -5.85 -21.77 10.38
C ARG A 57 -5.69 -21.11 11.75
N ALA A 58 -5.94 -21.89 12.81
CA ALA A 58 -5.87 -21.41 14.19
C ALA A 58 -4.45 -21.16 14.69
N LEU A 59 -3.45 -21.72 14.02
CA LEU A 59 -2.06 -21.50 14.40
C LEU A 59 -1.66 -20.08 14.02
N SER A 60 -0.60 -19.57 14.62
CA SER A 60 -0.13 -18.23 14.30
C SER A 60 0.67 -18.28 13.01
N TYR A 61 0.83 -17.13 12.36
CA TYR A 61 1.59 -17.05 11.11
C TYR A 61 3.03 -17.53 11.31
N ILE A 62 3.62 -17.11 12.43
CA ILE A 62 4.99 -17.47 12.80
C ILE A 62 5.23 -19.00 12.89
N GLU A 63 4.25 -19.75 13.40
CA GLU A 63 4.36 -21.21 13.50
C GLU A 63 4.29 -21.87 12.13
N ARG A 64 3.42 -21.36 11.27
CA ARG A 64 3.28 -21.89 9.92
C ARG A 64 4.52 -21.63 9.06
N ALA A 65 5.16 -20.50 9.29
CA ALA A 65 6.40 -20.15 8.58
C ALA A 65 7.56 -21.03 9.02
N ALA A 66 7.61 -21.37 10.31
CA ALA A 66 8.67 -22.21 10.86
C ALA A 66 8.63 -23.59 10.24
N TYR A 67 7.43 -24.11 10.03
CA TYR A 67 7.23 -25.43 9.41
C TYR A 67 7.80 -25.37 7.98
N LEU A 68 7.38 -24.37 7.22
CA LEU A 68 7.84 -24.21 5.84
C LEU A 68 9.35 -24.05 5.73
N HIS A 69 9.96 -23.35 6.69
CA HIS A 69 11.40 -23.15 6.71
C HIS A 69 12.14 -24.48 6.90
N LYS A 70 11.56 -25.37 7.70
CA LYS A 70 12.17 -26.69 7.95
C LYS A 70 12.11 -27.55 6.69
N VAL A 71 11.02 -27.44 5.94
CA VAL A 71 10.84 -28.19 4.70
C VAL A 71 11.95 -27.81 3.73
N ALA A 72 12.21 -26.50 3.65
CA ALA A 72 13.25 -25.96 2.77
C ALA A 72 14.66 -26.42 3.16
N ASP A 73 14.92 -26.48 4.47
CA ASP A 73 16.22 -26.93 4.97
C ASP A 73 16.48 -28.39 4.62
N ILE A 74 15.44 -29.22 4.74
CA ILE A 74 15.51 -30.64 4.41
C ILE A 74 15.79 -30.83 2.91
N LEU A 75 15.09 -30.07 2.08
CA LEU A 75 15.28 -30.14 0.63
C LEU A 75 16.72 -29.78 0.27
N MET A 76 17.28 -28.77 0.93
CA MET A 76 18.64 -28.35 0.68
C MET A 76 19.62 -29.46 1.04
N ARG A 77 19.30 -30.20 2.10
CA ARG A 77 20.15 -31.30 2.56
C ARG A 77 20.19 -32.44 1.54
N ASP A 78 19.02 -32.78 1.01
CA ASP A 78 18.89 -33.86 0.04
C ASP A 78 18.83 -33.44 -1.42
N LYS A 79 19.38 -32.28 -1.78
CA LYS A 79 19.31 -31.83 -3.17
C LYS A 79 19.94 -32.76 -4.20
N GLU A 80 21.09 -33.35 -3.87
CA GLU A 80 21.77 -34.27 -4.79
C GLU A 80 20.96 -35.55 -4.93
N LYS A 81 20.41 -35.99 -3.80
CA LYS A 81 19.61 -37.20 -3.72
C LYS A 81 18.36 -37.05 -4.57
N ILE A 82 17.62 -35.95 -4.38
CA ILE A 82 16.41 -35.68 -5.14
C ILE A 82 16.72 -35.33 -6.59
N GLY A 83 17.74 -34.49 -6.78
CA GLY A 83 18.13 -34.09 -8.12
C GLY A 83 18.49 -35.26 -9.02
N ALA A 84 19.12 -36.29 -8.43
CA ALA A 84 19.53 -37.48 -9.17
C ALA A 84 18.36 -38.16 -9.87
N ILE A 85 17.27 -38.33 -9.12
CA ILE A 85 16.07 -38.98 -9.62
C ILE A 85 15.23 -38.10 -10.53
N LEU A 86 15.16 -36.80 -10.22
CA LEU A 86 14.40 -35.86 -11.03
C LEU A 86 15.02 -35.75 -12.43
N SER A 87 16.35 -35.84 -12.48
CA SER A 87 17.09 -35.78 -13.73
C SER A 87 16.73 -36.92 -14.67
N LYS A 88 16.56 -38.11 -14.08
CA LYS A 88 16.23 -39.31 -14.82
C LYS A 88 14.76 -39.43 -15.19
N GLU A 89 13.88 -38.90 -14.34
CA GLU A 89 12.44 -38.98 -14.58
C GLU A 89 11.92 -38.11 -15.71
N VAL A 90 12.46 -36.90 -15.86
CA VAL A 90 12.01 -35.99 -16.92
C VAL A 90 13.10 -35.65 -17.94
N ALA A 91 14.20 -36.40 -17.91
CA ALA A 91 15.33 -36.22 -18.82
C ALA A 91 15.88 -34.80 -18.82
N LYS A 92 16.09 -34.28 -17.62
CA LYS A 92 16.64 -32.94 -17.43
C LYS A 92 18.09 -33.13 -16.99
N GLY A 93 18.97 -32.25 -17.44
CA GLY A 93 20.38 -32.35 -17.06
C GLY A 93 20.52 -32.43 -15.55
N TYR A 94 21.48 -33.21 -15.08
CA TYR A 94 21.70 -33.39 -13.64
C TYR A 94 21.88 -32.09 -12.86
N LYS A 95 22.83 -31.26 -13.28
CA LYS A 95 23.09 -29.98 -12.60
C LYS A 95 21.84 -29.12 -12.56
N SER A 96 21.11 -29.09 -13.67
CA SER A 96 19.89 -28.32 -13.80
C SER A 96 18.82 -28.89 -12.88
N ALA A 97 18.82 -30.21 -12.75
CA ALA A 97 17.85 -30.89 -11.89
C ALA A 97 18.08 -30.51 -10.44
N VAL A 98 19.34 -30.39 -10.05
CA VAL A 98 19.70 -30.01 -8.68
C VAL A 98 19.37 -28.53 -8.45
N SER A 99 19.44 -27.72 -9.51
CA SER A 99 19.12 -26.30 -9.41
C SER A 99 17.63 -26.09 -9.13
N GLU A 100 16.78 -26.91 -9.76
CA GLU A 100 15.33 -26.82 -9.55
C GLU A 100 14.97 -27.03 -8.07
N VAL A 101 15.64 -27.99 -7.43
CA VAL A 101 15.39 -28.30 -6.02
C VAL A 101 15.81 -27.13 -5.14
N VAL A 102 16.96 -26.54 -5.43
CA VAL A 102 17.45 -25.38 -4.67
C VAL A 102 16.52 -24.18 -4.82
N ARG A 103 16.02 -23.97 -6.05
CA ARG A 103 15.10 -22.87 -6.32
C ARG A 103 13.76 -23.11 -5.63
N THR A 104 13.39 -24.37 -5.45
CA THR A 104 12.15 -24.73 -4.76
C THR A 104 12.28 -24.32 -3.29
N ALA A 105 13.47 -24.53 -2.73
CA ALA A 105 13.75 -24.17 -1.34
C ALA A 105 13.71 -22.64 -1.16
N GLU A 106 14.24 -21.91 -2.14
CA GLU A 106 14.25 -20.45 -2.12
C GLU A 106 12.83 -19.87 -2.11
N ILE A 107 11.97 -20.41 -2.97
CA ILE A 107 10.58 -19.95 -3.07
C ILE A 107 9.79 -20.28 -1.81
N ILE A 108 10.04 -21.45 -1.22
CA ILE A 108 9.36 -21.89 0.00
C ILE A 108 9.70 -20.97 1.19
N ASN A 109 10.98 -20.61 1.30
CA ASN A 109 11.44 -19.73 2.38
C ASN A 109 10.89 -18.31 2.21
N TYR A 110 10.91 -17.81 0.97
CA TYR A 110 10.43 -16.46 0.63
C TYR A 110 8.93 -16.31 0.85
N ALA A 111 8.16 -17.34 0.50
CA ALA A 111 6.71 -17.32 0.67
C ALA A 111 6.35 -17.35 2.16
N ALA A 112 7.20 -18.00 2.96
CA ALA A 112 6.98 -18.11 4.41
C ALA A 112 7.09 -16.74 5.05
N GLU A 113 8.11 -15.98 4.66
CA GLU A 113 8.35 -14.65 5.19
C GLU A 113 7.46 -13.57 4.58
N GLU A 114 7.06 -13.77 3.33
CA GLU A 114 6.18 -12.83 2.65
C GLU A 114 4.77 -12.94 3.25
N GLY A 115 4.37 -14.18 3.53
CA GLY A 115 3.05 -14.44 4.08
C GLY A 115 2.81 -14.11 5.53
N LEU A 116 3.87 -14.05 6.34
CA LEU A 116 3.68 -13.74 7.75
C LEU A 116 3.53 -12.24 7.97
N ARG A 117 3.75 -11.47 6.91
CA ARG A 117 3.61 -10.03 6.95
C ARG A 117 2.28 -9.65 6.28
N MET A 118 1.25 -10.41 6.67
CA MET A 118 -0.11 -10.22 6.17
C MET A 118 -0.78 -9.12 6.99
N GLU A 119 -1.32 -8.10 6.32
CA GLU A 119 -1.99 -7.02 7.04
C GLU A 119 -3.23 -6.50 6.33
N GLY A 120 -4.19 -6.04 7.12
CA GLY A 120 -5.43 -5.53 6.57
C GLY A 120 -5.48 -4.01 6.54
N GLU A 121 -6.70 -3.49 6.42
CA GLU A 121 -6.91 -2.06 6.34
C GLU A 121 -8.13 -1.61 7.14
N VAL A 122 -8.16 -0.33 7.49
CA VAL A 122 -9.26 0.27 8.22
C VAL A 122 -9.79 1.38 7.33
N LEU A 123 -11.07 1.31 6.99
CA LEU A 123 -11.70 2.30 6.12
C LEU A 123 -12.66 3.24 6.86
N GLU A 124 -12.77 4.47 6.39
CA GLU A 124 -13.63 5.50 6.99
C GLU A 124 -14.97 5.68 6.31
N GLY A 125 -16.04 5.66 7.08
CA GLY A 125 -17.37 5.86 6.54
C GLY A 125 -17.58 7.29 6.07
N GLY A 126 -16.95 8.23 6.77
CA GLY A 126 -17.05 9.64 6.45
C GLY A 126 -16.40 10.08 5.15
N SER A 127 -15.70 9.16 4.48
CA SER A 127 -15.04 9.45 3.20
C SER A 127 -16.10 9.52 2.11
N PHE A 128 -17.14 8.71 2.26
CA PHE A 128 -18.22 8.63 1.29
C PHE A 128 -19.49 9.37 1.69
N GLU A 129 -19.75 9.45 2.99
CA GLU A 129 -20.98 10.06 3.48
C GLU A 129 -20.82 10.65 4.88
N ALA A 130 -21.23 11.91 5.03
CA ALA A 130 -21.12 12.62 6.30
C ALA A 130 -21.84 11.92 7.45
N ALA A 131 -23.03 11.40 7.15
CA ALA A 131 -23.84 10.71 8.14
C ALA A 131 -23.20 9.44 8.70
N SER A 132 -22.26 8.86 7.96
CA SER A 132 -21.57 7.62 8.38
C SER A 132 -20.15 7.81 8.93
N LYS A 133 -19.83 9.02 9.38
CA LYS A 133 -18.50 9.31 9.88
C LYS A 133 -18.03 8.52 11.10
N LYS A 134 -18.96 8.00 11.89
CA LYS A 134 -18.60 7.22 13.08
C LYS A 134 -18.50 5.73 12.79
N LYS A 135 -18.67 5.36 11.54
CA LYS A 135 -18.63 3.98 11.10
C LYS A 135 -17.29 3.65 10.42
N ILE A 136 -16.65 2.57 10.87
CA ILE A 136 -15.38 2.15 10.27
C ILE A 136 -15.43 0.66 9.94
N ALA A 137 -14.56 0.22 9.04
CA ALA A 137 -14.51 -1.18 8.64
C ALA A 137 -13.11 -1.77 8.85
N VAL A 138 -13.04 -2.77 9.72
CA VAL A 138 -11.78 -3.47 10.01
C VAL A 138 -11.72 -4.69 9.07
N VAL A 139 -10.85 -4.62 8.08
CA VAL A 139 -10.71 -5.65 7.05
C VAL A 139 -9.45 -6.50 7.15
N ARG A 140 -9.63 -7.80 7.38
CA ARG A 140 -8.52 -8.74 7.51
C ARG A 140 -8.59 -9.87 6.47
N ARG A 141 -7.43 -10.34 6.04
CA ARG A 141 -7.34 -11.45 5.07
C ARG A 141 -7.63 -12.83 5.68
N GLU A 142 -8.20 -13.73 4.88
CA GLU A 142 -8.52 -15.09 5.32
C GLU A 142 -8.27 -16.08 4.20
N PRO A 143 -7.97 -17.35 4.54
CA PRO A 143 -7.71 -18.39 3.53
C PRO A 143 -9.01 -18.78 2.82
N VAL A 144 -8.91 -19.34 1.62
CA VAL A 144 -10.11 -19.76 0.89
C VAL A 144 -10.58 -21.17 1.26
N GLY A 145 -9.71 -21.95 1.91
CA GLY A 145 -10.06 -23.29 2.32
C GLY A 145 -9.06 -24.35 1.86
N LEU A 146 -9.52 -25.24 0.98
CA LEU A 146 -8.69 -26.31 0.41
C LEU A 146 -8.24 -25.92 -1.01
N VAL A 147 -6.93 -25.99 -1.25
CA VAL A 147 -6.37 -25.66 -2.55
C VAL A 147 -5.85 -26.90 -3.26
N LEU A 148 -6.22 -27.07 -4.53
CA LEU A 148 -5.74 -28.20 -5.31
C LEU A 148 -4.64 -27.64 -6.18
N ALA A 149 -3.41 -28.13 -5.95
CA ALA A 149 -2.24 -27.71 -6.71
C ALA A 149 -1.80 -28.82 -7.66
N ILE A 150 -1.66 -28.47 -8.94
CA ILE A 150 -1.24 -29.42 -9.99
C ILE A 150 -0.01 -28.85 -10.71
N SER A 151 1.12 -29.57 -10.63
CA SER A 151 2.38 -29.16 -11.26
C SER A 151 2.61 -29.80 -12.64
N PRO A 152 3.50 -29.20 -13.46
CA PRO A 152 3.82 -29.69 -14.80
C PRO A 152 5.03 -30.62 -14.82
N PHE A 153 5.28 -31.27 -15.96
CA PHE A 153 6.39 -32.20 -16.11
C PHE A 153 7.77 -31.55 -16.23
N ASN A 154 7.84 -30.35 -16.79
CA ASN A 154 9.13 -29.66 -16.96
C ASN A 154 9.70 -29.07 -15.70
N TYR A 155 8.85 -28.91 -14.69
CA TYR A 155 9.23 -28.38 -13.37
C TYR A 155 8.25 -28.98 -12.35
N PRO A 156 8.28 -30.32 -12.21
CA PRO A 156 7.40 -31.05 -11.29
C PRO A 156 7.53 -30.69 -9.81
N VAL A 157 8.73 -30.28 -9.40
CA VAL A 157 8.99 -29.90 -8.01
C VAL A 157 8.90 -28.38 -7.78
N ASN A 158 9.59 -27.60 -8.62
CA ASN A 158 9.61 -26.14 -8.51
C ASN A 158 8.23 -25.52 -8.69
N LEU A 159 7.52 -25.92 -9.75
CA LEU A 159 6.19 -25.38 -9.98
C LEU A 159 5.10 -26.06 -9.16
N ALA A 160 5.52 -26.67 -8.06
CA ALA A 160 4.63 -27.32 -7.12
C ALA A 160 4.76 -26.46 -5.87
N GLY A 161 6.02 -26.22 -5.49
CA GLY A 161 6.32 -25.41 -4.31
C GLY A 161 5.86 -23.98 -4.42
N SER A 162 5.82 -23.46 -5.65
CA SER A 162 5.38 -22.07 -5.89
C SER A 162 3.87 -21.92 -5.68
N LYS A 163 3.18 -23.05 -5.51
CA LYS A 163 1.74 -23.08 -5.28
C LYS A 163 1.47 -23.47 -3.83
N ILE A 164 2.18 -24.50 -3.36
CA ILE A 164 2.06 -25.05 -2.01
C ILE A 164 2.44 -24.10 -0.86
N ALA A 165 3.64 -23.54 -0.90
CA ALA A 165 4.10 -22.63 0.15
C ALA A 165 3.20 -21.41 0.30
N PRO A 166 2.86 -20.70 -0.81
CA PRO A 166 1.98 -19.52 -0.76
C PRO A 166 0.58 -19.84 -0.22
N ALA A 167 0.12 -21.06 -0.47
CA ALA A 167 -1.19 -21.51 -0.01
C ALA A 167 -1.18 -21.83 1.49
N LEU A 168 -0.15 -22.57 1.92
CA LEU A 168 -0.01 -23.00 3.31
C LEU A 168 0.25 -21.92 4.36
N ILE A 169 1.04 -20.93 4.02
CA ILE A 169 1.36 -19.84 4.93
C ILE A 169 0.13 -18.99 5.30
N ALA A 170 -0.81 -18.88 4.37
CA ALA A 170 -2.04 -18.12 4.57
C ALA A 170 -3.10 -18.87 5.41
N GLY A 171 -2.96 -20.19 5.53
CA GLY A 171 -3.90 -20.97 6.33
C GLY A 171 -4.75 -21.95 5.55
N ASN A 172 -4.47 -22.13 4.26
CA ASN A 172 -5.20 -23.08 3.44
C ASN A 172 -4.54 -24.45 3.63
N VAL A 173 -5.26 -25.51 3.26
CA VAL A 173 -4.71 -26.86 3.31
C VAL A 173 -4.41 -27.27 1.86
N ILE A 174 -3.56 -28.28 1.69
CA ILE A 174 -3.13 -28.70 0.36
C ILE A 174 -3.36 -30.16 -0.05
N ALA A 175 -3.70 -30.33 -1.32
CA ALA A 175 -3.88 -31.62 -2.00
C ALA A 175 -3.02 -31.40 -3.23
N PHE A 176 -1.88 -32.09 -3.29
CA PHE A 176 -0.93 -31.96 -4.39
C PHE A 176 -0.98 -33.10 -5.42
N LYS A 177 -1.22 -32.73 -6.68
CA LYS A 177 -1.27 -33.68 -7.79
C LYS A 177 -0.16 -33.38 -8.80
N PRO A 178 0.95 -34.13 -8.76
CA PRO A 178 2.05 -33.89 -9.70
C PRO A 178 1.73 -34.57 -11.02
N PRO A 179 2.53 -34.31 -12.07
CA PRO A 179 2.24 -34.98 -13.35
C PRO A 179 2.64 -36.46 -13.18
N THR A 180 1.98 -37.39 -13.89
CA THR A 180 2.32 -38.81 -13.78
C THR A 180 3.79 -39.03 -14.11
N GLN A 181 4.27 -38.39 -15.19
CA GLN A 181 5.68 -38.46 -15.54
C GLN A 181 6.29 -37.33 -14.71
N GLY A 182 6.72 -37.68 -13.50
CA GLY A 182 7.29 -36.70 -12.60
C GLY A 182 6.66 -36.88 -11.22
N SER A 183 5.83 -37.91 -11.06
CA SER A 183 5.16 -38.21 -9.81
C SER A 183 6.12 -38.74 -8.74
N ILE A 184 7.18 -39.42 -9.17
CA ILE A 184 8.18 -39.94 -8.22
C ILE A 184 8.91 -38.77 -7.53
N SER A 185 9.25 -37.75 -8.32
CA SER A 185 9.92 -36.56 -7.81
C SER A 185 8.95 -35.78 -6.93
N GLY A 186 7.68 -35.81 -7.29
CA GLY A 186 6.66 -35.12 -6.52
C GLY A 186 6.50 -35.79 -5.17
N LEU A 187 6.67 -37.12 -5.13
CA LEU A 187 6.58 -37.88 -3.91
C LEU A 187 7.85 -37.73 -3.08
N LEU A 188 8.95 -37.37 -3.73
CA LEU A 188 10.20 -37.13 -3.02
C LEU A 188 10.09 -35.78 -2.30
N LEU A 189 9.35 -34.85 -2.91
CA LEU A 189 9.12 -33.53 -2.32
C LEU A 189 8.23 -33.70 -1.09
N ALA A 190 7.26 -34.63 -1.18
CA ALA A 190 6.33 -34.92 -0.10
C ALA A 190 7.04 -35.43 1.17
N GLU A 191 8.16 -36.13 0.99
CA GLU A 191 8.92 -36.68 2.12
C GLU A 191 9.44 -35.56 3.04
N ALA A 192 9.85 -34.44 2.44
CA ALA A 192 10.36 -33.30 3.20
C ALA A 192 9.24 -32.74 4.07
N PHE A 193 8.03 -32.69 3.53
CA PHE A 193 6.88 -32.18 4.27
C PHE A 193 6.54 -33.14 5.41
N ALA A 194 6.71 -34.44 5.16
CA ALA A 194 6.44 -35.47 6.17
C ALA A 194 7.46 -35.39 7.30
N GLU A 195 8.74 -35.22 6.93
CA GLU A 195 9.81 -35.14 7.91
C GLU A 195 9.76 -33.85 8.74
N ALA A 196 9.24 -32.77 8.14
CA ALA A 196 9.13 -31.50 8.85
C ALA A 196 8.09 -31.57 9.97
N GLY A 197 7.21 -32.56 9.89
CA GLY A 197 6.22 -32.77 10.92
C GLY A 197 4.95 -31.93 10.91
N LEU A 198 4.49 -31.50 9.74
CA LEU A 198 3.26 -30.71 9.68
C LEU A 198 2.12 -31.61 10.13
N PRO A 199 1.10 -31.04 10.81
CA PRO A 199 -0.05 -31.82 11.30
C PRO A 199 -0.67 -32.70 10.21
N ALA A 200 -1.26 -33.81 10.64
CA ALA A 200 -1.89 -34.76 9.73
C ALA A 200 -3.06 -34.13 8.97
N GLY A 201 -3.04 -34.28 7.65
CA GLY A 201 -4.11 -33.75 6.82
C GLY A 201 -3.89 -32.39 6.18
N VAL A 202 -2.93 -31.59 6.66
CA VAL A 202 -2.71 -30.27 6.06
C VAL A 202 -2.02 -30.35 4.69
N PHE A 203 -1.19 -31.36 4.48
CA PHE A 203 -0.51 -31.56 3.21
C PHE A 203 -0.70 -33.01 2.80
N ASN A 204 -1.22 -33.23 1.59
CA ASN A 204 -1.46 -34.57 1.08
C ASN A 204 -1.13 -34.62 -0.40
N THR A 205 -0.87 -35.82 -0.91
CA THR A 205 -0.56 -36.00 -2.33
C THR A 205 -1.59 -36.91 -3.00
N ILE A 206 -1.70 -36.79 -4.32
CA ILE A 206 -2.62 -37.58 -5.14
C ILE A 206 -1.90 -38.00 -6.43
N THR A 207 -2.03 -39.28 -6.79
CA THR A 207 -1.44 -39.78 -8.04
C THR A 207 -2.44 -40.75 -8.66
N GLY A 208 -2.47 -40.80 -9.99
CA GLY A 208 -3.39 -41.70 -10.67
C GLY A 208 -3.51 -41.43 -12.15
N ARG A 209 -4.47 -42.09 -12.79
CA ARG A 209 -4.70 -41.95 -14.21
C ARG A 209 -5.74 -40.89 -14.53
N GLY A 210 -5.46 -40.08 -15.55
CA GLY A 210 -6.36 -39.01 -15.96
C GLY A 210 -7.78 -39.41 -16.28
N SER A 211 -7.98 -40.56 -16.90
CA SER A 211 -9.32 -41.02 -17.25
C SER A 211 -10.10 -41.53 -16.05
N GLU A 212 -9.42 -41.68 -14.92
CA GLU A 212 -10.09 -42.16 -13.72
C GLU A 212 -10.36 -41.05 -12.70
N ILE A 213 -9.39 -40.15 -12.48
CA ILE A 213 -9.55 -39.09 -11.50
C ILE A 213 -9.33 -37.66 -12.03
N GLY A 214 -9.09 -37.53 -13.34
CA GLY A 214 -8.87 -36.23 -13.95
C GLY A 214 -9.90 -35.14 -13.67
N ASP A 215 -11.14 -35.36 -14.11
CA ASP A 215 -12.21 -34.40 -13.88
C ASP A 215 -12.66 -34.44 -12.44
N TYR A 216 -12.63 -35.64 -11.85
CA TYR A 216 -13.05 -35.87 -10.47
C TYR A 216 -12.36 -34.98 -9.44
N ILE A 217 -11.05 -34.86 -9.54
CA ILE A 217 -10.31 -34.04 -8.57
C ILE A 217 -10.63 -32.54 -8.65
N VAL A 218 -11.02 -32.09 -9.84
CA VAL A 218 -11.35 -30.67 -10.07
C VAL A 218 -12.81 -30.33 -9.74
N GLU A 219 -13.73 -31.22 -10.12
CA GLU A 219 -15.15 -31.01 -9.91
C GLU A 219 -15.61 -31.15 -8.46
N HIS A 220 -14.80 -31.83 -7.64
CA HIS A 220 -15.12 -32.07 -6.24
C HIS A 220 -15.45 -30.80 -5.46
N GLN A 221 -16.59 -30.83 -4.76
CA GLN A 221 -17.08 -29.71 -3.96
C GLN A 221 -16.17 -29.29 -2.82
N ALA A 222 -15.31 -30.20 -2.37
CA ALA A 222 -14.39 -29.91 -1.27
C ALA A 222 -13.32 -28.90 -1.69
N VAL A 223 -13.02 -28.85 -2.98
CA VAL A 223 -12.00 -27.95 -3.51
C VAL A 223 -12.51 -26.50 -3.64
N ASN A 224 -11.77 -25.58 -3.02
CA ASN A 224 -12.10 -24.15 -3.03
C ASN A 224 -11.30 -23.30 -4.03
N PHE A 225 -10.19 -23.84 -4.53
CA PHE A 225 -9.33 -23.12 -5.45
C PHE A 225 -8.51 -24.15 -6.25
N ILE A 226 -8.32 -23.90 -7.54
CA ILE A 226 -7.55 -24.80 -8.39
C ILE A 226 -6.38 -24.02 -9.00
N ASN A 227 -5.17 -24.39 -8.63
CA ASN A 227 -3.93 -23.76 -9.11
C ASN A 227 -3.27 -24.76 -10.04
N PHE A 228 -3.18 -24.43 -11.33
CA PHE A 228 -2.63 -25.35 -12.33
C PHE A 228 -1.66 -24.78 -13.37
N THR A 229 -0.72 -25.62 -13.78
CA THR A 229 0.25 -25.27 -14.82
C THR A 229 0.29 -26.47 -15.78
N GLY A 230 -0.01 -26.21 -17.05
CA GLY A 230 -0.02 -27.26 -18.04
C GLY A 230 -0.47 -26.75 -19.40
N SER A 231 -1.14 -27.59 -20.18
CA SER A 231 -1.62 -27.24 -21.52
C SER A 231 -2.86 -26.36 -21.58
N THR A 232 -2.96 -25.55 -22.63
CA THR A 232 -4.08 -24.64 -22.83
C THR A 232 -5.44 -25.33 -22.89
N GLY A 233 -5.49 -26.48 -23.59
CA GLY A 233 -6.72 -27.24 -23.72
C GLY A 233 -7.27 -27.66 -22.36
N ILE A 234 -6.40 -28.26 -21.54
CA ILE A 234 -6.77 -28.70 -20.21
C ILE A 234 -7.12 -27.50 -19.34
N GLY A 235 -6.37 -26.42 -19.50
CA GLY A 235 -6.61 -25.21 -18.73
C GLY A 235 -8.01 -24.63 -18.98
N GLU A 236 -8.42 -24.60 -20.25
CA GLU A 236 -9.73 -24.08 -20.63
C GLU A 236 -10.81 -24.90 -19.95
N ARG A 237 -10.62 -26.21 -19.99
CA ARG A 237 -11.52 -27.20 -19.41
C ARG A 237 -11.64 -27.04 -17.90
N ILE A 238 -10.51 -26.80 -17.24
CA ILE A 238 -10.48 -26.62 -15.79
C ILE A 238 -11.25 -25.35 -15.41
N GLY A 239 -11.10 -24.31 -16.22
CA GLY A 239 -11.79 -23.06 -15.96
C GLY A 239 -13.29 -23.24 -15.98
N LYS A 240 -13.77 -24.04 -16.91
CA LYS A 240 -15.19 -24.33 -17.05
C LYS A 240 -15.67 -25.23 -15.91
N MET A 241 -14.86 -26.23 -15.56
CA MET A 241 -15.22 -27.13 -14.47
C MET A 241 -15.17 -26.44 -13.11
N ALA A 242 -14.43 -25.34 -13.01
CA ALA A 242 -14.31 -24.60 -11.77
C ALA A 242 -15.63 -23.91 -11.40
N GLY A 243 -16.44 -23.59 -12.41
CA GLY A 243 -17.72 -22.93 -12.18
C GLY A 243 -17.49 -21.47 -11.87
N MET A 244 -17.79 -21.06 -10.64
CA MET A 244 -17.56 -19.68 -10.22
C MET A 244 -16.51 -19.65 -9.11
N ARG A 245 -15.80 -20.76 -8.92
CA ARG A 245 -14.74 -20.88 -7.93
C ARG A 245 -13.47 -20.24 -8.49
N PRO A 246 -12.64 -19.65 -7.61
CA PRO A 246 -11.39 -19.01 -8.04
C PRO A 246 -10.33 -19.97 -8.58
N ILE A 247 -9.58 -19.52 -9.59
CA ILE A 247 -8.54 -20.33 -10.21
C ILE A 247 -7.25 -19.55 -10.53
N MET A 248 -6.21 -20.30 -10.87
CA MET A 248 -4.92 -19.76 -11.25
C MET A 248 -4.43 -20.72 -12.34
N LEU A 249 -4.18 -20.19 -13.53
CA LEU A 249 -3.73 -21.03 -14.63
C LEU A 249 -2.54 -20.41 -15.38
N GLU A 250 -1.56 -21.25 -15.68
CA GLU A 250 -0.40 -20.82 -16.46
C GLU A 250 -0.42 -21.83 -17.60
N LEU A 251 -0.77 -21.36 -18.78
CA LEU A 251 -0.88 -22.22 -19.95
C LEU A 251 0.23 -21.98 -20.99
N GLY A 252 -0.06 -22.24 -22.25
CA GLY A 252 0.92 -22.08 -23.31
C GLY A 252 1.53 -20.71 -23.55
N GLY A 253 2.50 -20.68 -24.46
CA GLY A 253 3.17 -19.44 -24.82
C GLY A 253 3.81 -19.53 -26.19
N LYS A 254 4.00 -18.37 -26.81
CA LYS A 254 4.65 -18.27 -28.13
C LYS A 254 5.36 -16.92 -28.08
N ASP A 255 6.15 -16.73 -27.03
CA ASP A 255 6.90 -15.49 -26.80
C ASP A 255 7.69 -15.06 -28.01
N SER A 256 7.58 -13.78 -28.35
CA SER A 256 8.30 -13.24 -29.49
C SER A 256 9.43 -12.33 -29.05
N ALA A 257 10.50 -12.30 -29.85
CA ALA A 257 11.63 -11.43 -29.56
C ALA A 257 11.65 -10.40 -30.69
N ILE A 258 11.25 -9.18 -30.37
CA ILE A 258 11.23 -8.08 -31.35
C ILE A 258 12.62 -7.41 -31.42
N VAL A 259 13.24 -7.46 -32.60
CA VAL A 259 14.58 -6.91 -32.81
C VAL A 259 14.61 -5.69 -33.74
N LEU A 260 14.89 -4.52 -33.17
CA LEU A 260 14.94 -3.29 -33.97
C LEU A 260 16.30 -3.06 -34.63
N GLU A 261 16.34 -2.14 -35.58
CA GLU A 261 17.57 -1.84 -36.32
C GLU A 261 18.75 -1.32 -35.49
N ASP A 262 18.48 -0.71 -34.33
CA ASP A 262 19.55 -0.20 -33.47
C ASP A 262 19.94 -1.14 -32.34
N ALA A 263 19.49 -2.39 -32.41
CA ALA A 263 19.81 -3.37 -31.39
C ALA A 263 21.27 -3.81 -31.38
N ASP A 264 21.72 -4.32 -30.25
CA ASP A 264 23.07 -4.87 -30.08
C ASP A 264 22.89 -6.33 -30.50
N LEU A 265 23.30 -6.67 -31.71
CA LEU A 265 23.12 -8.01 -32.26
C LEU A 265 23.82 -9.18 -31.56
N GLU A 266 24.98 -8.94 -30.95
CA GLU A 266 25.69 -10.01 -30.26
C GLU A 266 24.94 -10.39 -28.99
N LEU A 267 24.54 -9.38 -28.23
CA LEU A 267 23.79 -9.58 -27.00
C LEU A 267 22.43 -10.21 -27.33
N THR A 268 21.82 -9.75 -28.41
CA THR A 268 20.53 -10.25 -28.87
C THR A 268 20.65 -11.74 -29.22
N ALA A 269 21.66 -12.08 -30.00
CA ALA A 269 21.91 -13.46 -30.42
C ALA A 269 22.09 -14.38 -29.21
N LYS A 270 22.91 -13.96 -28.25
CA LYS A 270 23.17 -14.77 -27.05
C LYS A 270 21.92 -15.02 -26.21
N ASN A 271 21.13 -13.97 -26.00
CA ASN A 271 19.90 -14.08 -25.22
C ASN A 271 18.84 -14.94 -25.89
N ILE A 272 18.76 -14.86 -27.22
CA ILE A 272 17.79 -15.64 -27.99
C ILE A 272 18.14 -17.12 -27.96
N ILE A 273 19.43 -17.44 -28.05
CA ILE A 273 19.90 -18.82 -28.03
C ILE A 273 19.58 -19.46 -26.67
N ALA A 274 19.89 -18.74 -25.60
CA ALA A 274 19.65 -19.22 -24.24
C ALA A 274 18.18 -19.42 -23.97
N GLY A 275 17.37 -18.42 -24.30
CA GLY A 275 15.94 -18.49 -24.08
C GLY A 275 15.19 -19.49 -24.94
N ALA A 276 15.62 -19.66 -26.19
CA ALA A 276 14.97 -20.59 -27.10
C ALA A 276 15.30 -22.08 -26.91
N PHE A 277 16.56 -22.39 -26.59
CA PHE A 277 16.96 -23.79 -26.46
C PHE A 277 17.07 -24.41 -25.06
N GLY A 278 16.87 -23.62 -24.01
CA GLY A 278 16.93 -24.15 -22.66
C GLY A 278 15.97 -25.33 -22.49
N TYR A 279 16.49 -26.42 -21.94
CA TYR A 279 15.71 -27.64 -21.71
C TYR A 279 15.05 -28.13 -23.01
N SER A 280 15.77 -28.01 -24.12
CA SER A 280 15.30 -28.44 -25.44
C SER A 280 14.03 -27.74 -25.93
N GLY A 281 13.77 -26.54 -25.42
CA GLY A 281 12.59 -25.78 -25.83
C GLY A 281 11.32 -26.14 -25.09
N GLN A 282 11.42 -27.01 -24.10
CA GLN A 282 10.26 -27.45 -23.32
C GLN A 282 9.91 -26.51 -22.16
N ARG A 283 9.69 -25.23 -22.47
CA ARG A 283 9.33 -24.20 -21.48
C ARG A 283 8.25 -23.27 -22.03
N CYS A 284 7.33 -22.83 -21.15
CA CYS A 284 6.25 -21.91 -21.55
C CYS A 284 6.81 -20.51 -21.79
N THR A 285 7.73 -20.08 -20.93
CA THR A 285 8.38 -18.78 -21.06
C THR A 285 9.70 -19.02 -21.77
N ALA A 286 9.66 -18.97 -23.10
CA ALA A 286 10.83 -19.18 -23.92
C ALA A 286 10.62 -18.41 -25.21
N VAL A 287 11.71 -17.91 -25.78
CA VAL A 287 11.64 -17.18 -27.03
C VAL A 287 11.22 -18.21 -28.08
N LYS A 288 10.01 -18.08 -28.62
CA LYS A 288 9.55 -19.03 -29.62
C LYS A 288 9.41 -18.52 -31.07
N ARG A 289 9.71 -17.23 -31.28
CA ARG A 289 9.66 -16.62 -32.62
C ARG A 289 10.38 -15.28 -32.64
N VAL A 290 11.20 -15.07 -33.66
CA VAL A 290 11.95 -13.82 -33.81
C VAL A 290 11.36 -12.92 -34.90
N LEU A 291 10.97 -11.71 -34.51
CA LEU A 291 10.41 -10.72 -35.44
C LEU A 291 11.47 -9.63 -35.58
N VAL A 292 12.34 -9.80 -36.57
CA VAL A 292 13.46 -8.90 -36.81
C VAL A 292 13.33 -8.01 -38.05
N MET A 293 13.73 -6.73 -37.91
CA MET A 293 13.68 -5.77 -39.01
C MET A 293 14.63 -6.28 -40.10
N GLU A 294 14.13 -6.31 -41.33
CA GLU A 294 14.89 -6.79 -42.49
C GLU A 294 16.36 -6.34 -42.62
N SER A 295 16.62 -5.06 -42.38
CA SER A 295 17.98 -4.53 -42.54
C SER A 295 19.07 -5.16 -41.65
N VAL A 296 18.68 -5.78 -40.54
CA VAL A 296 19.65 -6.42 -39.65
C VAL A 296 19.45 -7.93 -39.53
N ALA A 297 18.51 -8.47 -40.28
CA ALA A 297 18.18 -9.89 -40.23
C ALA A 297 19.32 -10.85 -40.58
N ASP A 298 19.92 -10.66 -41.75
CA ASP A 298 21.00 -11.53 -42.21
C ASP A 298 22.13 -11.69 -41.19
N GLU A 299 22.57 -10.57 -40.62
CA GLU A 299 23.64 -10.57 -39.63
C GLU A 299 23.26 -11.30 -38.35
N LEU A 300 22.03 -11.11 -37.89
CA LEU A 300 21.58 -11.76 -36.67
C LEU A 300 21.44 -13.26 -36.85
N VAL A 301 20.89 -13.66 -38.00
CA VAL A 301 20.69 -15.08 -38.30
C VAL A 301 22.00 -15.89 -38.33
N GLU A 302 23.08 -15.28 -38.79
CA GLU A 302 24.39 -15.94 -38.86
C GLU A 302 24.98 -16.17 -37.46
N LYS A 303 24.81 -15.19 -36.57
CA LYS A 303 25.30 -15.31 -35.19
C LYS A 303 24.56 -16.46 -34.50
N ILE A 304 23.22 -16.45 -34.64
CA ILE A 304 22.35 -17.48 -34.07
C ILE A 304 22.68 -18.85 -34.66
N ARG A 305 22.95 -18.90 -35.96
CA ARG A 305 23.29 -20.14 -36.64
C ARG A 305 24.51 -20.80 -36.02
N GLU A 306 25.56 -20.02 -35.86
CA GLU A 306 26.81 -20.51 -35.29
C GLU A 306 26.69 -20.95 -33.84
N LYS A 307 25.93 -20.21 -33.05
CA LYS A 307 25.75 -20.55 -31.65
C LYS A 307 24.97 -21.85 -31.46
N VAL A 308 24.06 -22.14 -32.37
CA VAL A 308 23.27 -23.38 -32.32
C VAL A 308 24.21 -24.58 -32.48
N LEU A 309 25.23 -24.42 -33.33
CA LEU A 309 26.20 -25.48 -33.58
C LEU A 309 27.13 -25.77 -32.41
N ALA A 310 27.14 -24.88 -31.42
CA ALA A 310 28.00 -25.07 -30.25
C ALA A 310 27.28 -25.76 -29.10
N LEU A 311 25.97 -25.89 -29.22
CA LEU A 311 25.15 -26.54 -28.19
C LEU A 311 25.52 -28.01 -28.09
N THR A 312 25.52 -28.54 -26.87
CA THR A 312 25.82 -29.94 -26.65
C THR A 312 24.52 -30.73 -26.78
N ILE A 313 24.62 -31.95 -27.28
CA ILE A 313 23.46 -32.81 -27.49
C ILE A 313 23.77 -34.17 -26.88
N GLY A 314 22.86 -34.70 -26.06
CA GLY A 314 23.11 -35.98 -25.45
C GLY A 314 22.28 -36.36 -24.25
N ASN A 315 22.89 -37.10 -23.33
CA ASN A 315 22.21 -37.59 -22.13
C ASN A 315 22.19 -36.66 -20.93
N PRO A 316 21.18 -36.81 -20.06
CA PRO A 316 20.96 -36.03 -18.85
C PRO A 316 22.17 -36.05 -17.93
N GLU A 317 22.76 -37.23 -17.76
CA GLU A 317 23.91 -37.41 -16.89
C GLU A 317 25.14 -36.63 -17.37
N ASP A 318 25.16 -36.27 -18.64
CA ASP A 318 26.29 -35.53 -19.20
C ASP A 318 26.05 -34.02 -19.23
N ASP A 319 24.92 -33.59 -18.69
CA ASP A 319 24.55 -32.18 -18.64
C ASP A 319 24.48 -31.51 -20.02
N ALA A 320 24.01 -32.27 -21.01
CA ALA A 320 23.89 -31.75 -22.37
C ALA A 320 22.85 -30.64 -22.44
N ASP A 321 23.05 -29.71 -23.36
CA ASP A 321 22.11 -28.60 -23.55
C ASP A 321 20.79 -29.16 -24.09
N ILE A 322 20.91 -30.01 -25.11
CA ILE A 322 19.78 -30.63 -25.76
C ILE A 322 19.68 -32.10 -25.33
N THR A 323 18.63 -32.40 -24.57
CA THR A 323 18.38 -33.75 -24.08
C THR A 323 17.17 -34.33 -24.83
N PRO A 324 16.93 -35.65 -24.71
CA PRO A 324 15.79 -36.28 -25.40
C PRO A 324 14.47 -35.67 -24.91
N LEU A 325 13.48 -35.58 -25.79
CA LEU A 325 12.19 -35.03 -25.42
C LEU A 325 11.42 -35.98 -24.50
N ILE A 326 10.48 -35.42 -23.75
CA ILE A 326 9.69 -36.15 -22.75
C ILE A 326 9.08 -37.48 -23.17
N ASP A 327 8.53 -37.55 -24.39
CA ASP A 327 7.97 -38.79 -24.90
C ASP A 327 7.92 -38.82 -26.42
N THR A 328 7.57 -39.98 -26.97
CA THR A 328 7.51 -40.19 -28.42
C THR A 328 6.48 -39.33 -29.13
N LYS A 329 5.31 -39.20 -28.52
CA LYS A 329 4.23 -38.38 -29.05
C LYS A 329 4.69 -36.93 -29.25
N SER A 330 5.49 -36.43 -28.30
CA SER A 330 6.01 -35.06 -28.38
C SER A 330 6.97 -34.88 -29.56
N ALA A 331 7.94 -35.79 -29.68
CA ALA A 331 8.90 -35.74 -30.78
C ALA A 331 8.19 -35.83 -32.12
N ASP A 332 7.17 -36.69 -32.20
CA ASP A 332 6.39 -36.86 -33.42
C ASP A 332 5.73 -35.53 -33.84
N TYR A 333 5.21 -34.80 -32.86
CA TYR A 333 4.56 -33.51 -33.09
C TYR A 333 5.57 -32.47 -33.59
N VAL A 334 6.70 -32.35 -32.90
CA VAL A 334 7.74 -31.40 -33.27
C VAL A 334 8.22 -31.71 -34.69
N GLU A 335 8.33 -32.99 -34.99
CA GLU A 335 8.76 -33.45 -36.32
C GLU A 335 7.78 -32.98 -37.40
N GLY A 336 6.49 -33.05 -37.11
CA GLY A 336 5.50 -32.62 -38.07
C GLY A 336 5.55 -31.14 -38.37
N LEU A 337 5.98 -30.34 -37.39
CA LEU A 337 6.08 -28.89 -37.57
C LEU A 337 7.30 -28.56 -38.44
N ILE A 338 8.35 -29.37 -38.29
CA ILE A 338 9.60 -29.23 -39.05
C ILE A 338 9.37 -29.55 -40.53
N ASN A 339 8.54 -30.55 -40.80
CA ASN A 339 8.21 -30.95 -42.17
C ASN A 339 7.38 -29.87 -42.85
N ASP A 340 6.36 -29.37 -42.15
CA ASP A 340 5.48 -28.35 -42.71
C ASP A 340 6.29 -27.15 -43.18
N ALA A 341 7.14 -26.63 -42.30
CA ALA A 341 7.96 -25.46 -42.62
C ALA A 341 8.92 -25.74 -43.77
N ASN A 342 9.64 -26.86 -43.68
CA ASN A 342 10.61 -27.24 -44.71
C ASN A 342 9.95 -27.51 -46.07
N ASP A 343 8.77 -28.11 -46.07
CA ASP A 343 8.05 -28.38 -47.31
C ASP A 343 7.40 -27.12 -47.89
N LYS A 344 7.08 -26.15 -47.04
CA LYS A 344 6.46 -24.89 -47.47
C LYS A 344 7.46 -23.82 -47.96
N GLY A 345 8.76 -24.10 -47.86
CA GLY A 345 9.74 -23.14 -48.32
C GLY A 345 10.72 -22.52 -47.35
N ALA A 346 10.56 -22.71 -46.05
CA ALA A 346 11.48 -22.12 -45.07
C ALA A 346 12.90 -22.64 -45.29
N THR A 347 13.88 -21.86 -44.83
CA THR A 347 15.29 -22.22 -44.99
C THR A 347 15.91 -22.75 -43.70
N ALA A 348 16.15 -24.06 -43.65
CA ALA A 348 16.75 -24.70 -42.47
C ALA A 348 18.25 -24.43 -42.50
N LEU A 349 18.76 -23.84 -41.43
CA LEU A 349 20.18 -23.51 -41.34
C LEU A 349 21.02 -24.45 -40.48
N THR A 350 20.39 -25.55 -40.06
CA THR A 350 21.05 -26.60 -39.28
C THR A 350 20.36 -27.90 -39.70
N GLU A 351 21.08 -29.02 -39.65
CA GLU A 351 20.52 -30.29 -40.06
C GLU A 351 19.34 -30.83 -39.26
N ILE A 352 18.47 -31.54 -39.98
CA ILE A 352 17.30 -32.15 -39.41
C ILE A 352 17.71 -33.57 -39.05
N LYS A 353 17.68 -33.89 -37.75
CA LYS A 353 18.08 -35.21 -37.28
C LYS A 353 17.33 -35.62 -36.02
N ARG A 354 16.93 -36.89 -35.99
CA ARG A 354 16.23 -37.47 -34.84
C ARG A 354 16.68 -38.93 -34.65
N GLU A 355 17.07 -39.26 -33.43
CA GLU A 355 17.49 -40.61 -33.05
C GLU A 355 16.72 -40.87 -31.78
N GLY A 356 15.76 -41.79 -31.84
CA GLY A 356 14.93 -42.08 -30.69
C GLY A 356 14.03 -40.85 -30.52
N ASN A 357 14.04 -40.24 -29.33
CA ASN A 357 13.24 -39.05 -29.10
C ASN A 357 14.12 -37.83 -28.93
N LEU A 358 15.38 -37.97 -29.37
CA LEU A 358 16.36 -36.88 -29.31
C LEU A 358 16.41 -36.18 -30.66
N ILE A 359 15.91 -34.94 -30.67
CA ILE A 359 15.89 -34.12 -31.86
C ILE A 359 16.98 -33.07 -31.73
N CYS A 360 17.88 -33.01 -32.73
CA CYS A 360 18.96 -32.03 -32.72
C CYS A 360 18.36 -30.64 -32.92
N PRO A 361 18.98 -29.60 -32.32
CA PRO A 361 18.50 -28.22 -32.43
C PRO A 361 18.47 -27.70 -33.86
N ILE A 362 17.40 -26.99 -34.22
CA ILE A 362 17.28 -26.46 -35.57
C ILE A 362 16.77 -25.02 -35.71
N LEU A 363 17.43 -24.27 -36.58
CA LEU A 363 17.11 -22.88 -36.87
C LEU A 363 16.46 -22.75 -38.25
N PHE A 364 15.28 -22.13 -38.30
CA PHE A 364 14.55 -21.94 -39.55
C PHE A 364 14.43 -20.47 -39.93
N ASP A 365 14.99 -20.10 -41.09
CA ASP A 365 14.93 -18.72 -41.58
C ASP A 365 13.82 -18.65 -42.63
N LYS A 366 13.40 -17.42 -42.95
CA LYS A 366 12.36 -17.17 -43.95
C LYS A 366 11.01 -17.80 -43.62
N VAL A 367 10.61 -17.71 -42.35
CA VAL A 367 9.33 -18.26 -41.94
C VAL A 367 8.21 -17.23 -42.21
N THR A 368 7.09 -17.70 -42.74
CA THR A 368 5.96 -16.84 -43.06
C THR A 368 4.77 -17.19 -42.17
N THR A 369 3.86 -16.23 -42.02
CA THR A 369 2.67 -16.40 -41.18
C THR A 369 1.71 -17.47 -41.71
N ASP A 370 2.03 -18.01 -42.88
CA ASP A 370 1.22 -19.05 -43.51
C ASP A 370 1.68 -20.45 -43.10
N MET A 371 2.75 -20.51 -42.30
CA MET A 371 3.30 -21.76 -41.81
C MET A 371 2.89 -22.03 -40.37
N ARG A 372 2.69 -23.31 -40.05
CA ARG A 372 2.29 -23.75 -38.71
C ARG A 372 3.29 -23.34 -37.63
N LEU A 373 4.57 -23.41 -37.98
CA LEU A 373 5.66 -23.07 -37.06
C LEU A 373 5.63 -21.61 -36.62
N ALA A 374 4.94 -20.76 -37.37
CA ALA A 374 4.84 -19.35 -37.04
C ALA A 374 3.87 -19.06 -35.87
N TRP A 375 2.96 -20.00 -35.60
CA TRP A 375 1.96 -19.80 -34.56
C TRP A 375 1.87 -20.87 -33.47
N GLU A 376 2.03 -22.14 -33.84
CA GLU A 376 1.95 -23.26 -32.88
C GLU A 376 3.14 -23.43 -31.93
N GLU A 377 2.83 -23.67 -30.65
CA GLU A 377 3.86 -23.91 -29.61
C GLU A 377 4.35 -25.34 -29.82
N PRO A 378 5.62 -25.51 -30.22
CA PRO A 378 6.22 -26.82 -30.46
C PRO A 378 6.63 -27.63 -29.24
N PHE A 379 7.32 -26.97 -28.30
CA PHE A 379 7.85 -27.62 -27.10
C PHE A 379 8.97 -28.56 -27.54
N GLY A 380 9.85 -28.05 -28.41
CA GLY A 380 10.98 -28.79 -28.95
C GLY A 380 12.06 -27.82 -29.40
N PRO A 381 13.29 -28.31 -29.70
CA PRO A 381 14.40 -27.43 -30.12
C PRO A 381 14.33 -26.91 -31.58
N VAL A 382 13.32 -26.10 -31.86
CA VAL A 382 13.16 -25.53 -33.21
C VAL A 382 12.77 -24.06 -33.12
N LEU A 383 13.56 -23.18 -33.73
CA LEU A 383 13.33 -21.73 -33.71
C LEU A 383 13.12 -21.07 -35.07
N PRO A 384 11.96 -20.40 -35.26
CA PRO A 384 11.60 -19.72 -36.51
C PRO A 384 11.95 -18.22 -36.54
N ILE A 385 12.52 -17.76 -37.66
CA ILE A 385 12.87 -16.36 -37.84
C ILE A 385 11.89 -15.75 -38.85
N ILE A 386 11.18 -14.69 -38.44
CA ILE A 386 10.21 -14.00 -39.30
C ILE A 386 10.67 -12.54 -39.50
N ARG A 387 10.93 -12.17 -40.75
CA ARG A 387 11.38 -10.81 -41.08
C ARG A 387 10.25 -9.80 -41.29
N VAL A 388 10.44 -8.59 -40.76
CA VAL A 388 9.45 -7.51 -40.88
C VAL A 388 10.08 -6.25 -41.48
N THR A 389 9.24 -5.30 -41.88
CA THR A 389 9.74 -4.06 -42.48
C THR A 389 9.41 -2.82 -41.65
N SER A 390 8.69 -3.01 -40.55
CA SER A 390 8.33 -1.91 -39.66
C SER A 390 7.97 -2.43 -38.27
N VAL A 391 8.15 -1.57 -37.28
CA VAL A 391 7.83 -1.92 -35.90
C VAL A 391 6.33 -2.15 -35.78
N GLU A 392 5.55 -1.43 -36.57
CA GLU A 392 4.10 -1.54 -36.56
C GLU A 392 3.69 -2.94 -37.01
N GLU A 393 4.39 -3.47 -38.01
CA GLU A 393 4.10 -4.81 -38.52
C GLU A 393 4.47 -5.85 -37.47
N ALA A 394 5.58 -5.63 -36.77
CA ALA A 394 6.03 -6.56 -35.73
C ALA A 394 4.99 -6.67 -34.62
N ILE A 395 4.41 -5.53 -34.26
CA ILE A 395 3.40 -5.45 -33.22
C ILE A 395 2.10 -6.16 -33.62
N GLU A 396 1.74 -6.05 -34.89
CA GLU A 396 0.52 -6.68 -35.40
C GLU A 396 0.63 -8.20 -35.40
N ILE A 397 1.75 -8.71 -35.92
CA ILE A 397 2.01 -10.16 -35.98
C ILE A 397 2.06 -10.78 -34.58
N SER A 398 2.71 -10.05 -33.67
CA SER A 398 2.85 -10.48 -32.29
C SER A 398 1.49 -10.61 -31.59
N ASN A 399 0.71 -9.54 -31.61
CA ASN A 399 -0.62 -9.53 -30.99
C ASN A 399 -1.62 -10.42 -31.73
N LYS A 400 -1.28 -10.84 -32.94
CA LYS A 400 -2.15 -11.70 -33.74
C LYS A 400 -2.25 -13.11 -33.14
N SER A 401 -1.25 -13.48 -32.33
CA SER A 401 -1.21 -14.77 -31.67
C SER A 401 -2.29 -14.89 -30.61
N GLU A 402 -2.69 -16.12 -30.31
CA GLU A 402 -3.71 -16.39 -29.30
C GLU A 402 -3.09 -16.41 -27.89
N TYR A 403 -1.76 -16.49 -27.86
CA TYR A 403 -0.98 -16.53 -26.62
C TYR A 403 -0.49 -15.14 -26.24
N GLY A 404 -0.20 -14.94 -24.96
CA GLY A 404 0.29 -13.66 -24.49
C GLY A 404 0.98 -13.73 -23.14
N LEU A 405 2.01 -14.55 -23.04
CA LEU A 405 2.73 -14.71 -21.78
C LEU A 405 3.75 -13.57 -21.55
N GLN A 406 4.80 -13.54 -22.37
CA GLN A 406 5.84 -12.52 -22.25
C GLN A 406 6.41 -12.14 -23.62
N ALA A 407 7.26 -11.11 -23.62
CA ALA A 407 7.89 -10.64 -24.85
C ALA A 407 9.22 -9.95 -24.57
N SER A 408 10.11 -9.95 -25.57
CA SER A 408 11.42 -9.30 -25.49
C SER A 408 11.52 -8.22 -26.56
N ILE A 409 12.20 -7.13 -26.25
CA ILE A 409 12.41 -6.06 -27.23
C ILE A 409 13.89 -5.70 -27.17
N PHE A 410 14.58 -5.88 -28.28
CA PHE A 410 16.00 -5.56 -28.35
C PHE A 410 16.17 -4.25 -29.14
N THR A 411 16.58 -3.20 -28.41
CA THR A 411 16.77 -1.86 -28.96
C THR A 411 17.56 -0.99 -27.98
N ASN A 412 18.04 0.16 -28.45
CA ASN A 412 18.78 1.09 -27.60
C ASN A 412 17.93 2.34 -27.27
N ASP A 413 16.71 2.36 -27.79
CA ASP A 413 15.77 3.45 -27.56
C ASP A 413 14.73 2.98 -26.53
N PHE A 414 14.94 3.32 -25.26
CA PHE A 414 14.02 2.92 -24.19
C PHE A 414 12.64 3.59 -24.17
N PRO A 415 12.57 4.92 -24.37
CA PRO A 415 11.26 5.58 -24.36
C PRO A 415 10.35 4.93 -25.42
N ARG A 416 10.95 4.58 -26.55
CA ARG A 416 10.22 3.93 -27.64
C ARG A 416 9.84 2.50 -27.23
N ALA A 417 10.77 1.81 -26.56
CA ALA A 417 10.54 0.45 -26.10
C ALA A 417 9.38 0.39 -25.10
N PHE A 418 9.26 1.44 -24.29
CA PHE A 418 8.17 1.51 -23.32
C PHE A 418 6.85 1.68 -24.05
N GLY A 419 6.87 2.46 -25.13
CA GLY A 419 5.69 2.69 -25.92
C GLY A 419 5.21 1.43 -26.61
N ILE A 420 6.16 0.67 -27.18
CA ILE A 420 5.84 -0.59 -27.85
C ILE A 420 5.26 -1.55 -26.81
N ALA A 421 5.91 -1.62 -25.65
CA ALA A 421 5.51 -2.49 -24.55
C ALA A 421 4.06 -2.29 -24.12
N GLU A 422 3.59 -1.04 -24.17
CA GLU A 422 2.22 -0.73 -23.80
C GLU A 422 1.24 -1.33 -24.83
N GLN A 423 1.71 -1.53 -26.04
CA GLN A 423 0.89 -2.07 -27.13
C GLN A 423 0.86 -3.59 -27.21
N LEU A 424 1.89 -4.24 -26.67
CA LEU A 424 1.98 -5.69 -26.69
C LEU A 424 1.02 -6.35 -25.70
N GLU A 425 0.24 -7.29 -26.21
CA GLU A 425 -0.73 -8.01 -25.39
C GLU A 425 -0.09 -9.18 -24.65
N VAL A 426 0.74 -8.86 -23.66
CA VAL A 426 1.44 -9.84 -22.86
C VAL A 426 1.45 -9.40 -21.40
N GLY A 427 1.89 -10.28 -20.50
CA GLY A 427 1.96 -9.94 -19.10
C GLY A 427 3.26 -9.20 -18.78
N THR A 428 4.38 -9.74 -19.26
CA THR A 428 5.70 -9.15 -18.99
C THR A 428 6.51 -8.88 -20.26
N VAL A 429 7.20 -7.73 -20.25
CA VAL A 429 8.05 -7.35 -21.38
C VAL A 429 9.48 -7.13 -20.88
N HIS A 430 10.43 -7.88 -21.47
CA HIS A 430 11.84 -7.77 -21.11
C HIS A 430 12.58 -6.92 -22.14
N ILE A 431 13.22 -5.86 -21.68
CA ILE A 431 13.98 -4.99 -22.60
C ILE A 431 15.44 -5.42 -22.61
N ASN A 432 15.92 -5.80 -23.80
CA ASN A 432 17.30 -6.25 -24.00
C ASN A 432 17.67 -7.47 -23.16
N ASN A 433 16.74 -8.40 -23.06
CA ASN A 433 16.94 -9.63 -22.32
C ASN A 433 15.89 -10.64 -22.73
N LYS A 434 16.21 -11.92 -22.59
CA LYS A 434 15.29 -13.01 -22.93
C LYS A 434 14.18 -13.10 -21.90
N THR A 435 13.06 -13.71 -22.29
CA THR A 435 11.92 -13.90 -21.41
C THR A 435 12.26 -14.91 -20.30
N GLN A 436 11.55 -14.84 -19.17
CA GLN A 436 11.80 -15.72 -18.04
C GLN A 436 10.89 -15.38 -16.87
N ARG A 437 10.65 -16.34 -15.99
CA ARG A 437 9.84 -16.11 -14.80
C ARG A 437 10.68 -15.26 -13.85
N GLY A 438 11.97 -15.20 -14.18
CA GLY A 438 12.98 -14.45 -13.45
C GLY A 438 12.61 -13.61 -12.25
N THR A 439 13.16 -14.00 -11.11
CA THR A 439 12.94 -13.38 -9.82
C THR A 439 11.50 -13.68 -9.47
N ASP A 440 11.31 -14.67 -8.61
CA ASP A 440 10.00 -15.11 -8.20
C ASP A 440 9.19 -14.12 -7.37
N ASN A 441 9.78 -12.95 -7.09
CA ASN A 441 9.08 -11.91 -6.35
C ASN A 441 8.30 -11.01 -7.33
N PHE A 442 8.76 -11.00 -8.58
CA PHE A 442 8.13 -10.22 -9.66
C PHE A 442 6.82 -10.89 -10.05
N PRO A 443 5.86 -10.11 -10.57
CA PRO A 443 4.58 -10.69 -10.99
C PRO A 443 4.78 -11.57 -12.23
N PHE A 444 3.98 -12.63 -12.33
CA PHE A 444 4.07 -13.55 -13.46
C PHE A 444 2.65 -13.85 -13.90
N LEU A 445 2.32 -13.43 -15.12
CA LEU A 445 0.98 -13.63 -15.66
C LEU A 445 1.02 -13.69 -17.19
N GLY A 446 -0.12 -14.00 -17.79
CA GLY A 446 -0.22 -14.07 -19.24
C GLY A 446 -1.56 -13.55 -19.73
N ALA A 447 -1.57 -13.03 -20.95
CA ALA A 447 -2.79 -12.50 -21.55
C ALA A 447 -3.47 -13.56 -22.42
N LYS A 448 -4.64 -13.22 -22.94
CA LYS A 448 -5.43 -14.10 -23.81
C LYS A 448 -5.46 -15.56 -23.35
N LYS A 449 -5.07 -16.49 -24.22
CA LYS A 449 -5.07 -17.92 -23.89
C LYS A 449 -3.90 -18.42 -23.06
N SER A 450 -2.99 -17.53 -22.65
CA SER A 450 -1.84 -17.94 -21.87
C SER A 450 -2.09 -18.13 -20.37
N GLY A 451 -3.31 -17.82 -19.92
CA GLY A 451 -3.61 -17.99 -18.50
C GLY A 451 -4.70 -17.13 -17.87
N ALA A 452 -4.79 -17.26 -16.55
CA ALA A 452 -5.76 -16.54 -15.72
C ALA A 452 -5.15 -16.37 -14.32
N GLY A 453 -5.15 -15.15 -13.82
CA GLY A 453 -4.59 -14.89 -12.50
C GLY A 453 -3.17 -14.38 -12.54
N ILE A 454 -2.77 -13.66 -11.49
CA ILE A 454 -1.42 -13.11 -11.40
C ILE A 454 -0.60 -13.86 -10.36
N GLN A 455 0.49 -14.47 -10.82
CA GLN A 455 1.39 -15.24 -9.96
C GLN A 455 2.55 -14.38 -9.47
N GLY A 456 3.53 -15.04 -8.85
CA GLY A 456 4.66 -14.35 -8.24
C GLY A 456 4.33 -14.55 -6.78
N VAL A 457 5.32 -14.71 -5.90
CA VAL A 457 5.05 -14.98 -4.48
C VAL A 457 3.92 -14.17 -3.84
N LYS A 458 4.12 -12.87 -3.75
CA LYS A 458 3.15 -11.95 -3.16
C LYS A 458 1.74 -12.04 -3.76
N TYR A 459 1.66 -12.07 -5.09
CA TYR A 459 0.40 -12.13 -5.81
C TYR A 459 -0.31 -13.48 -5.66
N SER A 460 0.47 -14.54 -5.48
CA SER A 460 -0.08 -15.88 -5.29
C SER A 460 -0.77 -15.96 -3.94
N ILE A 461 -0.23 -15.26 -2.96
CA ILE A 461 -0.78 -15.23 -1.61
C ILE A 461 -2.11 -14.46 -1.62
N GLU A 462 -2.14 -13.33 -2.30
CA GLU A 462 -3.35 -12.53 -2.40
C GLU A 462 -4.45 -13.30 -3.14
N ALA A 463 -4.05 -14.03 -4.18
CA ALA A 463 -4.99 -14.81 -4.96
C ALA A 463 -5.65 -15.93 -4.17
N MET A 464 -4.86 -16.63 -3.37
CA MET A 464 -5.38 -17.74 -2.58
C MET A 464 -5.90 -17.37 -1.19
N THR A 465 -6.34 -16.13 -1.05
CA THR A 465 -6.93 -15.61 0.18
C THR A 465 -8.12 -14.74 -0.16
N THR A 466 -9.01 -14.57 0.80
CA THR A 466 -10.16 -13.72 0.63
C THR A 466 -10.10 -12.66 1.73
N VAL A 467 -11.18 -11.90 1.88
CA VAL A 467 -11.23 -10.86 2.89
C VAL A 467 -12.43 -11.03 3.82
N LYS A 468 -12.29 -10.52 5.04
CA LYS A 468 -13.35 -10.56 6.05
C LYS A 468 -13.48 -9.16 6.63
N SER A 469 -14.64 -8.54 6.42
CA SER A 469 -14.87 -7.18 6.87
C SER A 469 -15.82 -7.11 8.07
N VAL A 470 -15.34 -6.49 9.15
CA VAL A 470 -16.12 -6.30 10.37
C VAL A 470 -16.40 -4.80 10.53
N VAL A 471 -17.68 -4.43 10.48
CA VAL A 471 -18.12 -3.03 10.57
C VAL A 471 -18.85 -2.70 11.88
N PHE A 472 -18.47 -1.58 12.49
CA PHE A 472 -19.12 -1.13 13.74
C PHE A 472 -19.03 0.40 13.91
N ASP A 473 -19.89 0.95 14.75
CA ASP A 473 -19.93 2.40 15.01
C ASP A 473 -19.25 2.79 16.30
N ILE A 474 -18.49 3.88 16.25
CA ILE A 474 -17.78 4.40 17.42
C ILE A 474 -18.72 5.30 18.23
N LYS A 475 -18.60 5.22 19.55
CA LYS A 475 -19.42 6.02 20.45
C LYS A 475 -18.60 7.03 21.24
N THR B 2 -47.28 3.83 -28.86
CA THR B 2 -46.80 3.72 -27.45
C THR B 2 -45.52 4.54 -27.27
N LYS B 3 -45.21 4.91 -26.04
CA LYS B 3 -43.98 5.66 -25.75
C LYS B 3 -42.82 4.68 -25.97
N GLN B 4 -42.24 4.71 -27.17
CA GLN B 4 -41.16 3.80 -27.54
C GLN B 4 -39.73 4.26 -27.25
N TYR B 5 -39.05 3.52 -26.37
CA TYR B 5 -37.69 3.82 -25.99
C TYR B 5 -36.66 3.17 -26.93
N LYS B 6 -35.49 3.80 -27.03
CA LYS B 6 -34.43 3.30 -27.91
C LYS B 6 -33.14 3.00 -27.16
N ASN B 7 -32.30 2.17 -27.76
CA ASN B 7 -31.01 1.84 -27.18
C ASN B 7 -29.98 2.86 -27.69
N TYR B 8 -28.97 3.13 -26.87
CA TYR B 8 -27.92 4.04 -27.25
C TYR B 8 -26.77 3.17 -27.77
N VAL B 9 -26.57 3.20 -29.08
CA VAL B 9 -25.53 2.40 -29.72
C VAL B 9 -24.63 3.24 -30.60
N ASN B 10 -23.33 3.23 -30.31
CA ASN B 10 -22.33 3.96 -31.08
C ASN B 10 -22.70 5.42 -31.34
N GLY B 11 -23.16 6.11 -30.29
CA GLY B 11 -23.52 7.51 -30.42
C GLY B 11 -24.84 7.80 -31.08
N GLU B 12 -25.68 6.77 -31.25
CA GLU B 12 -26.98 6.92 -31.89
C GLU B 12 -28.07 6.21 -31.08
N TRP B 13 -29.29 6.72 -31.15
CA TRP B 13 -30.42 6.08 -30.48
C TRP B 13 -31.03 5.19 -31.55
N LYS B 14 -31.23 3.92 -31.22
CA LYS B 14 -31.77 2.96 -32.19
C LYS B 14 -32.93 2.10 -31.72
N LEU B 15 -33.90 1.95 -32.61
CA LEU B 15 -35.06 1.10 -32.37
C LEU B 15 -34.74 -0.23 -33.03
N SER B 16 -35.46 -1.28 -32.67
CA SER B 16 -35.29 -2.60 -33.28
C SER B 16 -36.58 -2.90 -34.02
N GLU B 17 -36.60 -3.96 -34.81
CA GLU B 17 -37.80 -4.31 -35.56
C GLU B 17 -38.90 -4.76 -34.59
N ASN B 18 -38.50 -5.40 -33.50
CA ASN B 18 -39.42 -5.89 -32.48
C ASN B 18 -39.22 -5.14 -31.17
N GLU B 19 -40.24 -5.16 -30.31
CA GLU B 19 -40.17 -4.46 -29.03
C GLU B 19 -40.83 -5.27 -27.91
N ILE B 20 -40.63 -4.80 -26.69
CA ILE B 20 -41.19 -5.43 -25.51
C ILE B 20 -41.91 -4.36 -24.69
N LYS B 21 -43.20 -4.58 -24.41
CA LYS B 21 -43.97 -3.63 -23.61
C LYS B 21 -43.77 -3.86 -22.11
N ILE B 22 -43.59 -2.76 -21.37
CA ILE B 22 -43.38 -2.82 -19.93
C ILE B 22 -44.58 -2.23 -19.20
N TYR B 23 -45.03 -2.91 -18.14
CA TYR B 23 -46.17 -2.46 -17.34
C TYR B 23 -45.76 -2.16 -15.91
N GLU B 24 -46.61 -1.45 -15.18
CA GLU B 24 -46.34 -1.10 -13.79
C GLU B 24 -46.80 -2.22 -12.88
N PRO B 25 -45.88 -2.80 -12.08
CA PRO B 25 -46.15 -3.91 -11.16
C PRO B 25 -47.28 -3.64 -10.15
N ALA B 26 -47.52 -2.37 -9.84
CA ALA B 26 -48.56 -2.01 -8.88
C ALA B 26 -49.95 -1.77 -9.50
N SER B 27 -49.99 -1.19 -10.70
CA SER B 27 -51.27 -0.89 -11.34
C SER B 27 -51.61 -1.66 -12.61
N GLY B 28 -50.60 -2.25 -13.24
CA GLY B 28 -50.82 -3.00 -14.47
C GLY B 28 -50.85 -2.11 -15.71
N ALA B 29 -50.77 -0.79 -15.49
CA ALA B 29 -50.78 0.19 -16.57
C ALA B 29 -49.47 0.13 -17.35
N GLU B 30 -49.58 0.33 -18.66
CA GLU B 30 -48.43 0.31 -19.55
C GLU B 30 -47.55 1.55 -19.35
N LEU B 31 -46.24 1.34 -19.26
CA LEU B 31 -45.26 2.42 -19.07
C LEU B 31 -44.62 2.84 -20.38
N GLY B 32 -44.53 1.91 -21.32
CA GLY B 32 -43.93 2.18 -22.61
C GLY B 32 -43.32 0.90 -23.14
N SER B 33 -42.35 1.00 -24.04
CA SER B 33 -41.71 -0.17 -24.60
C SER B 33 -40.21 0.01 -24.82
N VAL B 34 -39.50 -1.11 -24.88
CA VAL B 34 -38.05 -1.13 -25.11
C VAL B 34 -37.77 -2.10 -26.25
N PRO B 35 -36.67 -1.88 -27.00
CA PRO B 35 -36.30 -2.75 -28.12
C PRO B 35 -36.02 -4.21 -27.73
N ALA B 36 -36.33 -5.13 -28.64
CA ALA B 36 -36.07 -6.55 -28.43
C ALA B 36 -34.96 -6.91 -29.42
N MET B 37 -33.72 -6.61 -29.04
CA MET B 37 -32.56 -6.85 -29.91
C MET B 37 -32.36 -8.24 -30.46
N SER B 38 -31.71 -8.28 -31.63
CA SER B 38 -31.36 -9.51 -32.31
C SER B 38 -29.87 -9.74 -32.06
N THR B 39 -29.39 -10.95 -32.29
CA THR B 39 -27.97 -11.28 -32.07
C THR B 39 -27.05 -10.45 -32.97
N GLU B 40 -27.56 -10.05 -34.14
CA GLU B 40 -26.80 -9.24 -35.08
C GLU B 40 -26.64 -7.84 -34.51
N GLU B 41 -27.69 -7.36 -33.84
CA GLU B 41 -27.66 -6.05 -33.24
C GLU B 41 -26.70 -6.00 -32.07
N VAL B 42 -26.54 -7.14 -31.38
CA VAL B 42 -25.61 -7.26 -30.26
C VAL B 42 -24.19 -7.22 -30.84
N ASP B 43 -24.01 -7.83 -32.01
CA ASP B 43 -22.71 -7.88 -32.68
C ASP B 43 -22.23 -6.47 -33.00
N TYR B 44 -23.18 -5.61 -33.37
CA TYR B 44 -22.85 -4.23 -33.71
C TYR B 44 -22.42 -3.42 -32.50
N VAL B 45 -23.07 -3.66 -31.36
CA VAL B 45 -22.72 -2.95 -30.13
C VAL B 45 -21.28 -3.28 -29.75
N TYR B 46 -20.94 -4.56 -29.75
CA TYR B 46 -19.59 -5.01 -29.40
C TYR B 46 -18.53 -4.53 -30.37
N ALA B 47 -18.84 -4.56 -31.66
CA ALA B 47 -17.88 -4.12 -32.68
C ALA B 47 -17.56 -2.64 -32.49
N SER B 48 -18.61 -1.85 -32.20
CA SER B 48 -18.46 -0.42 -31.97
C SER B 48 -17.61 -0.13 -30.74
N ALA B 49 -17.84 -0.91 -29.67
CA ALA B 49 -17.11 -0.76 -28.41
C ALA B 49 -15.63 -1.11 -28.54
N LYS B 50 -15.34 -2.21 -29.23
CA LYS B 50 -13.96 -2.64 -29.43
C LYS B 50 -13.22 -1.64 -30.29
N LYS B 51 -13.95 -1.01 -31.21
CA LYS B 51 -13.39 -0.01 -32.12
C LYS B 51 -13.00 1.28 -31.39
N ALA B 52 -13.81 1.67 -30.41
CA ALA B 52 -13.58 2.88 -29.63
C ALA B 52 -12.64 2.76 -28.43
N GLN B 53 -12.39 1.54 -27.96
CA GLN B 53 -11.55 1.31 -26.79
C GLN B 53 -10.13 1.93 -26.81
N PRO B 54 -9.34 1.69 -27.88
CA PRO B 54 -7.97 2.23 -27.95
C PRO B 54 -7.88 3.74 -27.71
N ALA B 55 -8.75 4.51 -28.36
CA ALA B 55 -8.76 5.95 -28.22
C ALA B 55 -9.24 6.38 -26.83
N TRP B 56 -10.07 5.56 -26.21
CA TRP B 56 -10.60 5.84 -24.88
C TRP B 56 -9.47 5.61 -23.88
N ARG B 57 -8.75 4.51 -24.05
CA ARG B 57 -7.62 4.18 -23.20
C ARG B 57 -6.50 5.22 -23.33
N ALA B 58 -6.40 5.82 -24.52
CA ALA B 58 -5.38 6.82 -24.81
C ALA B 58 -5.59 8.17 -24.13
N LEU B 59 -6.80 8.44 -23.67
CA LEU B 59 -7.10 9.69 -22.96
C LEU B 59 -6.44 9.62 -21.59
N SER B 60 -6.28 10.78 -20.94
CA SER B 60 -5.69 10.81 -19.62
C SER B 60 -6.77 10.47 -18.59
N TYR B 61 -6.35 10.06 -17.39
CA TYR B 61 -7.29 9.73 -16.34
C TYR B 61 -8.19 10.93 -16.02
N ILE B 62 -7.59 12.12 -15.96
CA ILE B 62 -8.28 13.36 -15.67
C ILE B 62 -9.46 13.67 -16.62
N GLU B 63 -9.29 13.36 -17.90
CA GLU B 63 -10.33 13.58 -18.90
C GLU B 63 -11.49 12.60 -18.73
N ARG B 64 -11.16 11.35 -18.39
CA ARG B 64 -12.17 10.32 -18.19
C ARG B 64 -13.00 10.58 -16.94
N ALA B 65 -12.37 11.16 -15.91
CA ALA B 65 -13.04 11.50 -14.67
C ALA B 65 -14.01 12.68 -14.88
N ALA B 66 -13.60 13.66 -15.70
CA ALA B 66 -14.41 14.83 -15.99
C ALA B 66 -15.73 14.42 -16.66
N TYR B 67 -15.64 13.46 -17.58
CA TYR B 67 -16.82 12.94 -18.28
C TYR B 67 -17.78 12.34 -17.26
N LEU B 68 -17.27 11.46 -16.40
CA LEU B 68 -18.08 10.81 -15.38
C LEU B 68 -18.71 11.80 -14.39
N HIS B 69 -17.99 12.88 -14.10
CA HIS B 69 -18.50 13.90 -13.19
C HIS B 69 -19.69 14.62 -13.81
N LYS B 70 -19.67 14.80 -15.13
CA LYS B 70 -20.76 15.47 -15.84
C LYS B 70 -22.01 14.59 -15.84
N VAL B 71 -21.82 13.28 -15.97
CA VAL B 71 -22.91 12.31 -15.98
C VAL B 71 -23.65 12.39 -14.65
N ALA B 72 -22.87 12.46 -13.56
CA ALA B 72 -23.41 12.55 -12.21
C ALA B 72 -24.19 13.84 -11.97
N ASP B 73 -23.69 14.96 -12.50
CA ASP B 73 -24.37 16.27 -12.37
C ASP B 73 -25.72 16.27 -13.08
N ILE B 74 -25.77 15.64 -14.26
CA ILE B 74 -27.00 15.55 -15.05
C ILE B 74 -28.03 14.71 -14.29
N LEU B 75 -27.59 13.58 -13.74
CA LEU B 75 -28.48 12.70 -12.97
C LEU B 75 -29.08 13.45 -11.79
N MET B 76 -28.25 14.26 -11.11
CA MET B 76 -28.73 15.03 -9.97
C MET B 76 -29.79 16.03 -10.40
N ARG B 77 -29.62 16.58 -11.60
CA ARG B 77 -30.56 17.56 -12.14
C ARG B 77 -31.93 16.92 -12.41
N ASP B 78 -31.91 15.73 -12.99
CA ASP B 78 -33.13 15.03 -13.33
C ASP B 78 -33.57 13.93 -12.36
N LYS B 79 -33.16 14.01 -11.09
CA LYS B 79 -33.53 12.96 -10.14
C LYS B 79 -35.02 12.73 -9.95
N GLU B 80 -35.80 13.81 -9.89
CA GLU B 80 -37.26 13.70 -9.73
C GLU B 80 -37.89 13.09 -10.99
N LYS B 81 -37.38 13.52 -12.13
CA LYS B 81 -37.83 13.06 -13.42
C LYS B 81 -37.57 11.56 -13.56
N ILE B 82 -36.34 11.12 -13.27
CA ILE B 82 -35.95 9.72 -13.38
C ILE B 82 -36.59 8.90 -12.25
N GLY B 83 -36.58 9.47 -11.05
CA GLY B 83 -37.18 8.79 -9.90
C GLY B 83 -38.65 8.46 -10.08
N ALA B 84 -39.38 9.35 -10.74
CA ALA B 84 -40.81 9.16 -11.00
C ALA B 84 -41.10 7.89 -11.77
N ILE B 85 -40.33 7.66 -12.83
CA ILE B 85 -40.50 6.49 -13.67
C ILE B 85 -39.94 5.19 -13.05
N LEU B 86 -38.83 5.30 -12.33
CA LEU B 86 -38.20 4.15 -11.68
C LEU B 86 -39.13 3.62 -10.59
N SER B 87 -39.84 4.53 -9.94
CA SER B 87 -40.79 4.18 -8.90
C SER B 87 -41.92 3.30 -9.43
N LYS B 88 -42.38 3.64 -10.62
CA LYS B 88 -43.48 2.95 -11.29
C LYS B 88 -43.10 1.66 -11.98
N GLU B 89 -41.87 1.61 -12.48
CA GLU B 89 -41.39 0.42 -13.18
C GLU B 89 -41.10 -0.79 -12.29
N VAL B 90 -40.57 -0.57 -11.10
CA VAL B 90 -40.25 -1.67 -10.20
C VAL B 90 -41.04 -1.64 -8.88
N ALA B 91 -42.07 -0.80 -8.83
CA ALA B 91 -42.92 -0.67 -7.65
C ALA B 91 -42.14 -0.34 -6.39
N LYS B 92 -41.25 0.64 -6.50
CA LYS B 92 -40.44 1.10 -5.38
C LYS B 92 -41.02 2.44 -4.94
N GLY B 93 -41.04 2.71 -3.63
CA GLY B 93 -41.56 3.96 -3.14
C GLY B 93 -40.90 5.14 -3.86
N TYR B 94 -41.67 6.20 -4.11
CA TYR B 94 -41.15 7.36 -4.83
C TYR B 94 -39.90 7.98 -4.21
N LYS B 95 -39.95 8.31 -2.92
CA LYS B 95 -38.81 8.90 -2.24
C LYS B 95 -37.57 8.01 -2.31
N SER B 96 -37.80 6.72 -2.15
CA SER B 96 -36.74 5.72 -2.20
C SER B 96 -36.17 5.63 -3.61
N ALA B 97 -37.04 5.77 -4.61
CA ALA B 97 -36.66 5.73 -6.02
C ALA B 97 -35.75 6.92 -6.33
N VAL B 98 -36.05 8.07 -5.76
CA VAL B 98 -35.25 9.27 -5.97
C VAL B 98 -33.90 9.13 -5.24
N SER B 99 -33.91 8.38 -4.14
CA SER B 99 -32.67 8.15 -3.37
C SER B 99 -31.69 7.29 -4.15
N GLU B 100 -32.21 6.30 -4.87
CA GLU B 100 -31.36 5.43 -5.67
C GLU B 100 -30.58 6.21 -6.73
N VAL B 101 -31.25 7.18 -7.36
CA VAL B 101 -30.63 8.01 -8.39
C VAL B 101 -29.52 8.87 -7.78
N VAL B 102 -29.78 9.46 -6.61
CA VAL B 102 -28.80 10.28 -5.93
C VAL B 102 -27.57 9.45 -5.53
N ARG B 103 -27.81 8.22 -5.07
CA ARG B 103 -26.74 7.33 -4.67
C ARG B 103 -25.93 6.88 -5.86
N THR B 104 -26.57 6.81 -7.02
CA THR B 104 -25.91 6.43 -8.26
C THR B 104 -24.93 7.53 -8.64
N ALA B 105 -25.33 8.78 -8.41
CA ALA B 105 -24.48 9.94 -8.70
C ALA B 105 -23.27 9.95 -7.75
N GLU B 106 -23.50 9.62 -6.48
CA GLU B 106 -22.43 9.59 -5.48
C GLU B 106 -21.36 8.55 -5.84
N ILE B 107 -21.79 7.36 -6.26
CA ILE B 107 -20.87 6.29 -6.63
C ILE B 107 -20.08 6.62 -7.90
N ILE B 108 -20.74 7.27 -8.87
CA ILE B 108 -20.11 7.66 -10.12
C ILE B 108 -19.00 8.70 -9.87
N ASN B 109 -19.27 9.67 -9.00
CA ASN B 109 -18.28 10.71 -8.68
C ASN B 109 -17.11 10.12 -7.90
N TYR B 110 -17.40 9.24 -6.95
CA TYR B 110 -16.39 8.61 -6.11
C TYR B 110 -15.46 7.69 -6.90
N ALA B 111 -16.03 6.95 -7.85
CA ALA B 111 -15.25 6.05 -8.70
C ALA B 111 -14.33 6.83 -9.64
N ALA B 112 -14.79 8.02 -10.05
CA ALA B 112 -14.01 8.89 -10.93
C ALA B 112 -12.75 9.37 -10.25
N GLU B 113 -12.88 9.78 -8.98
CA GLU B 113 -11.74 10.26 -8.19
C GLU B 113 -10.87 9.14 -7.62
N GLU B 114 -11.48 7.98 -7.36
CA GLU B 114 -10.74 6.83 -6.83
C GLU B 114 -9.86 6.28 -7.95
N GLY B 115 -10.42 6.22 -9.15
CA GLY B 115 -9.71 5.69 -10.30
C GLY B 115 -8.61 6.54 -10.92
N LEU B 116 -8.65 7.86 -10.71
CA LEU B 116 -7.61 8.70 -11.28
C LEU B 116 -6.33 8.67 -10.43
N ARG B 117 -6.43 8.05 -9.27
CA ARG B 117 -5.30 7.90 -8.35
C ARG B 117 -4.77 6.49 -8.47
N MET B 118 -4.64 6.06 -9.72
CA MET B 118 -4.13 4.74 -10.07
C MET B 118 -2.61 4.78 -10.08
N GLU B 119 -1.97 3.89 -9.32
CA GLU B 119 -0.52 3.85 -9.29
C GLU B 119 0.06 2.44 -9.23
N GLY B 120 1.25 2.30 -9.81
CA GLY B 120 1.91 1.01 -9.84
C GLY B 120 3.01 0.88 -8.82
N GLU B 121 3.89 -0.09 -9.05
CA GLU B 121 4.99 -0.36 -8.13
C GLU B 121 6.27 -0.70 -8.85
N VAL B 122 7.39 -0.50 -8.16
CA VAL B 122 8.71 -0.81 -8.68
C VAL B 122 9.30 -1.87 -7.75
N LEU B 123 9.68 -3.01 -8.32
CA LEU B 123 10.24 -4.12 -7.54
C LEU B 123 11.73 -4.34 -7.78
N GLU B 124 12.43 -4.78 -6.73
CA GLU B 124 13.88 -5.02 -6.78
C GLU B 124 14.27 -6.47 -7.02
N GLY B 125 15.14 -6.69 -8.01
CA GLY B 125 15.61 -8.03 -8.30
C GLY B 125 16.51 -8.56 -7.19
N GLY B 126 17.26 -7.67 -6.55
CA GLY B 126 18.16 -8.05 -5.47
C GLY B 126 17.50 -8.51 -4.18
N SER B 127 16.16 -8.42 -4.11
CA SER B 127 15.41 -8.87 -2.93
C SER B 127 15.39 -10.40 -2.91
N PHE B 128 15.38 -10.99 -4.09
CA PHE B 128 15.31 -12.44 -4.25
C PHE B 128 16.65 -13.10 -4.62
N GLU B 129 17.50 -12.37 -5.33
CA GLU B 129 18.77 -12.93 -5.80
C GLU B 129 19.84 -11.87 -5.99
N ALA B 130 21.01 -12.11 -5.41
CA ALA B 130 22.14 -11.16 -5.49
C ALA B 130 22.55 -10.82 -6.91
N ALA B 131 22.60 -11.84 -7.76
CA ALA B 131 22.97 -11.70 -9.16
C ALA B 131 22.04 -10.80 -9.98
N SER B 132 20.80 -10.62 -9.50
CA SER B 132 19.80 -9.79 -10.19
C SER B 132 19.57 -8.41 -9.58
N LYS B 133 20.51 -7.91 -8.80
CA LYS B 133 20.38 -6.63 -8.14
C LYS B 133 20.21 -5.39 -9.03
N LYS B 134 20.69 -5.46 -10.27
CA LYS B 134 20.57 -4.34 -11.20
C LYS B 134 19.29 -4.40 -12.03
N LYS B 135 18.46 -5.39 -11.74
CA LYS B 135 17.21 -5.62 -12.46
C LYS B 135 16.00 -5.14 -11.66
N ILE B 136 15.16 -4.30 -12.29
CA ILE B 136 13.96 -3.80 -11.63
C ILE B 136 12.74 -4.04 -12.52
N ALA B 137 11.55 -4.01 -11.93
CA ALA B 137 10.30 -4.19 -12.67
C ALA B 137 9.35 -3.02 -12.45
N VAL B 138 9.04 -2.30 -13.52
CA VAL B 138 8.11 -1.16 -13.48
C VAL B 138 6.73 -1.72 -13.83
N VAL B 139 5.87 -1.82 -12.83
CA VAL B 139 4.52 -2.40 -12.96
C VAL B 139 3.36 -1.41 -12.93
N ARG B 140 2.64 -1.29 -14.05
CA ARG B 140 1.52 -0.36 -14.16
C ARG B 140 0.20 -1.08 -14.50
N ARG B 141 -0.90 -0.52 -14.00
CA ARG B 141 -2.23 -1.09 -14.23
C ARG B 141 -2.78 -0.80 -15.64
N GLU B 142 -3.56 -1.73 -16.18
CA GLU B 142 -4.17 -1.59 -17.50
C GLU B 142 -5.59 -2.16 -17.51
N PRO B 143 -6.47 -1.64 -18.40
CA PRO B 143 -7.85 -2.12 -18.51
C PRO B 143 -7.90 -3.52 -19.12
N VAL B 144 -8.97 -4.28 -18.86
CA VAL B 144 -9.10 -5.63 -19.41
C VAL B 144 -9.70 -5.62 -20.82
N GLY B 145 -10.34 -4.51 -21.21
CA GLY B 145 -10.93 -4.40 -22.54
C GLY B 145 -12.39 -3.97 -22.52
N LEU B 146 -13.27 -4.87 -22.94
CA LEU B 146 -14.71 -4.61 -22.97
C LEU B 146 -15.37 -5.31 -21.79
N VAL B 147 -16.16 -4.57 -21.01
CA VAL B 147 -16.86 -5.10 -19.83
C VAL B 147 -18.37 -5.16 -20.08
N LEU B 148 -18.97 -6.31 -19.79
CA LEU B 148 -20.42 -6.46 -19.93
C LEU B 148 -20.96 -6.32 -18.53
N ALA B 149 -21.78 -5.27 -18.33
CA ALA B 149 -22.39 -5.00 -17.03
C ALA B 149 -23.90 -5.30 -17.09
N ILE B 150 -24.36 -6.12 -16.15
CA ILE B 150 -25.78 -6.52 -16.07
C ILE B 150 -26.33 -6.19 -14.68
N SER B 151 -27.32 -5.29 -14.62
CA SER B 151 -27.92 -4.88 -13.36
C SER B 151 -29.20 -5.65 -13.00
N PRO B 152 -29.61 -5.61 -11.71
CA PRO B 152 -30.81 -6.31 -11.21
C PRO B 152 -32.05 -5.42 -11.20
N PHE B 153 -33.22 -6.02 -10.96
CA PHE B 153 -34.48 -5.28 -10.94
C PHE B 153 -34.71 -4.42 -9.70
N ASN B 154 -34.17 -4.83 -8.56
CA ASN B 154 -34.35 -4.09 -7.32
C ASN B 154 -33.54 -2.80 -7.21
N TYR B 155 -32.50 -2.71 -8.04
CA TYR B 155 -31.62 -1.54 -8.12
C TYR B 155 -31.09 -1.48 -9.56
N PRO B 156 -31.97 -1.28 -10.55
CA PRO B 156 -31.61 -1.21 -11.97
C PRO B 156 -30.65 -0.10 -12.37
N VAL B 157 -30.72 1.03 -11.66
CA VAL B 157 -29.85 2.17 -11.93
C VAL B 157 -28.60 2.19 -11.02
N ASN B 158 -28.79 2.06 -9.72
CA ASN B 158 -27.69 2.06 -8.76
C ASN B 158 -26.69 0.91 -8.98
N LEU B 159 -27.20 -0.31 -9.12
CA LEU B 159 -26.33 -1.45 -9.34
C LEU B 159 -25.91 -1.63 -10.79
N ALA B 160 -25.94 -0.52 -11.53
CA ALA B 160 -25.51 -0.46 -12.92
C ALA B 160 -24.31 0.49 -12.85
N GLY B 161 -24.52 1.64 -12.21
CA GLY B 161 -23.48 2.64 -12.06
C GLY B 161 -22.28 2.17 -11.26
N SER B 162 -22.51 1.25 -10.32
CA SER B 162 -21.45 0.70 -9.48
C SER B 162 -20.53 -0.23 -10.27
N LYS B 163 -20.93 -0.54 -11.51
CA LYS B 163 -20.16 -1.40 -12.40
C LYS B 163 -19.57 -0.54 -13.52
N ILE B 164 -20.40 0.34 -14.08
CA ILE B 164 -20.05 1.23 -15.20
C ILE B 164 -18.95 2.26 -14.90
N ALA B 165 -19.13 3.05 -13.86
CA ALA B 165 -18.14 4.07 -13.49
C ALA B 165 -16.75 3.46 -13.21
N PRO B 166 -16.67 2.41 -12.35
CA PRO B 166 -15.38 1.78 -12.02
C PRO B 166 -14.68 1.19 -13.25
N ALA B 167 -15.49 0.73 -14.21
CA ALA B 167 -14.96 0.16 -15.45
C ALA B 167 -14.42 1.24 -16.41
N LEU B 168 -15.20 2.31 -16.58
CA LEU B 168 -14.87 3.41 -17.48
C LEU B 168 -13.66 4.25 -17.10
N ILE B 169 -13.50 4.55 -15.82
CA ILE B 169 -12.37 5.37 -15.36
C ILE B 169 -11.01 4.72 -15.63
N ALA B 170 -10.97 3.38 -15.60
CA ALA B 170 -9.74 2.60 -15.82
C ALA B 170 -9.36 2.48 -17.30
N GLY B 171 -10.30 2.75 -18.19
CA GLY B 171 -10.01 2.67 -19.60
C GLY B 171 -10.74 1.57 -20.37
N ASN B 172 -11.67 0.87 -19.71
CA ASN B 172 -12.44 -0.18 -20.36
C ASN B 172 -13.65 0.47 -21.05
N VAL B 173 -14.27 -0.25 -21.98
CA VAL B 173 -15.47 0.25 -22.64
C VAL B 173 -16.65 -0.53 -22.07
N ILE B 174 -17.85 -0.01 -22.23
CA ILE B 174 -19.03 -0.61 -21.65
C ILE B 174 -20.19 -0.99 -22.57
N ALA B 175 -20.81 -2.12 -22.24
CA ALA B 175 -22.00 -2.66 -22.89
C ALA B 175 -22.88 -2.94 -21.68
N PHE B 176 -23.95 -2.15 -21.53
CA PHE B 176 -24.87 -2.24 -20.40
C PHE B 176 -26.20 -2.94 -20.71
N LYS B 177 -26.47 -4.01 -19.97
CA LYS B 177 -27.69 -4.78 -20.11
C LYS B 177 -28.51 -4.72 -18.81
N PRO B 178 -29.56 -3.88 -18.77
CA PRO B 178 -30.38 -3.77 -17.56
C PRO B 178 -31.42 -4.88 -17.56
N PRO B 179 -32.13 -5.08 -16.44
CA PRO B 179 -33.14 -6.14 -16.43
C PRO B 179 -34.30 -5.68 -17.31
N THR B 180 -35.02 -6.60 -17.95
CA THR B 180 -36.14 -6.21 -18.81
C THR B 180 -37.15 -5.38 -18.02
N GLN B 181 -37.48 -5.83 -16.82
CA GLN B 181 -38.37 -5.09 -15.94
C GLN B 181 -37.42 -4.11 -15.24
N GLY B 182 -37.25 -2.95 -15.85
CA GLY B 182 -36.32 -1.95 -15.31
C GLY B 182 -35.45 -1.43 -16.43
N SER B 183 -35.73 -1.86 -17.66
CA SER B 183 -34.98 -1.44 -18.85
C SER B 183 -35.25 0.01 -19.22
N ILE B 184 -36.45 0.51 -18.90
CA ILE B 184 -36.80 1.90 -19.20
C ILE B 184 -35.94 2.84 -18.36
N SER B 185 -35.78 2.49 -17.08
CA SER B 185 -34.97 3.28 -16.14
C SER B 185 -33.51 3.17 -16.55
N GLY B 186 -33.12 2.00 -17.05
CA GLY B 186 -31.76 1.79 -17.51
C GLY B 186 -31.46 2.68 -18.72
N LEU B 187 -32.48 2.86 -19.57
CA LEU B 187 -32.35 3.71 -20.75
C LEU B 187 -32.39 5.19 -20.37
N LEU B 188 -32.99 5.49 -19.22
CA LEU B 188 -33.04 6.87 -18.72
C LEU B 188 -31.64 7.23 -18.20
N LEU B 189 -30.93 6.23 -17.67
CA LEU B 189 -29.58 6.41 -17.16
C LEU B 189 -28.65 6.66 -18.35
N ALA B 190 -28.93 5.95 -19.45
CA ALA B 190 -28.14 6.07 -20.67
C ALA B 190 -28.18 7.49 -21.28
N GLU B 191 -29.31 8.19 -21.09
CA GLU B 191 -29.47 9.56 -21.60
C GLU B 191 -28.45 10.52 -21.01
N ALA B 192 -28.13 10.33 -19.73
CA ALA B 192 -27.15 11.16 -19.04
C ALA B 192 -25.77 10.96 -19.66
N PHE B 193 -25.44 9.72 -20.00
CA PHE B 193 -24.17 9.39 -20.63
C PHE B 193 -24.12 10.01 -22.03
N ALA B 194 -25.27 10.00 -22.71
CA ALA B 194 -25.36 10.58 -24.06
C ALA B 194 -25.20 12.09 -24.01
N GLU B 195 -25.86 12.73 -23.04
CA GLU B 195 -25.79 14.19 -22.90
C GLU B 195 -24.40 14.67 -22.45
N ALA B 196 -23.70 13.85 -21.68
CA ALA B 196 -22.36 14.19 -21.19
C ALA B 196 -21.35 14.23 -22.34
N GLY B 197 -21.71 13.64 -23.47
CA GLY B 197 -20.85 13.66 -24.64
C GLY B 197 -19.66 12.69 -24.73
N LEU B 198 -19.73 11.53 -24.10
CA LEU B 198 -18.63 10.57 -24.18
C LEU B 198 -18.53 10.11 -25.63
N PRO B 199 -17.30 9.85 -26.13
CA PRO B 199 -17.07 9.41 -27.50
C PRO B 199 -17.98 8.26 -27.90
N ALA B 200 -18.28 8.18 -29.20
CA ALA B 200 -19.15 7.14 -29.74
C ALA B 200 -18.55 5.76 -29.56
N GLY B 201 -19.35 4.85 -29.01
CA GLY B 201 -18.89 3.48 -28.81
C GLY B 201 -18.35 3.14 -27.44
N VAL B 202 -17.97 4.10 -26.61
CA VAL B 202 -17.43 3.77 -25.28
C VAL B 202 -18.50 3.29 -24.30
N PHE B 203 -19.72 3.78 -24.46
CA PHE B 203 -20.85 3.37 -23.61
C PHE B 203 -22.02 3.03 -24.52
N ASN B 204 -22.56 1.83 -24.36
CA ASN B 204 -23.67 1.35 -25.17
C ASN B 204 -24.61 0.54 -24.31
N THR B 205 -25.88 0.44 -24.74
CA THR B 205 -26.88 -0.33 -24.01
C THR B 205 -27.40 -1.49 -24.86
N ILE B 206 -27.96 -2.50 -24.18
CA ILE B 206 -28.52 -3.69 -24.82
C ILE B 206 -29.81 -4.07 -24.10
N THR B 207 -30.85 -4.37 -24.87
CA THR B 207 -32.14 -4.81 -24.30
C THR B 207 -32.70 -5.90 -25.20
N GLY B 208 -33.41 -6.85 -24.61
CA GLY B 208 -33.99 -7.93 -25.39
C GLY B 208 -34.50 -9.08 -24.54
N ARG B 209 -34.86 -10.17 -25.20
CA ARG B 209 -35.37 -11.35 -24.51
C ARG B 209 -34.29 -12.38 -24.18
N GLY B 210 -34.37 -12.94 -22.98
CA GLY B 210 -33.41 -13.91 -22.51
C GLY B 210 -33.17 -15.11 -23.39
N SER B 211 -34.23 -15.66 -23.98
CA SER B 211 -34.11 -16.82 -24.85
C SER B 211 -33.49 -16.49 -26.19
N GLU B 212 -33.34 -15.21 -26.50
CA GLU B 212 -32.76 -14.81 -27.77
C GLU B 212 -31.32 -14.31 -27.65
N ILE B 213 -31.02 -13.53 -26.61
CA ILE B 213 -29.65 -13.00 -26.44
C ILE B 213 -29.00 -13.30 -25.09
N GLY B 214 -29.70 -14.04 -24.23
CA GLY B 214 -29.16 -14.37 -22.92
C GLY B 214 -27.76 -14.95 -22.85
N ASP B 215 -27.57 -16.14 -23.43
CA ASP B 215 -26.27 -16.80 -23.44
C ASP B 215 -25.35 -16.10 -24.42
N TYR B 216 -25.93 -15.61 -25.51
CA TYR B 216 -25.18 -14.93 -26.57
C TYR B 216 -24.31 -13.76 -26.09
N ILE B 217 -24.88 -12.87 -25.29
CA ILE B 217 -24.13 -11.71 -24.80
C ILE B 217 -22.96 -12.08 -23.89
N VAL B 218 -23.07 -13.20 -23.20
CA VAL B 218 -22.03 -13.67 -22.28
C VAL B 218 -20.93 -14.49 -22.97
N GLU B 219 -21.34 -15.37 -23.88
CA GLU B 219 -20.42 -16.24 -24.60
C GLU B 219 -19.57 -15.55 -25.65
N HIS B 220 -20.02 -14.37 -26.10
CA HIS B 220 -19.33 -13.60 -27.12
C HIS B 220 -17.85 -13.33 -26.80
N GLN B 221 -16.99 -13.63 -27.78
CA GLN B 221 -15.54 -13.49 -27.65
C GLN B 221 -15.06 -12.06 -27.41
N ALA B 222 -15.87 -11.08 -27.82
CA ALA B 222 -15.53 -9.68 -27.67
C ALA B 222 -15.52 -9.26 -26.20
N VAL B 223 -16.31 -9.96 -25.37
CA VAL B 223 -16.39 -9.66 -23.94
C VAL B 223 -15.18 -10.18 -23.15
N ASN B 224 -14.54 -9.27 -22.41
CA ASN B 224 -13.37 -9.58 -21.60
C ASN B 224 -13.64 -9.76 -20.10
N PHE B 225 -14.79 -9.26 -19.64
CA PHE B 225 -15.15 -9.35 -18.22
C PHE B 225 -16.68 -9.29 -18.12
N ILE B 226 -17.24 -10.09 -17.21
CA ILE B 226 -18.70 -10.09 -17.00
C ILE B 226 -19.00 -9.74 -15.54
N ASN B 227 -19.63 -8.58 -15.34
CA ASN B 227 -20.00 -8.09 -14.01
C ASN B 227 -21.52 -8.22 -13.89
N PHE B 228 -21.98 -9.07 -12.97
CA PHE B 228 -23.41 -9.34 -12.83
C PHE B 228 -23.98 -9.42 -11.42
N THR B 229 -25.24 -9.00 -11.29
CA THR B 229 -25.98 -9.05 -10.04
C THR B 229 -27.34 -9.65 -10.36
N GLY B 230 -27.67 -10.76 -9.72
CA GLY B 230 -28.94 -11.42 -9.98
C GLY B 230 -29.06 -12.73 -9.21
N SER B 231 -29.77 -13.70 -9.78
CA SER B 231 -29.98 -15.00 -9.12
C SER B 231 -28.79 -15.95 -9.14
N THR B 232 -28.71 -16.82 -8.13
CA THR B 232 -27.63 -17.79 -7.99
C THR B 232 -27.54 -18.77 -9.16
N GLY B 233 -28.69 -19.24 -9.63
CA GLY B 233 -28.74 -20.16 -10.76
C GLY B 233 -28.10 -19.57 -12.00
N ILE B 234 -28.51 -18.35 -12.35
CA ILE B 234 -27.97 -17.67 -13.52
C ILE B 234 -26.50 -17.36 -13.31
N GLY B 235 -26.14 -16.99 -12.07
CA GLY B 235 -24.75 -16.67 -11.75
C GLY B 235 -23.81 -17.86 -11.95
N GLU B 236 -24.25 -19.05 -11.52
CA GLU B 236 -23.46 -20.26 -11.68
C GLU B 236 -23.19 -20.51 -13.16
N ARG B 237 -24.26 -20.35 -13.94
CA ARG B 237 -24.26 -20.55 -15.39
C ARG B 237 -23.31 -19.58 -16.08
N ILE B 238 -23.33 -18.31 -15.64
CA ILE B 238 -22.46 -17.28 -16.20
C ILE B 238 -21.00 -17.60 -15.92
N GLY B 239 -20.73 -18.12 -14.72
CA GLY B 239 -19.37 -18.49 -14.35
C GLY B 239 -18.81 -19.55 -15.28
N LYS B 240 -19.64 -20.53 -15.61
CA LYS B 240 -19.26 -21.62 -16.49
C LYS B 240 -19.09 -21.09 -17.93
N MET B 241 -20.02 -20.25 -18.37
CA MET B 241 -19.96 -19.67 -19.72
C MET B 241 -18.79 -18.72 -19.89
N ALA B 242 -18.28 -18.18 -18.77
CA ALA B 242 -17.15 -17.27 -18.83
C ALA B 242 -15.86 -17.99 -19.23
N GLY B 243 -15.79 -19.28 -18.93
CA GLY B 243 -14.59 -20.05 -19.27
C GLY B 243 -13.49 -19.75 -18.28
N MET B 244 -12.43 -19.10 -18.76
CA MET B 244 -11.32 -18.71 -17.91
C MET B 244 -11.19 -17.19 -17.87
N ARG B 245 -12.23 -16.51 -18.36
CA ARG B 245 -12.28 -15.03 -18.36
C ARG B 245 -12.71 -14.56 -16.96
N PRO B 246 -12.22 -13.39 -16.53
CA PRO B 246 -12.56 -12.83 -15.21
C PRO B 246 -14.04 -12.42 -15.05
N ILE B 247 -14.57 -12.59 -13.84
CA ILE B 247 -15.96 -12.27 -13.55
C ILE B 247 -16.15 -11.61 -12.17
N MET B 248 -17.35 -11.08 -11.98
CA MET B 248 -17.76 -10.46 -10.72
C MET B 248 -19.24 -10.83 -10.59
N LEU B 249 -19.60 -11.49 -9.51
CA LEU B 249 -20.97 -11.91 -9.30
C LEU B 249 -21.46 -11.63 -7.89
N GLU B 250 -22.68 -11.12 -7.80
CA GLU B 250 -23.32 -10.87 -6.51
C GLU B 250 -24.61 -11.64 -6.66
N LEU B 251 -24.72 -12.75 -5.93
CA LEU B 251 -25.90 -13.61 -6.03
C LEU B 251 -26.78 -13.57 -4.76
N GLY B 252 -27.47 -14.65 -4.48
CA GLY B 252 -28.35 -14.69 -3.32
C GLY B 252 -27.78 -14.50 -1.92
N GLY B 253 -28.68 -14.44 -0.95
CA GLY B 253 -28.28 -14.27 0.43
C GLY B 253 -29.34 -14.78 1.39
N LYS B 254 -28.93 -15.15 2.59
CA LYS B 254 -29.83 -15.62 3.64
C LYS B 254 -29.17 -15.16 4.93
N ASP B 255 -28.85 -13.86 4.98
CA ASP B 255 -28.20 -13.23 6.11
C ASP B 255 -28.88 -13.54 7.43
N SER B 256 -28.08 -13.93 8.41
CA SER B 256 -28.60 -14.24 9.73
C SER B 256 -28.25 -13.16 10.75
N ALA B 257 -29.12 -12.98 11.73
CA ALA B 257 -28.89 -12.01 12.80
C ALA B 257 -28.75 -12.83 14.07
N ILE B 258 -27.52 -12.97 14.56
CA ILE B 258 -27.23 -13.73 15.78
C ILE B 258 -27.44 -12.82 16.99
N VAL B 259 -28.35 -13.22 17.87
CA VAL B 259 -28.68 -12.43 19.08
C VAL B 259 -28.30 -13.14 20.38
N LEU B 260 -27.29 -12.61 21.08
CA LEU B 260 -26.84 -13.19 22.34
C LEU B 260 -27.65 -12.69 23.53
N GLU B 261 -27.49 -13.37 24.67
CA GLU B 261 -28.21 -13.02 25.89
C GLU B 261 -27.97 -11.62 26.48
N ASP B 262 -26.82 -11.02 26.17
CA ASP B 262 -26.50 -9.69 26.70
C ASP B 262 -26.79 -8.56 25.69
N ALA B 263 -27.52 -8.88 24.63
CA ALA B 263 -27.84 -7.89 23.61
C ALA B 263 -28.84 -6.84 24.07
N ASP B 264 -28.82 -5.68 23.40
CA ASP B 264 -29.76 -4.59 23.66
C ASP B 264 -30.93 -4.95 22.75
N LEU B 265 -31.98 -5.50 23.33
CA LEU B 265 -33.15 -5.93 22.58
C LEU B 265 -33.97 -4.90 21.82
N GLU B 266 -33.99 -3.64 22.30
CA GLU B 266 -34.73 -2.61 21.59
C GLU B 266 -34.03 -2.21 20.31
N LEU B 267 -32.72 -2.02 20.42
CA LEU B 267 -31.88 -1.66 19.28
C LEU B 267 -31.90 -2.84 18.29
N THR B 268 -31.83 -4.06 18.83
CA THR B 268 -31.83 -5.29 18.01
C THR B 268 -33.13 -5.37 17.21
N ALA B 269 -34.25 -5.17 17.89
CA ALA B 269 -35.58 -5.23 17.27
C ALA B 269 -35.72 -4.21 16.14
N LYS B 270 -35.28 -2.98 16.39
CA LYS B 270 -35.36 -1.91 15.39
C LYS B 270 -34.52 -2.20 14.15
N ASN B 271 -33.29 -2.65 14.35
CA ASN B 271 -32.39 -2.96 13.23
C ASN B 271 -32.87 -4.16 12.40
N ILE B 272 -33.47 -5.14 13.06
CA ILE B 272 -33.98 -6.35 12.38
C ILE B 272 -35.20 -6.01 11.52
N ILE B 273 -36.07 -5.15 12.05
CA ILE B 273 -37.27 -4.73 11.32
C ILE B 273 -36.88 -3.97 10.05
N ALA B 274 -35.96 -3.03 10.19
CA ALA B 274 -35.49 -2.22 9.08
C ALA B 274 -34.82 -3.08 8.01
N GLY B 275 -33.90 -3.92 8.44
CA GLY B 275 -33.17 -4.78 7.52
C GLY B 275 -33.99 -5.85 6.83
N ALA B 276 -34.94 -6.42 7.56
CA ALA B 276 -35.78 -7.47 7.02
C ALA B 276 -36.90 -7.03 6.08
N PHE B 277 -37.54 -5.90 6.38
CA PHE B 277 -38.67 -5.46 5.56
C PHE B 277 -38.46 -4.36 4.51
N GLY B 278 -37.24 -3.83 4.42
CA GLY B 278 -36.96 -2.82 3.42
C GLY B 278 -37.28 -3.32 2.03
N TYR B 279 -38.01 -2.50 1.26
CA TYR B 279 -38.41 -2.85 -0.11
C TYR B 279 -39.14 -4.20 -0.17
N SER B 280 -39.95 -4.48 0.86
CA SER B 280 -40.72 -5.71 0.97
C SER B 280 -39.88 -6.99 1.01
N GLY B 281 -38.63 -6.89 1.45
CA GLY B 281 -37.74 -8.04 1.54
C GLY B 281 -37.03 -8.41 0.25
N GLN B 282 -37.19 -7.59 -0.77
CA GLN B 282 -36.57 -7.82 -2.08
C GLN B 282 -35.12 -7.29 -2.17
N ARG B 283 -34.28 -7.75 -1.24
CA ARG B 283 -32.87 -7.36 -1.19
C ARG B 283 -31.95 -8.55 -0.88
N CYS B 284 -30.78 -8.61 -1.49
CA CYS B 284 -29.83 -9.70 -1.23
C CYS B 284 -29.21 -9.53 0.15
N THR B 285 -28.88 -8.29 0.51
CA THR B 285 -28.30 -7.99 1.81
C THR B 285 -29.46 -7.54 2.70
N ALA B 286 -30.07 -8.49 3.38
CA ALA B 286 -31.19 -8.23 4.25
C ALA B 286 -31.21 -9.33 5.29
N VAL B 287 -31.62 -8.99 6.51
CA VAL B 287 -31.73 -9.97 7.59
C VAL B 287 -32.83 -10.94 7.16
N LYS B 288 -32.45 -12.19 6.87
CA LYS B 288 -33.43 -13.18 6.45
C LYS B 288 -33.75 -14.31 7.44
N ARG B 289 -33.08 -14.32 8.59
CA ARG B 289 -33.30 -15.32 9.64
C ARG B 289 -32.68 -14.88 10.97
N VAL B 290 -33.42 -15.05 12.05
CA VAL B 290 -32.94 -14.66 13.38
C VAL B 290 -32.58 -15.89 14.21
N LEU B 291 -31.33 -15.94 14.67
CA LEU B 291 -30.85 -17.05 15.50
C LEU B 291 -30.62 -16.45 16.89
N VAL B 292 -31.67 -16.52 17.72
CA VAL B 292 -31.67 -15.95 19.06
C VAL B 292 -31.60 -16.96 20.21
N MET B 293 -30.81 -16.63 21.24
CA MET B 293 -30.67 -17.48 22.42
C MET B 293 -32.02 -17.54 23.10
N GLU B 294 -32.43 -18.76 23.42
CA GLU B 294 -33.72 -19.02 24.05
C GLU B 294 -34.15 -18.10 25.20
N SER B 295 -33.24 -17.81 26.11
CA SER B 295 -33.57 -16.97 27.28
C SER B 295 -34.07 -15.55 26.99
N VAL B 296 -33.76 -15.02 25.82
CA VAL B 296 -34.22 -13.67 25.47
C VAL B 296 -35.15 -13.66 24.25
N ALA B 297 -35.47 -14.83 23.73
CA ALA B 297 -36.32 -14.96 22.55
C ALA B 297 -37.73 -14.37 22.65
N ASP B 298 -38.47 -14.77 23.68
CA ASP B 298 -39.84 -14.28 23.88
C ASP B 298 -39.94 -12.76 23.87
N GLU B 299 -39.05 -12.10 24.61
CA GLU B 299 -39.05 -10.64 24.69
C GLU B 299 -38.73 -9.97 23.35
N LEU B 300 -37.79 -10.53 22.60
CA LEU B 300 -37.41 -9.97 21.31
C LEU B 300 -38.53 -10.12 20.29
N VAL B 301 -39.16 -11.29 20.28
CA VAL B 301 -40.24 -11.58 19.34
C VAL B 301 -41.43 -10.63 19.48
N GLU B 302 -41.74 -10.23 20.71
CA GLU B 302 -42.86 -9.31 20.96
C GLU B 302 -42.58 -7.90 20.44
N LYS B 303 -41.34 -7.44 20.60
CA LYS B 303 -40.93 -6.13 20.11
C LYS B 303 -41.06 -6.11 18.59
N ILE B 304 -40.52 -7.15 17.96
CA ILE B 304 -40.56 -7.31 16.51
C ILE B 304 -42.01 -7.41 16.01
N ARG B 305 -42.83 -8.16 16.75
CA ARG B 305 -44.23 -8.33 16.40
C ARG B 305 -44.95 -6.99 16.30
N GLU B 306 -44.79 -6.17 17.33
CA GLU B 306 -45.42 -4.86 17.38
C GLU B 306 -44.95 -3.91 16.31
N LYS B 307 -43.65 -3.92 16.03
CA LYS B 307 -43.08 -3.04 15.01
C LYS B 307 -43.55 -3.39 13.59
N VAL B 308 -43.83 -4.67 13.36
CA VAL B 308 -44.32 -5.14 12.07
C VAL B 308 -45.72 -4.52 11.82
N LEU B 309 -46.50 -4.41 12.88
CA LEU B 309 -47.85 -3.86 12.78
C LEU B 309 -47.88 -2.35 12.49
N ALA B 310 -46.75 -1.68 12.65
CA ALA B 310 -46.67 -0.25 12.40
C ALA B 310 -46.25 0.07 10.97
N LEU B 311 -45.79 -0.93 10.24
CA LEU B 311 -45.34 -0.75 8.86
C LEU B 311 -46.51 -0.33 7.98
N THR B 312 -46.27 0.54 7.02
CA THR B 312 -47.31 0.97 6.11
C THR B 312 -47.34 -0.01 4.94
N ILE B 313 -48.53 -0.23 4.38
CA ILE B 313 -48.73 -1.15 3.27
C ILE B 313 -49.53 -0.44 2.20
N GLY B 314 -49.08 -0.52 0.94
CA GLY B 314 -49.81 0.17 -0.12
C GLY B 314 -49.05 0.45 -1.41
N ASN B 315 -49.39 1.56 -2.04
CA ASN B 315 -48.81 1.96 -3.33
C ASN B 315 -47.50 2.74 -3.28
N PRO B 316 -46.69 2.63 -4.34
CA PRO B 316 -45.39 3.30 -4.50
C PRO B 316 -45.49 4.82 -4.33
N GLU B 317 -46.55 5.40 -4.90
CA GLU B 317 -46.74 6.85 -4.84
C GLU B 317 -46.99 7.35 -3.43
N ASP B 318 -47.44 6.46 -2.55
CA ASP B 318 -47.70 6.82 -1.16
C ASP B 318 -46.51 6.55 -0.24
N ASP B 319 -45.40 6.10 -0.80
CA ASP B 319 -44.19 5.81 -0.04
C ASP B 319 -44.41 4.77 1.06
N ALA B 320 -45.23 3.77 0.77
CA ALA B 320 -45.51 2.70 1.72
C ALA B 320 -44.26 1.86 1.98
N ASP B 321 -44.16 1.28 3.18
CA ASP B 321 -43.03 0.44 3.55
C ASP B 321 -43.10 -0.85 2.73
N ILE B 322 -44.30 -1.43 2.72
CA ILE B 322 -44.56 -2.67 1.99
C ILE B 322 -45.35 -2.36 0.70
N THR B 323 -44.69 -2.55 -0.44
CA THR B 323 -45.29 -2.32 -1.75
C THR B 323 -45.54 -3.68 -2.41
N PRO B 324 -46.30 -3.71 -3.53
CA PRO B 324 -46.59 -4.98 -4.22
C PRO B 324 -45.29 -5.58 -4.74
N LEU B 325 -45.22 -6.91 -4.79
CA LEU B 325 -44.03 -7.59 -5.28
C LEU B 325 -43.87 -7.44 -6.79
N ILE B 326 -42.64 -7.60 -7.27
CA ILE B 326 -42.27 -7.44 -8.67
C ILE B 326 -43.18 -8.09 -9.73
N ASP B 327 -43.62 -9.32 -9.47
CA ASP B 327 -44.52 -10.02 -10.38
C ASP B 327 -45.29 -11.11 -9.68
N THR B 328 -46.23 -11.70 -10.39
CA THR B 328 -47.11 -12.76 -9.86
C THR B 328 -46.36 -14.02 -9.45
N LYS B 329 -45.41 -14.43 -10.28
CA LYS B 329 -44.60 -15.61 -10.05
C LYS B 329 -43.86 -15.50 -8.70
N SER B 330 -43.38 -14.30 -8.38
CA SER B 330 -42.69 -14.05 -7.13
C SER B 330 -43.61 -14.20 -5.93
N ALA B 331 -44.78 -13.56 -5.98
CA ALA B 331 -45.76 -13.65 -4.90
C ALA B 331 -46.18 -15.11 -4.68
N ASP B 332 -46.36 -15.84 -5.78
CA ASP B 332 -46.76 -17.25 -5.73
C ASP B 332 -45.72 -18.06 -4.95
N TYR B 333 -44.43 -17.79 -5.21
CA TYR B 333 -43.33 -18.47 -4.55
C TYR B 333 -43.30 -18.17 -3.04
N VAL B 334 -43.40 -16.88 -2.68
CA VAL B 334 -43.38 -16.47 -1.29
C VAL B 334 -44.55 -17.12 -0.58
N GLU B 335 -45.68 -17.21 -1.27
CA GLU B 335 -46.89 -17.81 -0.72
C GLU B 335 -46.65 -19.27 -0.38
N GLY B 336 -45.95 -19.99 -1.27
CA GLY B 336 -45.64 -21.39 -1.05
C GLY B 336 -44.74 -21.65 0.15
N LEU B 337 -43.90 -20.68 0.49
CA LEU B 337 -43.01 -20.81 1.65
C LEU B 337 -43.82 -20.56 2.93
N ILE B 338 -44.79 -19.67 2.86
CA ILE B 338 -45.67 -19.33 3.98
C ILE B 338 -46.52 -20.53 4.37
N ASN B 339 -46.98 -21.26 3.35
CA ASN B 339 -47.82 -22.44 3.57
C ASN B 339 -47.04 -23.57 4.21
N ASP B 340 -45.84 -23.82 3.69
CA ASP B 340 -44.98 -24.88 4.21
C ASP B 340 -44.71 -24.69 5.71
N ALA B 341 -44.27 -23.49 6.09
CA ALA B 341 -44.00 -23.20 7.48
C ALA B 341 -45.25 -23.32 8.36
N ASN B 342 -46.35 -22.70 7.91
CA ASN B 342 -47.60 -22.70 8.68
C ASN B 342 -48.16 -24.09 8.82
N ASP B 343 -48.02 -24.90 7.77
CA ASP B 343 -48.54 -26.26 7.80
C ASP B 343 -47.64 -27.21 8.60
N LYS B 344 -46.36 -26.86 8.73
CA LYS B 344 -45.40 -27.68 9.48
C LYS B 344 -45.33 -27.36 10.98
N GLY B 345 -46.08 -26.36 11.44
CA GLY B 345 -46.08 -26.03 12.85
C GLY B 345 -45.61 -24.67 13.34
N ALA B 346 -45.00 -23.86 12.46
CA ALA B 346 -44.52 -22.54 12.87
C ALA B 346 -45.67 -21.66 13.35
N THR B 347 -45.35 -20.68 14.19
CA THR B 347 -46.36 -19.79 14.75
C THR B 347 -46.33 -18.39 14.09
N ALA B 348 -47.34 -18.12 13.26
CA ALA B 348 -47.48 -16.83 12.58
C ALA B 348 -48.01 -15.80 13.57
N LEU B 349 -47.27 -14.72 13.77
CA LEU B 349 -47.67 -13.69 14.72
C LEU B 349 -48.29 -12.44 14.09
N THR B 350 -48.56 -12.52 12.80
CA THR B 350 -49.20 -11.44 12.04
C THR B 350 -50.02 -12.15 10.97
N GLU B 351 -51.11 -11.54 10.54
CA GLU B 351 -52.00 -12.16 9.57
C GLU B 351 -51.44 -12.42 8.18
N ILE B 352 -51.89 -13.53 7.61
CA ILE B 352 -51.50 -13.94 6.27
C ILE B 352 -52.55 -13.33 5.33
N LYS B 353 -52.10 -12.43 4.47
CA LYS B 353 -53.00 -11.76 3.53
C LYS B 353 -52.31 -11.37 2.23
N ARG B 354 -53.01 -11.59 1.11
CA ARG B 354 -52.52 -11.25 -0.21
C ARG B 354 -53.67 -10.74 -1.08
N GLU B 355 -53.46 -9.58 -1.70
CA GLU B 355 -54.44 -8.95 -2.60
C GLU B 355 -53.61 -8.59 -3.81
N GLY B 356 -53.86 -9.28 -4.93
CA GLY B 356 -53.07 -9.04 -6.11
C GLY B 356 -51.69 -9.59 -5.81
N ASN B 357 -50.65 -8.78 -5.98
CA ASN B 357 -49.30 -9.25 -5.69
C ASN B 357 -48.75 -8.57 -4.45
N LEU B 358 -49.67 -7.99 -3.66
CA LEU B 358 -49.32 -7.30 -2.43
C LEU B 358 -49.51 -8.25 -1.25
N ILE B 359 -48.39 -8.67 -0.67
CA ILE B 359 -48.40 -9.56 0.48
C ILE B 359 -48.10 -8.73 1.73
N CYS B 360 -48.98 -8.81 2.72
CA CYS B 360 -48.78 -8.09 3.98
C CYS B 360 -47.58 -8.71 4.74
N PRO B 361 -46.82 -7.89 5.49
CA PRO B 361 -45.65 -8.36 6.23
C PRO B 361 -45.99 -9.42 7.29
N ILE B 362 -45.17 -10.47 7.37
CA ILE B 362 -45.43 -11.53 8.33
C ILE B 362 -44.23 -12.04 9.12
N LEU B 363 -44.46 -12.23 10.42
CA LEU B 363 -43.46 -12.73 11.36
C LEU B 363 -43.78 -14.17 11.77
N PHE B 364 -42.82 -15.07 11.58
CA PHE B 364 -42.98 -16.48 11.93
C PHE B 364 -42.06 -16.90 13.07
N ASP B 365 -42.64 -17.32 14.19
CA ASP B 365 -41.88 -17.78 15.35
C ASP B 365 -41.86 -19.31 15.32
N LYS B 366 -40.96 -19.90 16.11
CA LYS B 366 -40.82 -21.36 16.20
C LYS B 366 -40.47 -22.04 14.88
N VAL B 367 -39.55 -21.45 14.13
CA VAL B 367 -39.12 -22.04 12.86
C VAL B 367 -38.01 -23.06 13.11
N THR B 368 -38.11 -24.21 12.45
CA THR B 368 -37.12 -25.27 12.61
C THR B 368 -36.35 -25.49 11.30
N THR B 369 -35.16 -26.05 11.41
CA THR B 369 -34.30 -26.30 10.25
C THR B 369 -34.90 -27.31 9.26
N ASP B 370 -36.04 -27.89 9.62
CA ASP B 370 -36.72 -28.87 8.78
C ASP B 370 -37.73 -28.17 7.83
N MET B 371 -37.86 -26.86 7.98
CA MET B 371 -38.77 -26.06 7.18
C MET B 371 -38.02 -25.33 6.05
N ARG B 372 -38.68 -25.18 4.90
CA ARG B 372 -38.10 -24.50 3.74
C ARG B 372 -37.73 -23.04 4.05
N LEU B 373 -38.57 -22.37 4.83
CA LEU B 373 -38.37 -20.97 5.21
C LEU B 373 -37.07 -20.75 5.98
N ALA B 374 -36.52 -21.80 6.56
CA ALA B 374 -35.28 -21.72 7.34
C ALA B 374 -34.03 -21.61 6.46
N TRP B 375 -34.13 -21.99 5.19
CA TRP B 375 -32.99 -21.98 4.29
C TRP B 375 -33.17 -21.21 2.96
N GLU B 376 -34.34 -21.30 2.35
CA GLU B 376 -34.60 -20.65 1.06
C GLU B 376 -34.80 -19.13 1.12
N GLU B 377 -34.18 -18.42 0.17
CA GLU B 377 -34.29 -16.97 0.04
C GLU B 377 -35.66 -16.67 -0.60
N PRO B 378 -36.57 -16.04 0.18
CA PRO B 378 -37.92 -15.72 -0.30
C PRO B 378 -38.07 -14.54 -1.24
N PHE B 379 -37.47 -13.41 -0.86
CA PHE B 379 -37.55 -12.16 -1.62
C PHE B 379 -38.98 -11.65 -1.48
N GLY B 380 -39.46 -11.69 -0.24
CA GLY B 380 -40.80 -11.25 0.12
C GLY B 380 -40.84 -10.82 1.59
N PRO B 381 -41.90 -10.14 2.06
CA PRO B 381 -41.99 -9.69 3.45
C PRO B 381 -42.33 -10.78 4.49
N VAL B 382 -41.43 -11.75 4.65
CA VAL B 382 -41.63 -12.84 5.60
C VAL B 382 -40.34 -13.13 6.39
N LEU B 383 -40.40 -13.02 7.73
CA LEU B 383 -39.24 -13.24 8.60
C LEU B 383 -39.36 -14.39 9.60
N PRO B 384 -38.44 -15.37 9.52
CA PRO B 384 -38.42 -16.53 10.43
C PRO B 384 -37.53 -16.37 11.66
N ILE B 385 -38.04 -16.80 12.82
CA ILE B 385 -37.30 -16.75 14.08
C ILE B 385 -36.92 -18.19 14.48
N ILE B 386 -35.63 -18.44 14.63
CA ILE B 386 -35.11 -19.76 15.01
C ILE B 386 -34.38 -19.64 16.35
N ARG B 387 -34.86 -20.36 17.37
CA ARG B 387 -34.27 -20.32 18.71
C ARG B 387 -33.12 -21.32 18.89
N VAL B 388 -32.07 -20.87 19.60
CA VAL B 388 -30.90 -21.72 19.87
C VAL B 388 -30.61 -21.76 21.38
N THR B 389 -29.74 -22.67 21.79
CA THR B 389 -29.38 -22.81 23.20
C THR B 389 -27.91 -22.50 23.48
N SER B 390 -27.14 -22.24 22.42
CA SER B 390 -25.72 -21.93 22.57
C SER B 390 -25.21 -21.17 21.35
N VAL B 391 -24.15 -20.40 21.55
CA VAL B 391 -23.55 -19.63 20.46
C VAL B 391 -22.96 -20.59 19.43
N GLU B 392 -22.47 -21.73 19.92
CA GLU B 392 -21.89 -22.75 19.05
C GLU B 392 -22.93 -23.30 18.08
N GLU B 393 -24.15 -23.48 18.58
CA GLU B 393 -25.25 -23.97 17.75
C GLU B 393 -25.63 -22.92 16.71
N ALA B 394 -25.63 -21.66 17.12
CA ALA B 394 -25.97 -20.56 16.21
C ALA B 394 -24.99 -20.49 15.04
N ILE B 395 -23.71 -20.73 15.33
CA ILE B 395 -22.65 -20.71 14.34
C ILE B 395 -22.76 -21.87 13.36
N GLU B 396 -23.15 -23.04 13.87
CA GLU B 396 -23.32 -24.22 13.03
C GLU B 396 -24.48 -24.07 12.04
N ILE B 397 -25.62 -23.60 12.54
CA ILE B 397 -26.81 -23.41 11.70
C ILE B 397 -26.55 -22.35 10.62
N SER B 398 -25.86 -21.28 11.02
CA SER B 398 -25.53 -20.19 10.12
C SER B 398 -24.63 -20.66 8.97
N ASN B 399 -23.52 -21.31 9.32
CA ASN B 399 -22.58 -21.82 8.32
C ASN B 399 -23.12 -22.99 7.52
N LYS B 400 -24.21 -23.59 7.99
CA LYS B 400 -24.84 -24.72 7.32
C LYS B 400 -25.49 -24.29 5.99
N SER B 401 -25.81 -23.00 5.89
CA SER B 401 -26.42 -22.44 4.69
C SER B 401 -25.44 -22.44 3.50
N GLU B 402 -25.99 -22.47 2.29
CA GLU B 402 -25.19 -22.47 1.06
C GLU B 402 -24.77 -21.03 0.72
N TYR B 403 -25.45 -20.07 1.33
CA TYR B 403 -25.20 -18.64 1.12
C TYR B 403 -24.23 -18.08 2.16
N GLY B 404 -23.56 -16.98 1.82
CA GLY B 404 -22.62 -16.37 2.75
C GLY B 404 -22.28 -14.92 2.41
N LEU B 405 -23.30 -14.08 2.33
CA LEU B 405 -23.11 -12.68 2.00
C LEU B 405 -22.65 -11.85 3.19
N GLN B 406 -23.52 -11.69 4.18
CA GLN B 406 -23.21 -10.91 5.39
C GLN B 406 -23.91 -11.48 6.62
N ALA B 407 -23.57 -10.94 7.80
CA ALA B 407 -24.15 -11.38 9.06
C ALA B 407 -24.12 -10.28 10.11
N SER B 408 -25.04 -10.34 11.06
CA SER B 408 -25.16 -9.39 12.17
C SER B 408 -24.99 -10.14 13.48
N ILE B 409 -24.37 -9.48 14.46
CA ILE B 409 -24.19 -10.07 15.79
C ILE B 409 -24.58 -8.99 16.78
N PHE B 410 -25.61 -9.28 17.57
CA PHE B 410 -26.07 -8.35 18.58
C PHE B 410 -25.61 -8.83 19.96
N THR B 411 -24.67 -8.09 20.55
CA THR B 411 -24.08 -8.40 21.85
C THR B 411 -23.30 -7.20 22.39
N ASN B 412 -22.95 -7.23 23.68
CA ASN B 412 -22.17 -6.15 24.29
C ASN B 412 -20.72 -6.58 24.55
N ASP B 413 -20.38 -7.81 24.16
CA ASP B 413 -19.05 -8.37 24.32
C ASP B 413 -18.38 -8.37 22.94
N PHE B 414 -17.57 -7.35 22.67
CA PHE B 414 -16.89 -7.23 21.37
C PHE B 414 -15.75 -8.23 21.10
N PRO B 415 -14.86 -8.48 22.07
CA PRO B 415 -13.78 -9.44 21.81
C PRO B 415 -14.38 -10.77 21.40
N ARG B 416 -15.48 -11.15 22.04
CA ARG B 416 -16.19 -12.39 21.73
C ARG B 416 -16.85 -12.30 20.35
N ALA B 417 -17.41 -11.14 20.03
CA ALA B 417 -18.06 -10.91 18.75
C ALA B 417 -17.04 -11.02 17.60
N PHE B 418 -15.81 -10.58 17.85
CA PHE B 418 -14.75 -10.67 16.85
C PHE B 418 -14.38 -12.14 16.64
N GLY B 419 -14.39 -12.92 17.72
CA GLY B 419 -14.08 -14.34 17.64
C GLY B 419 -15.13 -15.10 16.84
N ILE B 420 -16.40 -14.81 17.10
CA ILE B 420 -17.51 -15.44 16.37
C ILE B 420 -17.41 -15.07 14.89
N ALA B 421 -17.15 -13.78 14.64
CA ALA B 421 -17.03 -13.25 13.27
C ALA B 421 -15.98 -13.98 12.43
N GLU B 422 -14.91 -14.42 13.08
CA GLU B 422 -13.85 -15.14 12.38
C GLU B 422 -14.36 -16.52 11.96
N GLN B 423 -15.36 -17.02 12.67
CA GLN B 423 -15.92 -18.35 12.39
C GLN B 423 -17.02 -18.36 11.36
N LEU B 424 -17.70 -17.23 11.20
CA LEU B 424 -18.81 -17.11 10.25
C LEU B 424 -18.33 -17.05 8.80
N GLU B 425 -18.89 -17.93 7.97
CA GLU B 425 -18.54 -18.00 6.56
C GLU B 425 -19.31 -16.98 5.71
N VAL B 426 -18.96 -15.71 5.91
CA VAL B 426 -19.58 -14.59 5.19
C VAL B 426 -18.50 -13.59 4.79
N GLY B 427 -18.88 -12.60 3.99
CA GLY B 427 -17.93 -11.58 3.57
C GLY B 427 -17.84 -10.47 4.60
N THR B 428 -18.99 -9.97 5.05
CA THR B 428 -19.05 -8.89 6.03
C THR B 428 -19.89 -9.21 7.27
N VAL B 429 -19.40 -8.78 8.43
CA VAL B 429 -20.09 -8.98 9.71
C VAL B 429 -20.33 -7.63 10.37
N HIS B 430 -21.60 -7.33 10.65
CA HIS B 430 -21.98 -6.08 11.30
C HIS B 430 -22.25 -6.32 12.77
N ILE B 431 -21.56 -5.60 13.64
CA ILE B 431 -21.75 -5.75 15.09
C ILE B 431 -22.75 -4.71 15.57
N ASN B 432 -23.86 -5.18 16.14
CA ASN B 432 -24.92 -4.34 16.66
C ASN B 432 -25.55 -3.43 15.62
N ASN B 433 -25.73 -3.97 14.42
CA ASN B 433 -26.33 -3.23 13.32
C ASN B 433 -26.77 -4.23 12.26
N LYS B 434 -27.78 -3.84 11.47
CA LYS B 434 -28.30 -4.68 10.40
C LYS B 434 -27.33 -4.74 9.22
N THR B 435 -27.44 -5.79 8.42
CA THR B 435 -26.59 -5.95 7.25
C THR B 435 -26.91 -4.89 6.20
N GLN B 436 -25.94 -4.61 5.32
CA GLN B 436 -26.10 -3.58 4.29
C GLN B 436 -24.84 -3.42 3.46
N ARG B 437 -24.97 -2.93 2.23
CA ARG B 437 -23.81 -2.68 1.37
C ARG B 437 -23.11 -1.46 1.96
N GLY B 438 -23.84 -0.76 2.84
CA GLY B 438 -23.39 0.43 3.53
C GLY B 438 -22.00 0.96 3.34
N THR B 439 -21.94 2.18 2.81
CA THR B 439 -20.71 2.90 2.49
C THR B 439 -20.07 2.13 1.34
N ASP B 440 -20.26 2.66 0.14
CA ASP B 440 -19.76 2.02 -1.07
C ASP B 440 -18.25 1.99 -1.21
N ASN B 441 -17.54 2.54 -0.23
CA ASN B 441 -16.08 2.52 -0.25
C ASN B 441 -15.58 1.24 0.44
N PHE B 442 -16.43 0.69 1.32
CA PHE B 442 -16.13 -0.54 2.04
C PHE B 442 -16.21 -1.73 1.08
N PRO B 443 -15.47 -2.82 1.36
CA PRO B 443 -15.51 -3.99 0.49
C PRO B 443 -16.87 -4.68 0.59
N PHE B 444 -17.32 -5.25 -0.52
CA PHE B 444 -18.60 -5.95 -0.56
C PHE B 444 -18.39 -7.27 -1.31
N LEU B 445 -18.56 -8.38 -0.61
CA LEU B 445 -18.37 -9.70 -1.20
C LEU B 445 -19.20 -10.74 -0.46
N GLY B 446 -19.20 -11.96 -0.99
CA GLY B 446 -19.96 -13.04 -0.38
C GLY B 446 -19.20 -14.35 -0.48
N ALA B 447 -19.47 -15.25 0.45
CA ALA B 447 -18.83 -16.57 0.48
C ALA B 447 -19.72 -17.60 -0.19
N LYS B 448 -19.21 -18.82 -0.31
CA LYS B 448 -19.93 -19.93 -0.93
C LYS B 448 -20.73 -19.55 -2.18
N LYS B 449 -22.02 -19.86 -2.19
CA LYS B 449 -22.88 -19.56 -3.34
C LYS B 449 -23.35 -18.12 -3.49
N SER B 450 -22.92 -17.24 -2.58
CA SER B 450 -23.34 -15.84 -2.63
C SER B 450 -22.58 -14.96 -3.61
N GLY B 451 -21.55 -15.50 -4.26
CA GLY B 451 -20.82 -14.70 -5.22
C GLY B 451 -19.38 -15.07 -5.54
N ALA B 452 -18.75 -14.21 -6.33
CA ALA B 452 -17.37 -14.36 -6.76
C ALA B 452 -16.80 -12.97 -7.00
N GLY B 453 -15.65 -12.67 -6.39
CA GLY B 453 -15.04 -11.37 -6.55
C GLY B 453 -15.37 -10.38 -5.44
N ILE B 454 -14.49 -9.41 -5.24
CA ILE B 454 -14.66 -8.41 -4.19
C ILE B 454 -15.06 -7.05 -4.78
N GLN B 455 -16.24 -6.59 -4.41
CA GLN B 455 -16.77 -5.31 -4.87
C GLN B 455 -16.44 -4.17 -3.90
N GLY B 456 -17.03 -3.01 -4.14
CA GLY B 456 -16.74 -1.83 -3.36
C GLY B 456 -15.99 -1.02 -4.40
N VAL B 457 -16.12 0.31 -4.41
CA VAL B 457 -15.46 1.12 -5.44
C VAL B 457 -14.03 0.72 -5.78
N LYS B 458 -13.12 0.89 -4.83
CA LYS B 458 -11.70 0.57 -4.99
C LYS B 458 -11.43 -0.86 -5.50
N TYR B 459 -12.11 -1.84 -4.91
CA TYR B 459 -11.95 -3.24 -5.28
C TYR B 459 -12.50 -3.57 -6.65
N SER B 460 -13.53 -2.85 -7.08
CA SER B 460 -14.14 -3.04 -8.38
C SER B 460 -13.17 -2.57 -9.46
N ILE B 461 -12.42 -1.52 -9.17
CA ILE B 461 -11.45 -0.98 -10.10
C ILE B 461 -10.29 -1.95 -10.27
N GLU B 462 -9.80 -2.51 -9.16
CA GLU B 462 -8.71 -3.48 -9.21
C GLU B 462 -9.14 -4.73 -9.96
N ALA B 463 -10.39 -5.14 -9.75
CA ALA B 463 -10.93 -6.33 -10.41
C ALA B 463 -11.02 -6.19 -11.92
N MET B 464 -11.48 -5.03 -12.38
CA MET B 464 -11.62 -4.80 -13.82
C MET B 464 -10.39 -4.21 -14.51
N THR B 465 -9.22 -4.49 -13.95
CA THR B 465 -7.94 -4.05 -14.51
C THR B 465 -6.93 -5.18 -14.38
N THR B 466 -5.91 -5.14 -15.20
CA THR B 466 -4.85 -6.12 -15.13
C THR B 466 -3.55 -5.36 -14.92
N VAL B 467 -2.43 -6.05 -15.03
CA VAL B 467 -1.14 -5.43 -14.83
C VAL B 467 -0.23 -5.62 -16.04
N LYS B 468 0.71 -4.70 -16.21
CA LYS B 468 1.70 -4.73 -17.30
C LYS B 468 3.07 -4.50 -16.66
N SER B 469 3.93 -5.50 -16.75
CA SER B 469 5.26 -5.41 -16.16
C SER B 469 6.37 -5.24 -17.18
N VAL B 470 7.15 -4.16 -17.03
CA VAL B 470 8.29 -3.86 -17.91
C VAL B 470 9.57 -4.02 -17.09
N VAL B 471 10.40 -4.98 -17.49
CA VAL B 471 11.66 -5.30 -16.80
C VAL B 471 12.91 -4.93 -17.59
N PHE B 472 13.87 -4.28 -16.93
CA PHE B 472 15.13 -3.88 -17.57
C PHE B 472 16.28 -3.78 -16.55
N ASP B 473 17.52 -3.81 -17.03
CA ASP B 473 18.71 -3.73 -16.18
C ASP B 473 19.36 -2.35 -16.19
N ILE B 474 19.74 -1.88 -15.00
CA ILE B 474 20.39 -0.59 -14.84
C ILE B 474 21.90 -0.72 -15.11
N LYS B 475 22.47 0.30 -15.74
CA LYS B 475 23.90 0.31 -16.06
C LYS B 475 24.65 1.41 -15.32
N THR C 2 42.98 -4.67 34.90
CA THR C 2 41.49 -4.82 34.87
C THR C 2 41.06 -5.43 33.53
N LYS C 3 39.86 -6.03 33.50
CA LYS C 3 39.34 -6.61 32.26
C LYS C 3 38.99 -5.43 31.35
N GLN C 4 39.92 -5.05 30.48
CA GLN C 4 39.75 -3.91 29.57
C GLN C 4 39.10 -4.19 28.23
N TYR C 5 37.94 -3.59 28.01
CA TYR C 5 37.19 -3.73 26.76
C TYR C 5 37.62 -2.72 25.72
N LYS C 6 37.45 -3.09 24.45
CA LYS C 6 37.82 -2.21 23.33
C LYS C 6 36.65 -1.90 22.41
N ASN C 7 36.78 -0.79 21.67
CA ASN C 7 35.76 -0.39 20.70
C ASN C 7 36.07 -1.08 19.37
N TYR C 8 35.03 -1.35 18.59
CA TYR C 8 35.22 -1.96 17.28
C TYR C 8 35.17 -0.83 16.28
N VAL C 9 36.31 -0.48 15.72
CA VAL C 9 36.40 0.61 14.76
C VAL C 9 37.09 0.17 13.46
N ASN C 10 36.39 0.33 12.35
CA ASN C 10 36.92 -0.01 11.03
C ASN C 10 37.54 -1.41 10.97
N GLY C 11 36.82 -2.39 11.51
CA GLY C 11 37.30 -3.76 11.49
C GLY C 11 38.41 -4.09 12.48
N GLU C 12 38.65 -3.21 13.43
CA GLU C 12 39.71 -3.42 14.43
C GLU C 12 39.21 -3.11 15.82
N TRP C 13 39.75 -3.81 16.83
CA TRP C 13 39.40 -3.56 18.22
C TRP C 13 40.42 -2.55 18.71
N LYS C 14 39.95 -1.46 19.28
CA LYS C 14 40.84 -0.39 19.73
C LYS C 14 40.64 0.12 21.14
N LEU C 15 41.76 0.32 21.84
CA LEU C 15 41.77 0.87 23.19
C LEU C 15 42.05 2.36 23.01
N SER C 16 41.75 3.15 24.04
CA SER C 16 42.02 4.58 24.03
C SER C 16 43.07 4.83 25.09
N GLU C 17 43.64 6.04 25.13
CA GLU C 17 44.65 6.34 26.12
C GLU C 17 44.03 6.35 27.52
N ASN C 18 42.77 6.77 27.60
CA ASN C 18 42.04 6.83 28.86
C ASN C 18 40.90 5.83 28.87
N GLU C 19 40.42 5.47 30.05
CA GLU C 19 39.33 4.51 30.19
C GLU C 19 38.38 4.89 31.30
N ILE C 20 37.27 4.16 31.37
CA ILE C 20 36.24 4.39 32.38
C ILE C 20 35.92 3.04 33.03
N LYS C 21 36.01 2.96 34.35
CA LYS C 21 35.70 1.73 35.05
C LYS C 21 34.22 1.62 35.35
N ILE C 22 33.67 0.43 35.14
CA ILE C 22 32.23 0.18 35.35
C ILE C 22 32.06 -0.77 36.53
N TYR C 23 31.11 -0.45 37.41
CA TYR C 23 30.82 -1.28 38.58
C TYR C 23 29.40 -1.83 38.54
N GLU C 24 29.14 -2.85 39.37
CA GLU C 24 27.81 -3.46 39.42
C GLU C 24 26.92 -2.67 40.37
N PRO C 25 25.78 -2.18 39.88
CA PRO C 25 24.81 -1.39 40.66
C PRO C 25 24.29 -2.09 41.92
N ALA C 26 24.32 -3.42 41.94
CA ALA C 26 23.83 -4.15 43.10
C ALA C 26 24.89 -4.48 44.13
N SER C 27 26.12 -4.75 43.70
CA SER C 27 27.20 -5.10 44.64
C SER C 27 28.34 -4.10 44.78
N GLY C 28 28.48 -3.21 43.80
CA GLY C 28 29.56 -2.24 43.83
C GLY C 28 30.86 -2.80 43.30
N ALA C 29 30.87 -4.10 42.98
CA ALA C 29 32.06 -4.76 42.46
C ALA C 29 32.35 -4.31 41.05
N GLU C 30 33.64 -4.18 40.73
CA GLU C 30 34.09 -3.75 39.41
C GLU C 30 33.84 -4.84 38.37
N LEU C 31 33.28 -4.44 37.22
CA LEU C 31 32.99 -5.36 36.11
C LEU C 31 34.08 -5.33 35.03
N GLY C 32 34.74 -4.20 34.91
CA GLY C 32 35.79 -4.04 33.92
C GLY C 32 35.86 -2.58 33.52
N SER C 33 36.39 -2.30 32.34
CA SER C 33 36.50 -0.93 31.85
C SER C 33 36.24 -0.79 30.36
N VAL C 34 35.86 0.40 29.95
CA VAL C 34 35.60 0.72 28.55
C VAL C 34 36.39 1.98 28.18
N PRO C 35 36.77 2.13 26.91
CA PRO C 35 37.54 3.30 26.46
C PRO C 35 36.82 4.64 26.66
N ALA C 36 37.60 5.70 26.90
CA ALA C 36 37.08 7.05 27.05
C ALA C 36 37.58 7.81 25.83
N MET C 37 36.86 7.67 24.71
CA MET C 37 37.25 8.30 23.44
C MET C 37 37.45 9.80 23.43
N SER C 38 38.30 10.22 22.51
CA SER C 38 38.61 11.63 22.29
C SER C 38 37.84 12.03 21.03
N THR C 39 37.69 13.32 20.80
CA THR C 39 36.98 13.83 19.62
C THR C 39 37.65 13.43 18.31
N GLU C 40 38.97 13.25 18.36
CA GLU C 40 39.73 12.82 17.19
C GLU C 40 39.40 11.37 16.87
N GLU C 41 39.21 10.57 17.92
CA GLU C 41 38.88 9.15 17.75
C GLU C 41 37.48 9.00 17.18
N VAL C 42 36.60 9.94 17.51
CA VAL C 42 35.23 9.96 16.98
C VAL C 42 35.29 10.31 15.49
N ASP C 43 36.21 11.22 15.14
CA ASP C 43 36.40 11.63 13.75
C ASP C 43 36.80 10.45 12.89
N TYR C 44 37.60 9.54 13.45
CA TYR C 44 38.07 8.37 12.71
C TYR C 44 36.94 7.37 12.47
N VAL C 45 36.05 7.21 13.45
CA VAL C 45 34.93 6.30 13.32
C VAL C 45 34.03 6.76 12.17
N TYR C 46 33.72 8.06 12.16
CA TYR C 46 32.87 8.63 11.11
C TYR C 46 33.50 8.60 9.72
N ALA C 47 34.80 8.88 9.64
CA ALA C 47 35.51 8.86 8.37
C ALA C 47 35.49 7.46 7.79
N SER C 48 35.68 6.46 8.64
CA SER C 48 35.69 5.07 8.24
C SER C 48 34.31 4.63 7.72
N ALA C 49 33.27 5.07 8.42
CA ALA C 49 31.88 4.73 8.06
C ALA C 49 31.46 5.36 6.74
N LYS C 50 31.81 6.63 6.54
CA LYS C 50 31.47 7.32 5.30
C LYS C 50 32.22 6.69 4.12
N LYS C 51 33.42 6.18 4.40
CA LYS C 51 34.26 5.55 3.39
C LYS C 51 33.68 4.22 2.92
N ALA C 52 33.09 3.47 3.85
CA ALA C 52 32.52 2.15 3.57
C ALA C 52 31.07 2.13 3.06
N GLN C 53 30.34 3.24 3.24
CA GLN C 53 28.94 3.33 2.83
C GLN C 53 28.60 2.99 1.37
N PRO C 54 29.30 3.61 0.40
CA PRO C 54 29.02 3.33 -1.02
C PRO C 54 29.04 1.85 -1.39
N ALA C 55 30.07 1.13 -0.95
CA ALA C 55 30.18 -0.29 -1.25
C ALA C 55 29.13 -1.11 -0.52
N TRP C 56 28.69 -0.63 0.64
CA TRP C 56 27.67 -1.32 1.43
C TRP C 56 26.33 -1.16 0.71
N ARG C 57 26.06 0.06 0.25
CA ARG C 57 24.83 0.38 -0.48
C ARG C 57 24.77 -0.39 -1.80
N ALA C 58 25.95 -0.67 -2.36
CA ALA C 58 26.07 -1.39 -3.63
C ALA C 58 25.74 -2.88 -3.56
N LEU C 59 25.74 -3.45 -2.36
CA LEU C 59 25.41 -4.87 -2.18
C LEU C 59 23.91 -5.02 -2.38
N SER C 60 23.46 -6.24 -2.65
CA SER C 60 22.05 -6.50 -2.83
C SER C 60 21.39 -6.61 -1.46
N TYR C 61 20.06 -6.46 -1.42
CA TYR C 61 19.32 -6.55 -0.17
C TYR C 61 19.53 -7.92 0.48
N ILE C 62 19.48 -8.96 -0.34
CA ILE C 62 19.66 -10.34 0.10
C ILE C 62 21.00 -10.59 0.86
N GLU C 63 22.09 -9.98 0.40
CA GLU C 63 23.39 -10.11 1.04
C GLU C 63 23.44 -9.41 2.39
N ARG C 64 22.80 -8.23 2.46
CA ARG C 64 22.76 -7.48 3.71
C ARG C 64 21.91 -8.18 4.78
N ALA C 65 20.88 -8.88 4.33
CA ALA C 65 20.00 -9.63 5.24
C ALA C 65 20.72 -10.87 5.79
N ALA C 66 21.52 -11.51 4.95
CA ALA C 66 22.27 -12.70 5.33
C ALA C 66 23.25 -12.38 6.46
N TYR C 67 23.90 -11.22 6.36
CA TYR C 67 24.83 -10.76 7.38
C TYR C 67 24.08 -10.59 8.71
N LEU C 68 22.97 -9.85 8.67
CA LEU C 68 22.17 -9.63 9.88
C LEU C 68 21.65 -10.92 10.50
N HIS C 69 21.29 -11.89 9.67
CA HIS C 69 20.82 -13.18 10.15
C HIS C 69 21.91 -13.93 10.92
N LYS C 70 23.16 -13.78 10.47
CA LYS C 70 24.29 -14.43 11.14
C LYS C 70 24.54 -13.80 12.51
N VAL C 71 24.40 -12.48 12.59
CA VAL C 71 24.58 -11.76 13.85
C VAL C 71 23.60 -12.29 14.88
N ALA C 72 22.35 -12.50 14.45
CA ALA C 72 21.28 -12.99 15.30
C ALA C 72 21.55 -14.42 15.80
N ASP C 73 22.08 -15.27 14.92
CA ASP C 73 22.40 -16.65 15.27
C ASP C 73 23.50 -16.72 16.33
N ILE C 74 24.51 -15.86 16.20
CA ILE C 74 25.63 -15.78 17.14
C ILE C 74 25.11 -15.32 18.52
N LEU C 75 24.24 -14.31 18.52
CA LEU C 75 23.66 -13.81 19.77
C LEU C 75 22.89 -14.92 20.48
N MET C 76 22.14 -15.69 19.72
CA MET C 76 21.37 -16.79 20.30
C MET C 76 22.30 -17.83 20.92
N ARG C 77 23.46 -18.04 20.29
CA ARG C 77 24.44 -19.00 20.79
C ARG C 77 25.02 -18.56 22.15
N ASP C 78 25.35 -17.28 22.23
CA ASP C 78 25.95 -16.73 23.45
C ASP C 78 24.97 -16.00 24.37
N LYS C 79 23.68 -16.32 24.33
CA LYS C 79 22.74 -15.60 25.19
C LYS C 79 23.00 -15.67 26.69
N GLU C 80 23.41 -16.84 27.18
CA GLU C 80 23.70 -17.03 28.61
C GLU C 80 24.95 -16.25 28.98
N LYS C 81 25.94 -16.30 28.08
CA LYS C 81 27.21 -15.62 28.24
C LYS C 81 27.00 -14.12 28.33
N ILE C 82 26.27 -13.56 27.36
CA ILE C 82 25.97 -12.13 27.31
C ILE C 82 25.00 -11.73 28.42
N GLY C 83 23.96 -12.55 28.62
CA GLY C 83 22.97 -12.28 29.66
C GLY C 83 23.57 -12.17 31.05
N ALA C 84 24.58 -13.00 31.32
CA ALA C 84 25.25 -13.01 32.62
C ALA C 84 25.82 -11.65 32.98
N ILE C 85 26.52 -11.05 32.04
CA ILE C 85 27.14 -9.74 32.24
C ILE C 85 26.15 -8.57 32.20
N LEU C 86 25.16 -8.66 31.32
CA LEU C 86 24.14 -7.61 31.20
C LEU C 86 23.34 -7.51 32.50
N SER C 87 23.14 -8.66 33.14
CA SER C 87 22.39 -8.73 34.40
C SER C 87 23.10 -7.96 35.50
N LYS C 88 24.42 -8.10 35.53
CA LYS C 88 25.27 -7.45 36.53
C LYS C 88 25.55 -5.98 36.27
N GLU C 89 25.62 -5.60 35.00
CA GLU C 89 25.89 -4.22 34.64
C GLU C 89 24.77 -3.22 34.90
N VAL C 90 23.53 -3.64 34.68
CA VAL C 90 22.37 -2.76 34.91
C VAL C 90 21.40 -3.24 36.00
N ALA C 91 21.85 -4.23 36.77
CA ALA C 91 21.08 -4.80 37.87
C ALA C 91 19.70 -5.28 37.44
N LYS C 92 19.69 -6.03 36.35
CA LYS C 92 18.47 -6.60 35.80
C LYS C 92 18.49 -8.08 36.14
N GLY C 93 17.34 -8.66 36.44
CA GLY C 93 17.28 -10.08 36.77
C GLY C 93 17.94 -10.90 35.68
N TYR C 94 18.62 -11.98 36.07
CA TYR C 94 19.31 -12.84 35.12
C TYR C 94 18.43 -13.35 33.97
N LYS C 95 17.32 -14.00 34.31
CA LYS C 95 16.41 -14.54 33.30
C LYS C 95 15.93 -13.46 32.34
N SER C 96 15.62 -12.30 32.91
CA SER C 96 15.14 -11.16 32.14
C SER C 96 16.25 -10.64 31.24
N ALA C 97 17.49 -10.68 31.75
CA ALA C 97 18.64 -10.24 30.99
C ALA C 97 18.86 -11.12 29.79
N VAL C 98 18.63 -12.42 29.94
CA VAL C 98 18.79 -13.38 28.85
C VAL C 98 17.64 -13.18 27.84
N SER C 99 16.48 -12.75 28.32
CA SER C 99 15.33 -12.51 27.45
C SER C 99 15.58 -11.33 26.53
N GLU C 100 16.23 -10.29 27.04
CA GLU C 100 16.54 -9.11 26.24
C GLU C 100 17.42 -9.46 25.03
N VAL C 101 18.39 -10.35 25.24
CA VAL C 101 19.30 -10.80 24.19
C VAL C 101 18.51 -11.57 23.12
N VAL C 102 17.63 -12.47 23.55
CA VAL C 102 16.81 -13.26 22.62
C VAL C 102 15.89 -12.35 21.80
N ARG C 103 15.32 -11.34 22.46
CA ARG C 103 14.43 -10.39 21.78
C ARG C 103 15.20 -9.53 20.79
N THR C 104 16.48 -9.30 21.08
CA THR C 104 17.35 -8.52 20.21
C THR C 104 17.57 -9.31 18.91
N ALA C 105 17.70 -10.63 19.05
CA ALA C 105 17.90 -11.52 17.92
C ALA C 105 16.64 -11.56 17.05
N GLU C 106 15.47 -11.59 17.71
CA GLU C 106 14.18 -11.60 17.01
C GLU C 106 13.98 -10.34 16.16
N ILE C 107 14.30 -9.18 16.73
CA ILE C 107 14.15 -7.92 16.02
C ILE C 107 15.13 -7.79 14.85
N ILE C 108 16.35 -8.29 15.04
CA ILE C 108 17.38 -8.25 14.00
C ILE C 108 16.98 -9.12 12.80
N ASN C 109 16.44 -10.31 13.06
CA ASN C 109 16.00 -11.21 11.98
C ASN C 109 14.79 -10.62 11.24
N TYR C 110 13.84 -10.08 11.99
CA TYR C 110 12.61 -9.50 11.44
C TYR C 110 12.87 -8.27 10.57
N ALA C 111 13.81 -7.43 11.01
CA ALA C 111 14.18 -6.23 10.26
C ALA C 111 14.90 -6.59 8.96
N ALA C 112 15.62 -7.71 8.98
CA ALA C 112 16.36 -8.20 7.82
C ALA C 112 15.39 -8.59 6.71
N GLU C 113 14.34 -9.31 7.08
CA GLU C 113 13.32 -9.77 6.15
C GLU C 113 12.32 -8.70 5.77
N GLU C 114 12.07 -7.76 6.67
CA GLU C 114 11.14 -6.67 6.40
C GLU C 114 11.78 -5.70 5.42
N GLY C 115 13.08 -5.46 5.61
CA GLY C 115 13.82 -4.55 4.75
C GLY C 115 14.17 -5.04 3.36
N LEU C 116 14.22 -6.34 3.14
CA LEU C 116 14.56 -6.85 1.82
C LEU C 116 13.35 -6.81 0.87
N ARG C 117 12.19 -6.50 1.44
CA ARG C 117 10.96 -6.40 0.67
C ARG C 117 10.65 -4.92 0.48
N MET C 118 11.69 -4.18 0.10
CA MET C 118 11.61 -2.75 -0.15
C MET C 118 11.12 -2.53 -1.58
N GLU C 119 10.06 -1.75 -1.74
CA GLU C 119 9.54 -1.46 -3.08
C GLU C 119 9.05 -0.04 -3.26
N GLY C 120 9.18 0.43 -4.50
CA GLY C 120 8.75 1.78 -4.81
C GLY C 120 7.42 1.84 -5.53
N GLU C 121 7.17 2.98 -6.17
CA GLU C 121 5.93 3.20 -6.88
C GLU C 121 6.12 3.91 -8.21
N VAL C 122 5.13 3.75 -9.08
CA VAL C 122 5.14 4.39 -10.40
C VAL C 122 3.90 5.29 -10.43
N LEU C 123 4.10 6.58 -10.67
CA LEU C 123 3.00 7.54 -10.69
C LEU C 123 2.70 8.07 -12.10
N GLU C 124 1.42 8.37 -12.34
CA GLU C 124 0.94 8.85 -13.64
C GLU C 124 0.79 10.37 -13.73
N GLY C 125 1.36 10.95 -14.78
CA GLY C 125 1.25 12.38 -14.99
C GLY C 125 -0.16 12.78 -15.39
N GLY C 126 -0.84 11.89 -16.11
CA GLY C 126 -2.21 12.13 -16.55
C GLY C 126 -3.27 12.14 -15.46
N SER C 127 -2.88 11.85 -14.22
CA SER C 127 -3.81 11.87 -13.08
C SER C 127 -4.09 13.31 -12.70
N PHE C 128 -3.08 14.16 -12.87
CA PHE C 128 -3.18 15.56 -12.52
C PHE C 128 -3.40 16.51 -13.70
N GLU C 129 -2.89 16.14 -14.86
CA GLU C 129 -2.96 16.99 -16.04
C GLU C 129 -2.95 16.19 -17.34
N ALA C 130 -3.92 16.48 -18.21
CA ALA C 130 -4.04 15.79 -19.50
C ALA C 130 -2.79 15.90 -20.35
N ALA C 131 -2.20 17.08 -20.39
CA ALA C 131 -1.01 17.36 -21.18
C ALA C 131 0.22 16.53 -20.76
N SER C 132 0.21 16.03 -19.51
CA SER C 132 1.32 15.24 -18.98
C SER C 132 1.07 13.73 -18.92
N LYS C 133 0.14 13.23 -19.71
CA LYS C 133 -0.20 11.81 -19.69
C LYS C 133 0.89 10.82 -20.08
N LYS C 134 1.88 11.27 -20.85
CA LYS C 134 2.98 10.40 -21.27
C LYS C 134 4.16 10.44 -20.32
N LYS C 135 4.01 11.19 -19.23
CA LYS C 135 5.05 11.35 -18.23
C LYS C 135 4.78 10.50 -17.00
N ILE C 136 5.78 9.70 -16.59
CA ILE C 136 5.64 8.86 -15.40
C ILE C 136 6.82 9.07 -14.47
N ALA C 137 6.66 8.72 -13.19
CA ALA C 137 7.72 8.86 -12.20
C ALA C 137 8.03 7.53 -11.52
N VAL C 138 9.24 7.04 -11.71
CA VAL C 138 9.72 5.80 -11.10
C VAL C 138 10.40 6.19 -9.77
N VAL C 139 9.74 5.88 -8.66
CA VAL C 139 10.22 6.24 -7.32
C VAL C 139 10.73 5.06 -6.48
N ARG C 140 12.02 5.11 -6.15
CA ARG C 140 12.67 4.06 -5.35
C ARG C 140 13.28 4.60 -4.05
N ARG C 141 13.26 3.77 -3.00
CA ARG C 141 13.82 4.16 -1.70
C ARG C 141 15.35 4.13 -1.66
N GLU C 142 15.95 5.02 -0.85
CA GLU C 142 17.40 5.09 -0.70
C GLU C 142 17.77 5.39 0.75
N PRO C 143 18.97 4.97 1.20
CA PRO C 143 19.43 5.22 2.57
C PRO C 143 19.76 6.70 2.77
N VAL C 144 19.73 7.17 4.02
CA VAL C 144 20.06 8.57 4.30
C VAL C 144 21.57 8.81 4.47
N GLY C 145 22.33 7.73 4.68
CA GLY C 145 23.77 7.87 4.84
C GLY C 145 24.31 7.19 6.09
N LEU C 146 24.83 7.99 7.02
CA LEU C 146 25.36 7.52 8.28
C LEU C 146 24.35 7.79 9.39
N VAL C 147 24.04 6.77 10.17
CA VAL C 147 23.08 6.85 11.27
C VAL C 147 23.79 6.70 12.62
N LEU C 148 23.51 7.64 13.52
CA LEU C 148 24.07 7.58 14.87
C LEU C 148 22.98 7.00 15.75
N ALA C 149 23.24 5.82 16.30
CA ALA C 149 22.30 5.12 17.19
C ALA C 149 22.79 5.17 18.64
N ILE C 150 21.92 5.64 19.54
CA ILE C 150 22.24 5.77 20.95
C ILE C 150 21.19 5.02 21.77
N SER C 151 21.62 3.99 22.51
CA SER C 151 20.71 3.17 23.32
C SER C 151 20.66 3.61 24.80
N PRO C 152 19.62 3.20 25.54
CA PRO C 152 19.42 3.53 26.95
C PRO C 152 19.98 2.47 27.90
N PHE C 153 20.04 2.79 29.20
CA PHE C 153 20.56 1.87 30.21
C PHE C 153 19.64 0.70 30.57
N ASN C 154 18.32 0.89 30.47
CA ASN C 154 17.37 -0.16 30.82
C ASN C 154 17.25 -1.27 29.79
N TYR C 155 17.69 -0.97 28.56
CA TYR C 155 17.68 -1.92 27.44
C TYR C 155 18.84 -1.52 26.53
N PRO C 156 20.08 -1.63 27.04
CA PRO C 156 21.29 -1.27 26.29
C PRO C 156 21.56 -2.07 25.01
N VAL C 157 21.11 -3.32 25.00
CA VAL C 157 21.27 -4.22 23.84
C VAL C 157 20.04 -4.23 22.92
N ASN C 158 18.86 -4.47 23.50
CA ASN C 158 17.61 -4.52 22.75
C ASN C 158 17.28 -3.21 22.03
N LEU C 159 17.35 -2.10 22.75
CA LEU C 159 17.06 -0.81 22.14
C LEU C 159 18.25 -0.22 21.37
N ALA C 160 19.15 -1.10 20.96
CA ALA C 160 20.30 -0.76 20.15
C ALA C 160 20.03 -1.46 18.83
N GLY C 161 19.71 -2.76 18.94
CA GLY C 161 19.41 -3.57 17.77
C GLY C 161 18.20 -3.10 16.98
N SER C 162 17.22 -2.50 17.69
CA SER C 162 16.00 -2.01 17.08
C SER C 162 16.27 -0.77 16.21
N LYS C 163 17.48 -0.23 16.32
CA LYS C 163 17.92 0.94 15.55
C LYS C 163 18.91 0.50 14.47
N ILE C 164 19.87 -0.32 14.88
CA ILE C 164 20.94 -0.85 14.03
C ILE C 164 20.48 -1.72 12.85
N ALA C 165 19.72 -2.78 13.12
CA ALA C 165 19.24 -3.67 12.06
C ALA C 165 18.41 -2.93 10.99
N PRO C 166 17.39 -2.13 11.41
CA PRO C 166 16.56 -1.38 10.45
C PRO C 166 17.36 -0.38 9.60
N ALA C 167 18.44 0.15 10.18
CA ALA C 167 19.31 1.09 9.48
C ALA C 167 20.21 0.37 8.47
N LEU C 168 20.82 -0.73 8.89
CA LEU C 168 21.75 -1.52 8.07
C LEU C 168 21.18 -2.21 6.84
N ILE C 169 19.98 -2.77 6.98
CA ILE C 169 19.32 -3.47 5.87
C ILE C 169 19.00 -2.56 4.68
N ALA C 170 18.71 -1.30 4.98
CA ALA C 170 18.38 -0.29 3.97
C ALA C 170 19.61 0.25 3.21
N GLY C 171 20.80 0.08 3.79
CA GLY C 171 22.01 0.54 3.13
C GLY C 171 22.78 1.64 3.85
N ASN C 172 22.33 2.00 5.05
CA ASN C 172 23.00 3.02 5.85
C ASN C 172 24.15 2.36 6.62
N VAL C 173 25.08 3.17 7.11
CA VAL C 173 26.19 2.67 7.92
C VAL C 173 25.89 3.07 9.36
N ILE C 174 26.53 2.39 10.31
CA ILE C 174 26.25 2.63 11.72
C ILE C 174 27.42 3.01 12.63
N ALA C 175 27.13 3.92 13.56
CA ALA C 175 28.02 4.39 14.61
C ALA C 175 27.14 4.20 15.84
N PHE C 176 27.49 3.23 16.68
CA PHE C 176 26.72 2.90 17.87
C PHE C 176 27.32 3.42 19.18
N LYS C 177 26.52 4.21 19.90
CA LYS C 177 26.92 4.77 21.18
C LYS C 177 26.01 4.26 22.30
N PRO C 178 26.45 3.26 23.08
CA PRO C 178 25.61 2.73 24.16
C PRO C 178 25.75 3.61 25.39
N PRO C 179 24.91 3.40 26.42
CA PRO C 179 25.05 4.24 27.61
C PRO C 179 26.35 3.81 28.33
N THR C 180 27.02 4.72 29.05
CA THR C 180 28.25 4.37 29.75
C THR C 180 27.98 3.21 30.71
N GLN C 181 26.87 3.31 31.45
CA GLN C 181 26.48 2.23 32.34
C GLN C 181 25.70 1.29 31.43
N GLY C 182 26.41 0.34 30.84
CA GLY C 182 25.80 -0.58 29.90
C GLY C 182 26.65 -0.67 28.64
N SER C 183 27.81 0.01 28.65
CA SER C 183 28.73 0.03 27.53
C SER C 183 29.43 -1.31 27.34
N ILE C 184 29.62 -2.08 28.41
CA ILE C 184 30.26 -3.39 28.33
C ILE C 184 29.37 -4.36 27.55
N SER C 185 28.07 -4.31 27.83
CA SER C 185 27.06 -5.14 27.16
C SER C 185 26.95 -4.69 25.71
N GLY C 186 27.08 -3.38 25.48
CA GLY C 186 27.01 -2.84 24.13
C GLY C 186 28.20 -3.35 23.32
N LEU C 187 29.34 -3.49 23.97
CA LEU C 187 30.56 -3.99 23.33
C LEU C 187 30.48 -5.50 23.12
N LEU C 188 29.67 -6.17 23.95
CA LEU C 188 29.47 -7.60 23.79
C LEU C 188 28.59 -7.84 22.55
N LEU C 189 27.68 -6.90 22.29
CA LEU C 189 26.80 -6.97 21.12
C LEU C 189 27.65 -6.74 19.86
N ALA C 190 28.64 -5.85 19.97
CA ALA C 190 29.53 -5.54 18.87
C ALA C 190 30.36 -6.75 18.40
N GLU C 191 30.64 -7.67 19.33
CA GLU C 191 31.44 -8.86 19.01
C GLU C 191 30.73 -9.75 18.00
N ALA C 192 29.41 -9.84 18.11
CA ALA C 192 28.59 -10.63 17.20
C ALA C 192 28.68 -10.05 15.78
N PHE C 193 28.68 -8.72 15.69
CA PHE C 193 28.79 -8.04 14.40
C PHE C 193 30.18 -8.29 13.81
N ALA C 194 31.20 -8.31 14.68
CA ALA C 194 32.57 -8.54 14.25
C ALA C 194 32.74 -9.99 13.76
N GLU C 195 32.18 -10.94 14.49
CA GLU C 195 32.27 -12.34 14.12
C GLU C 195 31.48 -12.69 12.85
N ALA C 196 30.40 -11.95 12.60
CA ALA C 196 29.56 -12.18 11.42
C ALA C 196 30.31 -11.78 10.14
N GLY C 197 31.35 -10.98 10.30
CA GLY C 197 32.16 -10.57 9.17
C GLY C 197 31.70 -9.44 8.27
N LEU C 198 30.92 -8.49 8.79
CA LEU C 198 30.48 -7.37 7.97
C LEU C 198 31.71 -6.57 7.57
N PRO C 199 31.71 -5.98 6.36
CA PRO C 199 32.84 -5.18 5.86
C PRO C 199 33.30 -4.13 6.87
N ALA C 200 34.59 -3.81 6.80
CA ALA C 200 35.21 -2.84 7.70
C ALA C 200 34.60 -1.45 7.52
N GLY C 201 34.18 -0.86 8.63
CA GLY C 201 33.60 0.47 8.60
C GLY C 201 32.09 0.58 8.57
N VAL C 202 31.36 -0.47 8.19
CA VAL C 202 29.89 -0.40 8.15
C VAL C 202 29.25 -0.36 9.55
N PHE C 203 29.89 -1.01 10.52
CA PHE C 203 29.40 -1.03 11.89
C PHE C 203 30.57 -0.66 12.81
N ASN C 204 30.37 0.36 13.64
CA ASN C 204 31.40 0.81 14.56
C ASN C 204 30.76 1.20 15.89
N THR C 205 31.57 1.20 16.95
CA THR C 205 31.09 1.59 18.28
C THR C 205 31.83 2.83 18.79
N ILE C 206 31.20 3.54 19.73
CA ILE C 206 31.76 4.73 20.36
C ILE C 206 31.45 4.70 21.87
N THR C 207 32.46 4.98 22.69
CA THR C 207 32.27 5.03 24.14
C THR C 207 33.10 6.20 24.68
N GLY C 208 32.61 6.84 25.73
CA GLY C 208 33.33 7.97 26.31
C GLY C 208 32.50 8.77 27.29
N ARG C 209 33.02 9.92 27.70
CA ARG C 209 32.36 10.79 28.65
C ARG C 209 31.52 11.87 27.97
N GLY C 210 30.32 12.09 28.51
CA GLY C 210 29.39 13.07 27.97
C GLY C 210 29.93 14.48 27.82
N SER C 211 30.74 14.94 28.77
CA SER C 211 31.29 16.29 28.70
C SER C 211 32.40 16.43 27.68
N GLU C 212 32.86 15.30 27.13
CA GLU C 212 33.92 15.33 26.13
C GLU C 212 33.41 15.09 24.71
N ILE C 213 32.50 14.14 24.53
CA ILE C 213 31.99 13.83 23.19
C ILE C 213 30.47 13.89 23.03
N GLY C 214 29.77 14.28 24.10
CA GLY C 214 28.31 14.35 24.06
C GLY C 214 27.70 15.13 22.91
N ASP C 215 27.96 16.44 22.86
CA ASP C 215 27.43 17.29 21.80
C ASP C 215 28.15 17.02 20.49
N TYR C 216 29.44 16.72 20.60
CA TYR C 216 30.30 16.46 19.45
C TYR C 216 29.78 15.37 18.51
N ILE C 217 29.37 14.23 19.06
CA ILE C 217 28.88 13.13 18.23
C ILE C 217 27.60 13.45 17.48
N VAL C 218 26.79 14.36 18.03
CA VAL C 218 25.52 14.76 17.43
C VAL C 218 25.66 15.88 16.41
N GLU C 219 26.46 16.89 16.76
CA GLU C 219 26.68 18.04 15.90
C GLU C 219 27.50 17.77 14.64
N HIS C 220 28.27 16.69 14.65
CA HIS C 220 29.14 16.31 13.53
C HIS C 220 28.40 16.24 12.19
N GLN C 221 28.96 16.92 11.19
CA GLN C 221 28.40 16.98 9.84
C GLN C 221 28.29 15.64 9.14
N ALA C 222 29.11 14.68 9.55
CA ALA C 222 29.09 13.35 8.94
C ALA C 222 27.80 12.60 9.23
N VAL C 223 27.16 12.92 10.35
CA VAL C 223 25.93 12.28 10.77
C VAL C 223 24.69 12.78 9.98
N ASN C 224 23.97 11.86 9.38
CA ASN C 224 22.77 12.16 8.59
C ASN C 224 21.43 11.90 9.30
N PHE C 225 21.46 11.14 10.39
CA PHE C 225 20.26 10.80 11.14
C PHE C 225 20.69 10.45 12.57
N ILE C 226 19.89 10.90 13.56
CA ILE C 226 20.17 10.61 14.97
C ILE C 226 18.98 9.87 15.57
N ASN C 227 19.20 8.61 15.94
CA ASN C 227 18.18 7.75 16.53
C ASN C 227 18.53 7.60 18.00
N PHE C 228 17.68 8.11 18.90
CA PHE C 228 17.98 8.08 20.33
C PHE C 228 16.84 7.72 21.27
N THR C 229 17.21 7.08 22.38
CA THR C 229 16.27 6.69 23.44
C THR C 229 16.93 7.12 24.75
N GLY C 230 16.24 7.96 25.52
CA GLY C 230 16.77 8.44 26.78
C GLY C 230 15.86 9.47 27.42
N SER C 231 16.44 10.43 28.14
CA SER C 231 15.67 11.47 28.84
C SER C 231 15.13 12.59 27.95
N THR C 232 14.01 13.16 28.37
CA THR C 232 13.35 14.26 27.62
C THR C 232 14.24 15.49 27.45
N GLY C 233 14.97 15.85 28.50
CA GLY C 233 15.85 17.01 28.44
C GLY C 233 16.90 16.85 27.36
N ILE C 234 17.57 15.70 27.36
CA ILE C 234 18.61 15.42 26.36
C ILE C 234 17.98 15.32 24.98
N GLY C 235 16.80 14.72 24.91
CA GLY C 235 16.09 14.59 23.64
C GLY C 235 15.78 15.93 23.00
N GLU C 236 15.32 16.89 23.81
CA GLU C 236 14.99 18.23 23.32
C GLU C 236 16.23 18.89 22.73
N ARG C 237 17.33 18.72 23.45
CA ARG C 237 18.63 19.25 23.10
C ARG C 237 19.14 18.64 21.78
N ILE C 238 18.94 17.35 21.61
CA ILE C 238 19.37 16.65 20.40
C ILE C 238 18.58 17.15 19.20
N GLY C 239 17.29 17.40 19.43
CA GLY C 239 16.43 17.89 18.35
C GLY C 239 16.91 19.22 17.81
N LYS C 240 17.35 20.07 18.74
CA LYS C 240 17.85 21.40 18.40
C LYS C 240 19.21 21.30 17.72
N MET C 241 20.08 20.42 18.23
CA MET C 241 21.41 20.22 17.66
C MET C 241 21.34 19.55 16.28
N ALA C 242 20.25 18.84 16.00
CA ALA C 242 20.06 18.17 14.72
C ALA C 242 19.89 19.17 13.57
N GLY C 243 19.38 20.36 13.89
CA GLY C 243 19.17 21.39 12.88
C GLY C 243 17.94 21.03 12.06
N MET C 244 18.15 20.73 10.79
CA MET C 244 17.05 20.33 9.90
C MET C 244 17.24 18.88 9.45
N ARG C 245 18.15 18.17 10.11
CA ARG C 245 18.44 16.77 9.82
C ARG C 245 17.38 15.91 10.48
N PRO C 246 17.02 14.76 9.87
CA PRO C 246 16.00 13.85 10.42
C PRO C 246 16.41 13.19 11.74
N ILE C 247 15.43 12.97 12.61
CA ILE C 247 15.68 12.34 13.91
C ILE C 247 14.58 11.35 14.32
N MET C 248 14.89 10.58 15.36
CA MET C 248 13.97 9.61 15.95
C MET C 248 14.27 9.69 17.45
N LEU C 249 13.27 10.00 18.25
CA LEU C 249 13.44 10.11 19.69
C LEU C 249 12.34 9.41 20.47
N GLU C 250 12.74 8.68 21.51
CA GLU C 250 11.79 8.03 22.40
C GLU C 250 12.21 8.57 23.75
N LEU C 251 11.39 9.44 24.33
CA LEU C 251 11.70 10.08 25.59
C LEU C 251 10.83 9.58 26.76
N GLY C 252 10.61 10.43 27.75
CA GLY C 252 9.82 10.04 28.90
C GLY C 252 8.37 9.64 28.71
N GLY C 253 7.76 9.18 29.80
CA GLY C 253 6.37 8.77 29.78
C GLY C 253 5.75 8.83 31.16
N LYS C 254 4.42 8.96 31.20
CA LYS C 254 3.65 8.99 32.44
C LYS C 254 2.33 8.35 32.08
N ASP C 255 2.42 7.15 31.49
CA ASP C 255 1.26 6.38 31.05
C ASP C 255 0.20 6.26 32.13
N SER C 256 -1.05 6.51 31.75
CA SER C 256 -2.15 6.41 32.68
C SER C 256 -3.01 5.19 32.38
N ALA C 257 -3.61 4.62 33.42
CA ALA C 257 -4.50 3.49 33.28
C ALA C 257 -5.87 3.99 33.70
N ILE C 258 -6.76 4.19 32.72
CA ILE C 258 -8.11 4.68 32.97
C ILE C 258 -9.01 3.48 33.29
N VAL C 259 -9.61 3.48 34.48
CA VAL C 259 -10.47 2.38 34.94
C VAL C 259 -11.94 2.79 35.12
N LEU C 260 -12.82 2.28 34.26
CA LEU C 260 -14.24 2.61 34.33
C LEU C 260 -14.99 1.71 35.31
N GLU C 261 -16.22 2.12 35.65
CA GLU C 261 -17.06 1.37 36.59
C GLU C 261 -17.44 -0.06 36.19
N ASP C 262 -17.42 -0.36 34.89
CA ASP C 262 -17.76 -1.71 34.41
C ASP C 262 -16.56 -2.59 34.13
N ALA C 263 -15.38 -2.16 34.58
CA ALA C 263 -14.15 -2.91 34.36
C ALA C 263 -14.08 -4.20 35.16
N ASP C 264 -13.25 -5.13 34.68
CA ASP C 264 -13.00 -6.40 35.37
C ASP C 264 -11.82 -6.03 36.30
N LEU C 265 -12.11 -5.84 37.58
CA LEU C 265 -11.11 -5.43 38.55
C LEU C 265 -9.94 -6.38 38.84
N GLU C 266 -10.15 -7.68 38.71
CA GLU C 266 -9.08 -8.64 38.97
C GLU C 266 -8.06 -8.56 37.85
N LEU C 267 -8.55 -8.58 36.61
CA LEU C 267 -7.71 -8.48 35.43
C LEU C 267 -7.00 -7.12 35.42
N THR C 268 -7.72 -6.07 35.82
CA THR C 268 -7.19 -4.71 35.89
C THR C 268 -6.04 -4.65 36.89
N ALA C 269 -6.27 -5.19 38.08
CA ALA C 269 -5.27 -5.21 39.13
C ALA C 269 -3.99 -5.94 38.70
N LYS C 270 -4.15 -7.11 38.07
CA LYS C 270 -3.00 -7.89 37.62
C LYS C 270 -2.18 -7.18 36.56
N ASN C 271 -2.85 -6.58 35.58
CA ASN C 271 -2.16 -5.86 34.52
C ASN C 271 -1.44 -4.60 35.01
N ILE C 272 -2.04 -3.91 35.97
CA ILE C 272 -1.46 -2.70 36.54
C ILE C 272 -0.19 -3.02 37.34
N ILE C 273 -0.24 -4.12 38.10
CA ILE C 273 0.89 -4.55 38.92
C ILE C 273 2.09 -4.90 38.02
N ALA C 274 1.83 -5.67 36.97
CA ALA C 274 2.85 -6.09 36.03
C ALA C 274 3.46 -4.91 35.30
N GLY C 275 2.61 -4.04 34.77
CA GLY C 275 3.08 -2.88 34.03
C GLY C 275 3.78 -1.83 34.86
N ALA C 276 3.33 -1.63 36.09
CA ALA C 276 3.92 -0.62 36.97
C ALA C 276 5.23 -0.99 37.66
N PHE C 277 5.39 -2.26 38.05
CA PHE C 277 6.60 -2.68 38.77
C PHE C 277 7.68 -3.43 38.01
N GLY C 278 7.45 -3.73 36.74
CA GLY C 278 8.47 -4.42 35.96
C GLY C 278 9.77 -3.64 35.97
N TYR C 279 10.86 -4.36 36.25
CA TYR C 279 12.21 -3.78 36.32
C TYR C 279 12.26 -2.58 37.30
N SER C 280 11.53 -2.71 38.41
CA SER C 280 11.47 -1.68 39.45
C SER C 280 10.92 -0.33 38.99
N GLY C 281 10.12 -0.32 37.92
CA GLY C 281 9.54 0.91 37.41
C GLY C 281 10.44 1.69 36.47
N GLN C 282 11.59 1.13 36.13
CA GLN C 282 12.55 1.78 35.24
C GLN C 282 12.27 1.56 33.75
N ARG C 283 11.06 1.91 33.32
CA ARG C 283 10.63 1.77 31.92
C ARG C 283 9.82 2.98 31.46
N CYS C 284 9.98 3.38 30.20
CA CYS C 284 9.24 4.52 29.64
C CYS C 284 7.78 4.14 29.40
N THR C 285 7.56 2.91 28.92
CA THR C 285 6.21 2.40 28.69
C THR C 285 5.85 1.56 29.90
N ALA C 286 5.26 2.21 30.89
CA ALA C 286 4.86 1.57 32.13
C ALA C 286 3.70 2.35 32.70
N VAL C 287 2.78 1.66 33.35
CA VAL C 287 1.63 2.31 33.97
C VAL C 287 2.21 3.15 35.10
N LYS C 288 2.14 4.47 34.96
CA LYS C 288 2.67 5.36 35.99
C LYS C 288 1.64 6.15 36.83
N ARG C 289 0.35 6.00 36.53
CA ARG C 289 -0.73 6.66 37.27
C ARG C 289 -2.08 6.02 36.96
N VAL C 290 -2.88 5.78 38.00
CA VAL C 290 -4.20 5.18 37.84
C VAL C 290 -5.31 6.20 38.04
N LEU C 291 -6.15 6.36 37.03
CA LEU C 291 -7.28 7.30 37.06
C LEU C 291 -8.54 6.43 37.10
N VAL C 292 -8.99 6.12 38.32
CA VAL C 292 -10.12 5.24 38.55
C VAL C 292 -11.40 5.94 39.04
N MET C 293 -12.55 5.51 38.51
CA MET C 293 -13.84 6.06 38.92
C MET C 293 -14.05 5.73 40.39
N GLU C 294 -14.42 6.74 41.17
CA GLU C 294 -14.63 6.62 42.61
C GLU C 294 -15.39 5.38 43.11
N SER C 295 -16.49 5.04 42.45
CA SER C 295 -17.31 3.90 42.88
C SER C 295 -16.62 2.53 42.93
N VAL C 296 -15.54 2.35 42.18
CA VAL C 296 -14.82 1.08 42.18
C VAL C 296 -13.37 1.20 42.70
N ALA C 297 -13.00 2.40 43.15
CA ALA C 297 -11.66 2.66 43.63
C ALA C 297 -11.20 1.82 44.83
N ASP C 298 -11.97 1.84 45.91
CA ASP C 298 -11.62 1.09 47.12
C ASP C 298 -11.31 -0.38 46.85
N GLU C 299 -12.16 -1.04 46.06
CA GLU C 299 -11.98 -2.45 45.73
C GLU C 299 -10.73 -2.72 44.90
N LEU C 300 -10.45 -1.84 43.94
CA LEU C 300 -9.27 -2.01 43.10
C LEU C 300 -7.97 -1.80 43.89
N VAL C 301 -7.96 -0.78 44.75
CA VAL C 301 -6.79 -0.46 45.56
C VAL C 301 -6.37 -1.61 46.51
N GLU C 302 -7.35 -2.35 47.03
CA GLU C 302 -7.06 -3.47 47.93
C GLU C 302 -6.41 -4.64 47.18
N LYS C 303 -6.88 -4.91 45.96
CA LYS C 303 -6.32 -5.98 45.13
C LYS C 303 -4.85 -5.64 44.83
N ILE C 304 -4.63 -4.41 44.38
CA ILE C 304 -3.30 -3.91 44.05
C ILE C 304 -2.39 -3.93 45.28
N ARG C 305 -2.95 -3.56 46.43
CA ARG C 305 -2.20 -3.53 47.69
C ARG C 305 -1.62 -4.91 48.01
N GLU C 306 -2.48 -5.92 47.96
CA GLU C 306 -2.08 -7.28 48.25
C GLU C 306 -1.07 -7.85 47.27
N LYS C 307 -1.24 -7.54 45.99
CA LYS C 307 -0.32 -8.03 44.96
C LYS C 307 1.08 -7.44 45.08
N VAL C 308 1.16 -6.20 45.58
CA VAL C 308 2.45 -5.54 45.78
C VAL C 308 3.24 -6.29 46.86
N LEU C 309 2.53 -6.78 47.87
CA LEU C 309 3.17 -7.52 48.96
C LEU C 309 3.71 -8.90 48.55
N ALA C 310 3.31 -9.39 47.39
CA ALA C 310 3.77 -10.70 46.90
C ALA C 310 5.01 -10.59 46.01
N LEU C 311 5.37 -9.36 45.64
CA LEU C 311 6.53 -9.12 44.79
C LEU C 311 7.81 -9.49 45.54
N THR C 312 8.77 -10.07 44.81
CA THR C 312 10.03 -10.44 45.43
C THR C 312 10.96 -9.23 45.36
N ILE C 313 11.82 -9.08 46.36
CA ILE C 313 12.75 -7.96 46.45
C ILE C 313 14.13 -8.52 46.71
N GLY C 314 15.12 -8.07 45.96
CA GLY C 314 16.46 -8.59 46.18
C GLY C 314 17.47 -8.41 45.06
N ASN C 315 18.37 -9.39 44.94
CA ASN C 315 19.44 -9.36 43.94
C ASN C 315 19.12 -9.89 42.55
N PRO C 316 19.83 -9.38 41.52
CA PRO C 316 19.67 -9.76 40.11
C PRO C 316 19.82 -11.27 39.90
N GLU C 317 20.81 -11.87 40.56
CA GLU C 317 21.06 -13.29 40.43
C GLU C 317 19.91 -14.16 40.95
N ASP C 318 19.06 -13.58 41.81
CA ASP C 318 17.94 -14.33 42.37
C ASP C 318 16.64 -14.09 41.59
N ASP C 319 16.73 -13.33 40.50
CA ASP C 319 15.58 -13.04 39.66
C ASP C 319 14.44 -12.32 40.40
N ALA C 320 14.81 -11.46 41.34
CA ALA C 320 13.81 -10.71 42.12
C ALA C 320 13.03 -9.75 41.22
N ASP C 321 11.78 -9.50 41.59
CA ASP C 321 10.92 -8.58 40.84
C ASP C 321 11.46 -7.16 40.99
N ILE C 322 11.79 -6.80 42.23
CA ILE C 322 12.32 -5.49 42.57
C ILE C 322 13.81 -5.61 42.87
N THR C 323 14.63 -5.03 41.99
CA THR C 323 16.08 -5.03 42.12
C THR C 323 16.55 -3.62 42.50
N PRO C 324 17.83 -3.46 42.89
CA PRO C 324 18.33 -2.13 43.25
C PRO C 324 18.29 -1.20 42.03
N LEU C 325 18.05 0.08 42.28
CA LEU C 325 18.00 1.07 41.21
C LEU C 325 19.38 1.32 40.61
N ILE C 326 19.40 1.80 39.36
CA ILE C 326 20.61 2.04 38.60
C ILE C 326 21.76 2.76 39.31
N ASP C 327 21.44 3.81 40.06
CA ASP C 327 22.46 4.56 40.81
C ASP C 327 21.86 5.30 41.98
N THR C 328 22.73 5.87 42.81
CA THR C 328 22.35 6.60 44.02
C THR C 328 21.50 7.84 43.75
N LYS C 329 21.89 8.58 42.72
CA LYS C 329 21.20 9.79 42.31
C LYS C 329 19.73 9.48 41.97
N SER C 330 19.50 8.34 41.34
CA SER C 330 18.14 7.91 40.98
C SER C 330 17.29 7.61 42.22
N ALA C 331 17.83 6.81 43.13
CA ALA C 331 17.13 6.45 44.36
C ALA C 331 16.82 7.72 45.17
N ASP C 332 17.77 8.66 45.19
CA ASP C 332 17.58 9.92 45.92
C ASP C 332 16.38 10.68 45.36
N TYR C 333 16.26 10.69 44.04
CA TYR C 333 15.16 11.37 43.37
C TYR C 333 13.81 10.73 43.69
N VAL C 334 13.74 9.40 43.56
CA VAL C 334 12.52 8.65 43.85
C VAL C 334 12.11 8.88 45.30
N GLU C 335 13.10 8.94 46.17
CA GLU C 335 12.87 9.17 47.60
C GLU C 335 12.24 10.54 47.83
N GLY C 336 12.69 11.55 47.10
CA GLY C 336 12.13 12.89 47.23
C GLY C 336 10.68 12.98 46.80
N LEU C 337 10.28 12.13 45.85
CA LEU C 337 8.89 12.13 45.36
C LEU C 337 7.98 11.44 46.40
N ILE C 338 8.54 10.45 47.10
CA ILE C 338 7.83 9.70 48.14
C ILE C 338 7.55 10.58 49.36
N ASN C 339 8.50 11.45 49.70
CA ASN C 339 8.36 12.37 50.81
C ASN C 339 7.33 13.43 50.50
N ASP C 340 7.37 14.00 49.29
CA ASP C 340 6.43 15.04 48.89
C ASP C 340 4.99 14.55 49.04
N ALA C 341 4.71 13.39 48.47
CA ALA C 341 3.37 12.82 48.52
C ALA C 341 2.94 12.50 49.95
N ASN C 342 3.81 11.82 50.70
CA ASN C 342 3.51 11.45 52.08
C ASN C 342 3.32 12.68 52.99
N ASP C 343 4.13 13.71 52.78
CA ASP C 343 4.02 14.91 53.58
C ASP C 343 2.80 15.77 53.18
N LYS C 344 2.35 15.64 51.94
CA LYS C 344 1.20 16.39 51.44
C LYS C 344 -0.16 15.74 51.74
N GLY C 345 -0.15 14.54 52.32
CA GLY C 345 -1.40 13.88 52.65
C GLY C 345 -1.77 12.56 52.00
N ALA C 346 -1.04 12.11 50.99
CA ALA C 346 -1.37 10.84 50.33
C ALA C 346 -1.31 9.69 51.34
N THR C 347 -2.00 8.60 51.03
CA THR C 347 -2.05 7.43 51.90
C THR C 347 -1.19 6.27 51.39
N ALA C 348 -0.06 6.05 52.06
CA ALA C 348 0.85 4.96 51.68
C ALA C 348 0.29 3.65 52.19
N LEU C 349 0.09 2.69 51.28
CA LEU C 349 -0.47 1.40 51.64
C LEU C 349 0.55 0.26 51.76
N THR C 350 1.82 0.61 51.69
CA THR C 350 2.93 -0.33 51.82
C THR C 350 4.05 0.47 52.46
N GLU C 351 4.90 -0.19 53.24
CA GLU C 351 5.99 0.51 53.93
C GLU C 351 7.04 1.18 53.06
N ILE C 352 7.56 2.29 53.59
CA ILE C 352 8.60 3.06 52.95
C ILE C 352 9.93 2.52 53.48
N LYS C 353 10.74 1.95 52.61
CA LYS C 353 12.02 1.38 53.01
C LYS C 353 13.08 1.45 51.92
N ARG C 354 14.29 1.79 52.32
CA ARG C 354 15.43 1.88 51.41
C ARG C 354 16.71 1.40 52.10
N GLU C 355 17.41 0.47 51.46
CA GLU C 355 18.67 -0.06 51.97
C GLU C 355 19.58 0.03 50.77
N GLY C 356 20.58 0.90 50.86
CA GLY C 356 21.49 1.09 49.73
C GLY C 356 20.67 1.81 48.67
N ASN C 357 20.61 1.24 47.46
CA ASN C 357 19.82 1.85 46.39
C ASN C 357 18.61 1.00 46.07
N LEU C 358 18.29 0.08 46.98
CA LEU C 358 17.15 -0.82 46.84
C LEU C 358 15.95 -0.24 47.58
N ILE C 359 14.96 0.21 46.83
CA ILE C 359 13.74 0.79 47.37
C ILE C 359 12.64 -0.24 47.23
N CYS C 360 11.99 -0.58 48.35
CA CYS C 360 10.89 -1.54 48.34
C CYS C 360 9.69 -0.92 47.60
N PRO C 361 8.88 -1.74 46.91
CA PRO C 361 7.71 -1.27 46.15
C PRO C 361 6.68 -0.57 47.02
N ILE C 362 6.14 0.55 46.53
CA ILE C 362 5.15 1.29 47.30
C ILE C 362 3.93 1.79 46.52
N LEU C 363 2.75 1.63 47.14
CA LEU C 363 1.47 2.04 46.58
C LEU C 363 0.94 3.26 47.35
N PHE C 364 0.61 4.33 46.61
CA PHE C 364 0.09 5.55 47.20
C PHE C 364 -1.34 5.84 46.76
N ASP C 365 -2.26 5.89 47.72
CA ASP C 365 -3.67 6.17 47.44
C ASP C 365 -3.92 7.63 47.76
N LYS C 366 -5.06 8.16 47.29
CA LYS C 366 -5.47 9.54 47.52
C LYS C 366 -4.50 10.59 46.98
N VAL C 367 -3.96 10.34 45.79
CA VAL C 367 -3.03 11.30 45.19
C VAL C 367 -3.81 12.40 44.48
N THR C 368 -3.36 13.64 44.65
CA THR C 368 -4.02 14.79 44.04
C THR C 368 -3.09 15.43 43.02
N THR C 369 -3.67 16.16 42.07
CA THR C 369 -2.92 16.84 41.02
C THR C 369 -1.99 17.93 41.52
N ASP C 370 -2.06 18.17 42.82
CA ASP C 370 -1.22 19.19 43.46
C ASP C 370 0.08 18.58 43.97
N MET C 371 0.23 17.27 43.80
CA MET C 371 1.44 16.55 44.23
C MET C 371 2.36 16.25 43.06
N ARG C 372 3.67 16.29 43.31
CA ARG C 372 4.68 16.02 42.30
C ARG C 372 4.54 14.63 41.68
N LEU C 373 4.19 13.65 42.52
CA LEU C 373 4.03 12.26 42.09
C LEU C 373 2.92 12.06 41.05
N ALA C 374 2.01 13.03 40.97
CA ALA C 374 0.91 12.97 40.01
C ALA C 374 1.35 13.30 38.56
N TRP C 375 2.48 13.98 38.41
CA TRP C 375 2.96 14.38 37.09
C TRP C 375 4.39 13.95 36.69
N GLU C 376 5.32 13.98 37.64
CA GLU C 376 6.72 13.61 37.38
C GLU C 376 7.00 12.12 37.20
N GLU C 377 7.80 11.78 36.18
CA GLU C 377 8.22 10.39 35.91
C GLU C 377 9.30 10.05 36.93
N PRO C 378 9.00 9.10 37.84
CA PRO C 378 9.94 8.68 38.88
C PRO C 378 11.08 7.76 38.46
N PHE C 379 10.73 6.71 37.72
CA PHE C 379 11.67 5.68 37.30
C PHE C 379 12.09 4.91 38.56
N GLY C 380 11.09 4.53 39.35
CA GLY C 380 11.27 3.79 40.60
C GLY C 380 10.00 3.03 40.94
N PRO C 381 10.05 2.09 41.91
CA PRO C 381 8.86 1.31 42.29
C PRO C 381 7.82 2.03 43.15
N VAL C 382 7.19 3.07 42.58
CA VAL C 382 6.18 3.84 43.31
C VAL C 382 4.98 4.15 42.39
N LEU C 383 3.79 3.73 42.81
CA LEU C 383 2.56 3.92 42.01
C LEU C 383 1.46 4.74 42.69
N PRO C 384 1.04 5.85 42.06
CA PRO C 384 0.00 6.74 42.56
C PRO C 384 -1.41 6.45 42.03
N ILE C 385 -2.40 6.46 42.93
CA ILE C 385 -3.79 6.24 42.58
C ILE C 385 -4.56 7.58 42.69
N ILE C 386 -5.15 8.03 41.58
CA ILE C 386 -5.91 9.28 41.52
C ILE C 386 -7.39 8.97 41.19
N ARG C 387 -8.28 9.31 42.11
CA ARG C 387 -9.72 9.05 41.92
C ARG C 387 -10.45 10.15 41.15
N VAL C 388 -11.35 9.74 40.27
CA VAL C 388 -12.15 10.68 39.46
C VAL C 388 -13.65 10.40 39.60
N THR C 389 -14.48 11.33 39.13
CA THR C 389 -15.93 11.17 39.22
C THR C 389 -16.61 11.07 37.86
N SER C 390 -15.83 11.21 36.79
CA SER C 390 -16.37 11.11 35.44
C SER C 390 -15.26 10.78 34.44
N VAL C 391 -15.65 10.16 33.33
CA VAL C 391 -14.71 9.80 32.28
C VAL C 391 -14.12 11.07 31.66
N GLU C 392 -14.93 12.12 31.63
CA GLU C 392 -14.50 13.41 31.08
C GLU C 392 -13.37 13.99 31.92
N GLU C 393 -13.47 13.83 33.24
CA GLU C 393 -12.43 14.32 34.14
C GLU C 393 -11.15 13.51 33.95
N ALA C 394 -11.29 12.20 33.77
CA ALA C 394 -10.14 11.31 33.56
C ALA C 394 -9.37 11.71 32.31
N ILE C 395 -10.11 12.07 31.26
CA ILE C 395 -9.52 12.48 29.97
C ILE C 395 -8.78 13.81 30.09
N GLU C 396 -9.32 14.73 30.88
CA GLU C 396 -8.70 16.04 31.06
C GLU C 396 -7.37 15.93 31.83
N ILE C 397 -7.38 15.18 32.93
CA ILE C 397 -6.19 14.98 33.76
C ILE C 397 -5.07 14.28 32.97
N SER C 398 -5.48 13.29 32.17
CA SER C 398 -4.56 12.52 31.35
C SER C 398 -3.87 13.41 30.31
N ASN C 399 -4.67 14.11 29.52
CA ASN C 399 -4.13 15.00 28.48
C ASN C 399 -3.42 16.23 29.05
N LYS C 400 -3.61 16.48 30.34
CA LYS C 400 -3.00 17.63 31.00
C LYS C 400 -1.48 17.44 31.14
N SER C 401 -1.04 16.19 31.10
CA SER C 401 0.37 15.85 31.21
C SER C 401 1.15 16.30 29.98
N GLU C 402 2.45 16.52 30.15
CA GLU C 402 3.33 16.95 29.05
C GLU C 402 3.77 15.74 28.21
N TYR C 403 3.58 14.53 28.78
CA TYR C 403 3.95 13.28 28.14
C TYR C 403 2.76 12.67 27.40
N GLY C 404 3.06 11.81 26.42
CA GLY C 404 2.00 11.15 25.67
C GLY C 404 2.47 9.92 24.92
N LEU C 405 3.03 8.96 25.64
CA LEU C 405 3.53 7.74 25.03
C LEU C 405 2.39 6.73 24.74
N GLN C 406 1.80 6.18 25.80
CA GLN C 406 0.72 5.21 25.65
C GLN C 406 -0.31 5.34 26.78
N ALA C 407 -1.40 4.58 26.67
CA ALA C 407 -2.45 4.60 27.69
C ALA C 407 -3.24 3.29 27.70
N SER C 408 -3.84 2.97 28.84
CA SER C 408 -4.67 1.77 29.02
C SER C 408 -6.08 2.17 29.39
N ILE C 409 -7.06 1.43 28.92
CA ILE C 409 -8.46 1.69 29.27
C ILE C 409 -9.08 0.36 29.67
N PHE C 410 -9.52 0.27 30.92
CA PHE C 410 -10.15 -0.95 31.41
C PHE C 410 -11.66 -0.75 31.49
N THR C 411 -12.38 -1.44 30.61
CA THR C 411 -13.85 -1.35 30.50
C THR C 411 -14.39 -2.50 29.65
N ASN C 412 -15.70 -2.70 29.69
CA ASN C 412 -16.34 -3.75 28.89
C ASN C 412 -17.11 -3.16 27.70
N ASP C 413 -17.08 -1.83 27.59
CA ASP C 413 -17.75 -1.10 26.52
C ASP C 413 -16.70 -0.66 25.49
N PHE C 414 -16.53 -1.44 24.44
CA PHE C 414 -15.54 -1.12 23.39
C PHE C 414 -15.82 0.09 22.51
N PRO C 415 -17.05 0.24 22.01
CA PRO C 415 -17.35 1.41 21.16
C PRO C 415 -17.02 2.70 21.92
N ARG C 416 -17.30 2.69 23.22
CA ARG C 416 -17.01 3.84 24.07
C ARG C 416 -15.50 3.98 24.27
N ALA C 417 -14.82 2.85 24.44
CA ALA C 417 -13.36 2.84 24.61
C ALA C 417 -12.65 3.40 23.38
N PHE C 418 -13.23 3.13 22.21
CA PHE C 418 -12.65 3.64 20.96
C PHE C 418 -12.82 5.15 20.91
N GLY C 419 -13.96 5.63 21.41
CA GLY C 419 -14.24 7.06 21.43
C GLY C 419 -13.30 7.80 22.36
N ILE C 420 -13.07 7.23 23.54
CA ILE C 420 -12.16 7.81 24.53
C ILE C 420 -10.76 7.84 23.93
N ALA C 421 -10.36 6.73 23.32
CA ALA C 421 -9.04 6.57 22.69
C ALA C 421 -8.74 7.66 21.66
N GLU C 422 -9.77 8.10 20.94
CA GLU C 422 -9.60 9.15 19.93
C GLU C 422 -9.28 10.49 20.60
N GLN C 423 -9.70 10.63 21.85
CA GLN C 423 -9.49 11.86 22.62
C GLN C 423 -8.17 11.93 23.37
N LEU C 424 -7.59 10.76 23.67
CA LEU C 424 -6.34 10.69 24.39
C LEU C 424 -5.13 11.08 23.52
N GLU C 425 -4.33 12.01 24.03
CA GLU C 425 -3.15 12.48 23.33
C GLU C 425 -1.94 11.59 23.56
N VAL C 426 -2.00 10.39 22.98
CA VAL C 426 -0.95 9.39 23.09
C VAL C 426 -0.75 8.70 21.74
N GLY C 427 0.32 7.90 21.63
CA GLY C 427 0.58 7.18 20.40
C GLY C 427 -0.22 5.89 20.34
N THR C 428 -0.19 5.11 21.42
CA THR C 428 -0.90 3.83 21.49
C THR C 428 -1.84 3.70 22.69
N VAL C 429 -2.99 3.09 22.45
CA VAL C 429 -3.98 2.84 23.50
C VAL C 429 -4.27 1.35 23.59
N HIS C 430 -4.06 0.79 24.78
CA HIS C 430 -4.33 -0.62 25.03
C HIS C 430 -5.66 -0.80 25.76
N ILE C 431 -6.55 -1.59 25.18
CA ILE C 431 -7.85 -1.83 25.80
C ILE C 431 -7.79 -3.12 26.62
N ASN C 432 -8.04 -3.00 27.92
CA ASN C 432 -8.02 -4.12 28.86
C ASN C 432 -6.68 -4.84 28.92
N ASN C 433 -5.61 -4.06 28.88
CA ASN C 433 -4.26 -4.58 28.96
C ASN C 433 -3.31 -3.45 29.31
N LYS C 434 -2.18 -3.82 29.93
CA LYS C 434 -1.18 -2.83 30.32
C LYS C 434 -0.42 -2.34 29.09
N THR C 435 0.20 -1.16 29.23
CA THR C 435 0.97 -0.57 28.15
C THR C 435 2.24 -1.39 27.89
N GLN C 436 2.79 -1.27 26.68
CA GLN C 436 3.99 -2.02 26.31
C GLN C 436 4.37 -1.76 24.85
N ARG C 437 5.64 -1.96 24.51
CA ARG C 437 6.10 -1.79 23.13
C ARG C 437 5.56 -2.99 22.34
N GLY C 438 5.08 -3.98 23.10
CA GLY C 438 4.50 -5.22 22.61
C GLY C 438 4.32 -5.44 21.13
N THR C 439 5.03 -6.45 20.62
CA THR C 439 5.05 -6.86 19.22
C THR C 439 5.76 -5.74 18.50
N ASP C 440 7.03 -5.98 18.22
CA ASP C 440 7.88 -5.00 17.56
C ASP C 440 7.52 -4.69 16.11
N ASN C 441 6.46 -5.33 15.60
CA ASN C 441 6.01 -5.06 14.24
C ASN C 441 4.97 -3.91 14.29
N PHE C 442 4.34 -3.73 15.44
CA PHE C 442 3.35 -2.68 15.66
C PHE C 442 4.06 -1.32 15.74
N PRO C 443 3.36 -0.23 15.39
CA PRO C 443 3.99 1.09 15.46
C PRO C 443 4.21 1.50 16.92
N PHE C 444 5.29 2.23 17.17
CA PHE C 444 5.61 2.68 18.52
C PHE C 444 6.01 4.15 18.43
N LEU C 445 5.21 5.00 19.06
CA LEU C 445 5.45 6.45 19.03
C LEU C 445 4.86 7.13 20.25
N GLY C 446 5.15 8.42 20.40
CA GLY C 446 4.64 9.19 21.53
C GLY C 446 4.26 10.59 21.10
N ALA C 447 3.30 11.17 21.82
CA ALA C 447 2.84 12.53 21.55
C ALA C 447 3.57 13.54 22.45
N LYS C 448 3.31 14.82 22.20
CA LYS C 448 3.91 15.92 22.97
C LYS C 448 5.40 15.73 23.27
N LYS C 449 5.77 15.78 24.54
CA LYS C 449 7.18 15.64 24.94
C LYS C 449 7.72 14.21 25.00
N SER C 450 6.89 13.23 24.64
CA SER C 450 7.32 11.83 24.70
C SER C 450 8.17 11.37 23.51
N GLY C 451 8.34 12.22 22.51
CA GLY C 451 9.14 11.82 21.36
C GLY C 451 8.88 12.49 20.01
N ALA C 452 9.56 11.96 19.00
CA ALA C 452 9.47 12.43 17.62
C ALA C 452 9.76 11.24 16.70
N GLY C 453 8.88 11.01 15.72
CA GLY C 453 9.07 9.90 14.81
C GLY C 453 8.30 8.65 15.20
N ILE C 454 7.98 7.83 14.21
CA ILE C 454 7.23 6.58 14.43
C ILE C 454 8.16 5.37 14.30
N GLN C 455 8.29 4.62 15.38
CA GLN C 455 9.12 3.42 15.44
C GLN C 455 8.31 2.17 15.14
N GLY C 456 8.94 1.02 15.35
CA GLY C 456 8.33 -0.26 15.03
C GLY C 456 9.19 -0.64 13.83
N VAL C 457 9.47 -1.92 13.65
CA VAL C 457 10.36 -2.35 12.55
C VAL C 457 10.14 -1.66 11.21
N LYS C 458 8.98 -1.88 10.61
CA LYS C 458 8.61 -1.30 9.32
C LYS C 458 8.75 0.23 9.25
N TYR C 459 8.27 0.92 10.29
CA TYR C 459 8.30 2.37 10.35
C TYR C 459 9.70 2.92 10.58
N SER C 460 10.55 2.14 11.22
CA SER C 460 11.93 2.55 11.47
C SER C 460 12.71 2.53 10.17
N ILE C 461 12.37 1.59 9.30
CA ILE C 461 13.02 1.47 8.00
C ILE C 461 12.62 2.65 7.11
N GLU C 462 11.33 2.99 7.10
CA GLU C 462 10.84 4.11 6.31
C GLU C 462 11.46 5.42 6.79
N ALA C 463 11.59 5.55 8.11
CA ALA C 463 12.16 6.75 8.70
C ALA C 463 13.61 6.97 8.33
N MET C 464 14.41 5.90 8.34
CA MET C 464 15.83 5.98 8.02
C MET C 464 16.18 5.78 6.55
N THR C 465 15.23 6.12 5.69
CA THR C 465 15.40 6.06 4.23
C THR C 465 14.75 7.29 3.61
N THR C 466 15.19 7.62 2.41
CA THR C 466 14.61 8.73 1.67
C THR C 466 14.11 8.16 0.35
N VAL C 467 13.73 9.04 -0.57
CA VAL C 467 13.23 8.61 -1.86
C VAL C 467 14.03 9.24 -3.00
N LYS C 468 14.04 8.57 -4.14
CA LYS C 468 14.73 9.04 -5.36
C LYS C 468 13.73 8.89 -6.50
N SER C 469 13.36 10.01 -7.10
CA SER C 469 12.39 10.01 -8.19
C SER C 469 13.02 10.28 -9.55
N VAL C 470 12.81 9.34 -10.48
CA VAL C 470 13.31 9.47 -11.85
C VAL C 470 12.10 9.65 -12.77
N VAL C 471 12.04 10.79 -13.45
CA VAL C 471 10.93 11.15 -14.34
C VAL C 471 11.33 11.19 -15.82
N PHE C 472 10.51 10.57 -16.68
CA PHE C 472 10.75 10.57 -18.12
C PHE C 472 9.46 10.41 -18.93
N ASP C 473 9.50 10.77 -20.21
CA ASP C 473 8.34 10.69 -21.09
C ASP C 473 8.37 9.49 -22.02
N ILE C 474 7.23 8.83 -22.15
CA ILE C 474 7.09 7.66 -23.02
C ILE C 474 6.82 8.10 -24.46
N LYS C 475 7.41 7.39 -25.42
CA LYS C 475 7.25 7.70 -26.83
C LYS C 475 6.50 6.61 -27.59
N THR D 2 -5.19 55.28 1.51
CA THR D 2 -4.62 54.19 0.65
C THR D 2 -5.55 52.98 0.65
N LYS D 3 -5.44 52.13 -0.36
CA LYS D 3 -6.26 50.91 -0.42
C LYS D 3 -5.73 49.98 0.67
N GLN D 4 -6.35 50.03 1.84
CA GLN D 4 -5.92 49.24 3.00
C GLN D 4 -6.51 47.84 3.15
N TYR D 5 -5.63 46.84 3.07
CA TYR D 5 -6.04 45.44 3.21
C TYR D 5 -6.05 44.98 4.65
N LYS D 6 -6.90 43.99 4.94
CA LYS D 6 -7.04 43.45 6.29
C LYS D 6 -6.74 41.95 6.37
N ASN D 7 -6.43 41.50 7.59
CA ASN D 7 -6.17 40.09 7.82
C ASN D 7 -7.50 39.41 8.17
N TYR D 8 -7.62 38.14 7.81
CA TYR D 8 -8.82 37.37 8.13
C TYR D 8 -8.49 36.60 9.40
N VAL D 9 -9.09 37.01 10.51
CA VAL D 9 -8.85 36.38 11.80
C VAL D 9 -10.15 36.00 12.48
N ASN D 10 -10.30 34.72 12.79
CA ASN D 10 -11.48 34.19 13.48
C ASN D 10 -12.81 34.64 12.85
N GLY D 11 -12.89 34.55 11.53
CA GLY D 11 -14.10 34.93 10.83
C GLY D 11 -14.35 36.41 10.68
N GLU D 12 -13.33 37.23 10.92
CA GLU D 12 -13.44 38.68 10.84
C GLU D 12 -12.26 39.27 10.10
N TRP D 13 -12.49 40.39 9.40
CA TRP D 13 -11.41 41.09 8.71
C TRP D 13 -10.93 42.13 9.69
N LYS D 14 -9.62 42.13 9.95
CA LYS D 14 -9.05 43.05 10.92
C LYS D 14 -7.83 43.88 10.47
N LEU D 15 -7.86 45.16 10.85
CA LEU D 15 -6.76 46.07 10.56
C LEU D 15 -5.92 46.09 11.84
N SER D 16 -4.69 46.57 11.72
CA SER D 16 -3.80 46.69 12.88
C SER D 16 -3.55 48.19 13.07
N GLU D 17 -2.94 48.58 14.17
CA GLU D 17 -2.67 49.98 14.41
C GLU D 17 -1.66 50.52 13.40
N ASN D 18 -0.72 49.65 13.01
CA ASN D 18 0.32 50.00 12.05
C ASN D 18 0.13 49.20 10.76
N GLU D 19 0.71 49.71 9.68
CA GLU D 19 0.61 49.06 8.38
C GLU D 19 1.91 49.11 7.61
N ILE D 20 1.96 48.37 6.50
CA ILE D 20 3.12 48.33 5.62
C ILE D 20 2.65 48.60 4.19
N LYS D 21 3.23 49.59 3.54
CA LYS D 21 2.87 49.91 2.16
C LYS D 21 3.65 49.04 1.17
N ILE D 22 2.94 48.55 0.16
CA ILE D 22 3.54 47.69 -0.86
C ILE D 22 3.56 48.43 -2.20
N TYR D 23 4.68 48.34 -2.92
CA TYR D 23 4.84 48.98 -4.22
C TYR D 23 5.07 47.94 -5.32
N GLU D 24 4.92 48.35 -6.57
CA GLU D 24 5.12 47.47 -7.71
C GLU D 24 6.59 47.46 -8.10
N PRO D 25 7.23 46.28 -8.08
CA PRO D 25 8.65 46.11 -8.43
C PRO D 25 9.05 46.63 -9.79
N ALA D 26 8.10 46.70 -10.72
CA ALA D 26 8.40 47.17 -12.06
C ALA D 26 8.23 48.68 -12.26
N SER D 27 7.23 49.28 -11.61
CA SER D 27 6.98 50.71 -11.77
C SER D 27 7.22 51.59 -10.55
N GLY D 28 7.27 50.98 -9.36
CA GLY D 28 7.48 51.75 -8.15
C GLY D 28 6.20 52.35 -7.60
N ALA D 29 5.10 52.17 -8.34
CA ALA D 29 3.79 52.68 -7.94
C ALA D 29 3.24 51.89 -6.76
N GLU D 30 2.56 52.60 -5.87
CA GLU D 30 1.97 51.99 -4.68
C GLU D 30 0.76 51.12 -5.05
N LEU D 31 0.70 49.92 -4.48
CA LEU D 31 -0.39 48.97 -4.73
C LEU D 31 -1.44 48.99 -3.63
N GLY D 32 -1.00 49.35 -2.41
CA GLY D 32 -1.89 49.41 -1.28
C GLY D 32 -1.09 49.12 -0.03
N SER D 33 -1.76 48.67 1.03
CA SER D 33 -1.08 48.37 2.28
C SER D 33 -1.65 47.15 2.99
N VAL D 34 -0.83 46.55 3.85
CA VAL D 34 -1.20 45.37 4.63
C VAL D 34 -0.86 45.65 6.10
N PRO D 35 -1.58 45.02 7.03
CA PRO D 35 -1.34 45.21 8.46
C PRO D 35 0.06 44.78 8.94
N ALA D 36 0.56 45.47 9.96
CA ALA D 36 1.85 45.15 10.55
C ALA D 36 1.52 44.64 11.95
N MET D 37 1.17 43.36 12.03
CA MET D 37 0.78 42.72 13.29
C MET D 37 1.75 42.81 14.46
N SER D 38 1.16 42.76 15.65
CA SER D 38 1.91 42.77 16.91
C SER D 38 1.90 41.34 17.42
N THR D 39 2.78 41.02 18.36
CA THR D 39 2.85 39.67 18.92
C THR D 39 1.57 39.28 19.64
N GLU D 40 0.85 40.27 20.15
CA GLU D 40 -0.42 40.03 20.84
C GLU D 40 -1.46 39.62 19.81
N GLU D 41 -1.41 40.24 18.64
CA GLU D 41 -2.34 39.92 17.57
C GLU D 41 -2.10 38.53 17.02
N VAL D 42 -0.85 38.07 17.06
CA VAL D 42 -0.48 36.73 16.61
C VAL D 42 -1.05 35.74 17.65
N ASP D 43 -1.00 36.11 18.93
CA ASP D 43 -1.52 35.29 20.02
C ASP D 43 -3.01 35.01 19.82
N TYR D 44 -3.72 36.02 19.33
CA TYR D 44 -5.17 35.88 19.09
C TYR D 44 -5.48 34.94 17.94
N VAL D 45 -4.67 34.98 16.89
CA VAL D 45 -4.86 34.11 15.74
C VAL D 45 -4.72 32.65 16.19
N TYR D 46 -3.65 32.35 16.93
CA TYR D 46 -3.39 30.99 17.39
C TYR D 46 -4.44 30.49 18.38
N ALA D 47 -4.87 31.36 19.29
CA ALA D 47 -5.87 30.99 20.27
C ALA D 47 -7.18 30.62 19.58
N SER D 48 -7.54 31.41 18.57
CA SER D 48 -8.75 31.18 17.78
C SER D 48 -8.69 29.85 17.02
N ALA D 49 -7.52 29.55 16.46
CA ALA D 49 -7.28 28.33 15.69
C ALA D 49 -7.34 27.09 16.56
N LYS D 50 -6.72 27.15 17.72
CA LYS D 50 -6.71 26.02 18.65
C LYS D 50 -8.11 25.76 19.18
N LYS D 51 -8.88 26.83 19.30
CA LYS D 51 -10.26 26.75 19.78
C LYS D 51 -11.18 26.06 18.78
N ALA D 52 -10.96 26.33 17.50
CA ALA D 52 -11.77 25.76 16.43
C ALA D 52 -11.38 24.37 15.93
N GLN D 53 -10.15 23.94 16.22
CA GLN D 53 -9.65 22.65 15.75
C GLN D 53 -10.50 21.40 16.08
N PRO D 54 -10.89 21.20 17.36
CA PRO D 54 -11.70 20.03 17.73
C PRO D 54 -12.95 19.82 16.89
N ALA D 55 -13.71 20.90 16.70
CA ALA D 55 -14.94 20.84 15.91
C ALA D 55 -14.66 20.63 14.43
N TRP D 56 -13.50 21.08 13.97
CA TRP D 56 -13.10 20.92 12.56
C TRP D 56 -12.74 19.46 12.33
N ARG D 57 -11.97 18.90 13.28
CA ARG D 57 -11.56 17.51 13.23
C ARG D 57 -12.77 16.58 13.31
N ALA D 58 -13.81 17.03 14.02
CA ALA D 58 -15.04 16.27 14.21
C ALA D 58 -15.92 16.12 12.97
N LEU D 59 -15.72 17.00 11.98
CA LEU D 59 -16.47 16.93 10.73
C LEU D 59 -16.00 15.70 9.95
N SER D 60 -16.79 15.27 8.99
CA SER D 60 -16.41 14.12 8.17
C SER D 60 -15.46 14.60 7.08
N TYR D 61 -14.71 13.68 6.47
CA TYR D 61 -13.78 14.02 5.41
C TYR D 61 -14.52 14.67 4.25
N ILE D 62 -15.68 14.10 3.91
CA ILE D 62 -16.53 14.59 2.80
C ILE D 62 -16.92 16.07 2.94
N GLU D 63 -17.23 16.52 4.15
CA GLU D 63 -17.60 17.91 4.41
C GLU D 63 -16.41 18.85 4.26
N ARG D 64 -15.24 18.40 4.70
CA ARG D 64 -14.03 19.22 4.60
C ARG D 64 -13.58 19.37 3.15
N ALA D 65 -13.81 18.34 2.34
CA ALA D 65 -13.46 18.36 0.92
C ALA D 65 -14.39 19.31 0.14
N ALA D 66 -15.67 19.32 0.52
CA ALA D 66 -16.67 20.18 -0.12
C ALA D 66 -16.30 21.65 0.05
N TYR D 67 -15.84 22.01 1.25
CA TYR D 67 -15.42 23.36 1.55
C TYR D 67 -14.27 23.74 0.62
N LEU D 68 -13.24 22.88 0.56
CA LEU D 68 -12.08 23.13 -0.27
C LEU D 68 -12.43 23.24 -1.75
N HIS D 69 -13.42 22.47 -2.19
CA HIS D 69 -13.85 22.50 -3.58
C HIS D 69 -14.49 23.85 -3.92
N LYS D 70 -15.19 24.43 -2.96
CA LYS D 70 -15.83 25.72 -3.17
C LYS D 70 -14.79 26.83 -3.27
N VAL D 71 -13.72 26.72 -2.47
CA VAL D 71 -12.63 27.70 -2.48
C VAL D 71 -12.02 27.75 -3.87
N ALA D 72 -11.79 26.56 -4.44
CA ALA D 72 -11.21 26.40 -5.77
C ALA D 72 -12.09 26.97 -6.87
N ASP D 73 -13.41 26.79 -6.74
CA ASP D 73 -14.36 27.32 -7.72
C ASP D 73 -14.39 28.84 -7.72
N ILE D 74 -14.30 29.44 -6.54
CA ILE D 74 -14.27 30.88 -6.39
C ILE D 74 -13.01 31.46 -7.02
N LEU D 75 -11.87 30.81 -6.76
CA LEU D 75 -10.59 31.25 -7.33
C LEU D 75 -10.65 31.22 -8.85
N MET D 76 -11.25 30.18 -9.41
CA MET D 76 -11.38 30.07 -10.86
C MET D 76 -12.22 31.20 -11.41
N ARG D 77 -13.22 31.62 -10.64
CA ARG D 77 -14.11 32.71 -11.06
C ARG D 77 -13.37 34.04 -11.12
N ASP D 78 -12.56 34.29 -10.10
CA ASP D 78 -11.82 35.53 -10.02
C ASP D 78 -10.35 35.46 -10.46
N LYS D 79 -9.99 34.51 -11.31
CA LYS D 79 -8.60 34.40 -11.73
C LYS D 79 -8.00 35.63 -12.40
N GLU D 80 -8.77 36.31 -13.27
CA GLU D 80 -8.27 37.53 -13.95
C GLU D 80 -8.13 38.66 -12.94
N LYS D 81 -9.10 38.73 -12.04
CA LYS D 81 -9.13 39.73 -10.98
C LYS D 81 -7.89 39.57 -10.08
N ILE D 82 -7.66 38.35 -9.60
CA ILE D 82 -6.52 38.05 -8.72
C ILE D 82 -5.20 38.10 -9.48
N GLY D 83 -5.20 37.55 -10.68
CA GLY D 83 -4.01 37.54 -11.51
C GLY D 83 -3.48 38.93 -11.82
N ALA D 84 -4.40 39.88 -12.03
CA ALA D 84 -4.04 41.26 -12.34
C ALA D 84 -3.15 41.89 -11.27
N ILE D 85 -3.54 41.71 -10.00
CA ILE D 85 -2.80 42.25 -8.87
C ILE D 85 -1.52 41.47 -8.55
N LEU D 86 -1.56 40.14 -8.68
CA LEU D 86 -0.40 39.28 -8.42
C LEU D 86 0.71 39.61 -9.40
N SER D 87 0.33 39.93 -10.63
CA SER D 87 1.27 40.27 -11.69
C SER D 87 2.06 41.53 -11.33
N LYS D 88 1.36 42.50 -10.75
CA LYS D 88 1.94 43.78 -10.36
C LYS D 88 2.73 43.75 -9.08
N GLU D 89 2.31 42.90 -8.14
CA GLU D 89 2.97 42.81 -6.86
C GLU D 89 4.34 42.14 -6.88
N VAL D 90 4.52 41.12 -7.71
CA VAL D 90 5.80 40.41 -7.78
C VAL D 90 6.48 40.50 -9.15
N ALA D 91 5.98 41.38 -10.00
CA ALA D 91 6.52 41.60 -11.35
C ALA D 91 6.58 40.34 -12.17
N LYS D 92 5.47 39.60 -12.16
CA LYS D 92 5.35 38.36 -12.92
C LYS D 92 4.46 38.67 -14.11
N GLY D 93 4.75 38.07 -15.27
CA GLY D 93 3.94 38.31 -16.46
C GLY D 93 2.48 38.05 -16.16
N TYR D 94 1.58 38.84 -16.76
CA TYR D 94 0.15 38.72 -16.51
C TYR D 94 -0.41 37.32 -16.75
N LYS D 95 -0.17 36.77 -17.94
CA LYS D 95 -0.66 35.44 -18.28
C LYS D 95 -0.17 34.39 -17.31
N SER D 96 1.10 34.51 -16.94
CA SER D 96 1.74 33.59 -16.01
C SER D 96 1.13 33.75 -14.62
N ALA D 97 0.79 34.99 -14.26
CA ALA D 97 0.18 35.29 -12.97
C ALA D 97 -1.21 34.63 -12.88
N VAL D 98 -1.94 34.63 -13.99
CA VAL D 98 -3.26 34.01 -14.04
C VAL D 98 -3.11 32.48 -14.00
N SER D 99 -2.01 31.96 -14.53
CA SER D 99 -1.75 30.52 -14.53
C SER D 99 -1.51 30.01 -13.11
N GLU D 100 -0.81 30.80 -12.30
CA GLU D 100 -0.53 30.42 -10.92
C GLU D 100 -1.83 30.23 -10.13
N VAL D 101 -2.80 31.11 -10.35
CA VAL D 101 -4.10 31.05 -9.68
C VAL D 101 -4.85 29.78 -10.08
N VAL D 102 -4.84 29.47 -11.38
CA VAL D 102 -5.51 28.28 -11.87
C VAL D 102 -4.86 27.01 -11.31
N ARG D 103 -3.52 27.01 -11.22
CA ARG D 103 -2.80 25.86 -10.69
C ARG D 103 -3.05 25.69 -9.21
N THR D 104 -3.33 26.81 -8.53
CA THR D 104 -3.62 26.79 -7.09
C THR D 104 -4.97 26.09 -6.89
N ALA D 105 -5.91 26.34 -7.82
CA ALA D 105 -7.23 25.72 -7.77
C ALA D 105 -7.12 24.22 -8.03
N GLU D 106 -6.26 23.83 -8.98
CA GLU D 106 -6.05 22.41 -9.30
C GLU D 106 -5.50 21.64 -8.09
N ILE D 107 -4.51 22.21 -7.41
CA ILE D 107 -3.90 21.57 -6.25
C ILE D 107 -4.88 21.46 -5.07
N ILE D 108 -5.72 22.49 -4.88
CA ILE D 108 -6.71 22.51 -3.81
C ILE D 108 -7.76 21.41 -4.02
N ASN D 109 -8.22 21.25 -5.25
CA ASN D 109 -9.21 20.22 -5.59
C ASN D 109 -8.62 18.82 -5.44
N TYR D 110 -7.38 18.65 -5.90
CA TYR D 110 -6.70 17.36 -5.87
C TYR D 110 -6.40 16.90 -4.44
N ALA D 111 -6.02 17.84 -3.59
CA ALA D 111 -5.72 17.55 -2.18
C ALA D 111 -6.99 17.17 -1.42
N ALA D 112 -8.12 17.76 -1.83
CA ALA D 112 -9.43 17.49 -1.22
C ALA D 112 -9.83 16.04 -1.46
N GLU D 113 -9.66 15.58 -2.69
CA GLU D 113 -9.99 14.21 -3.07
C GLU D 113 -8.94 13.17 -2.65
N GLU D 114 -7.68 13.60 -2.56
CA GLU D 114 -6.61 12.70 -2.15
C GLU D 114 -6.76 12.43 -0.65
N GLY D 115 -7.08 13.48 0.08
CA GLY D 115 -7.23 13.37 1.52
C GLY D 115 -8.46 12.68 2.07
N LEU D 116 -9.54 12.63 1.28
CA LEU D 116 -10.74 11.96 1.77
C LEU D 116 -10.64 10.45 1.64
N ARG D 117 -9.59 9.99 0.96
CA ARG D 117 -9.33 8.57 0.78
C ARG D 117 -8.22 8.15 1.75
N MET D 118 -8.38 8.61 2.99
CA MET D 118 -7.45 8.33 4.08
C MET D 118 -7.83 6.98 4.69
N GLU D 119 -6.86 6.07 4.77
CA GLU D 119 -7.12 4.75 5.36
C GLU D 119 -5.96 4.22 6.19
N GLY D 120 -6.32 3.43 7.20
CA GLY D 120 -5.33 2.87 8.09
C GLY D 120 -5.03 1.42 7.80
N GLU D 121 -4.44 0.75 8.78
CA GLU D 121 -4.07 -0.64 8.63
C GLU D 121 -4.34 -1.44 9.87
N VAL D 122 -4.45 -2.75 9.70
CA VAL D 122 -4.68 -3.68 10.82
C VAL D 122 -3.48 -4.63 10.81
N LEU D 123 -2.77 -4.69 11.93
CA LEU D 123 -1.58 -5.55 12.06
C LEU D 123 -1.81 -6.77 12.97
N GLU D 124 -1.14 -7.88 12.64
CA GLU D 124 -1.26 -9.12 13.38
C GLU D 124 -0.14 -9.36 14.40
N GLY D 125 -0.53 -9.69 15.63
CA GLY D 125 0.43 -9.97 16.67
C GLY D 125 1.17 -11.28 16.40
N GLY D 126 0.48 -12.24 15.79
CA GLY D 126 1.06 -13.54 15.47
C GLY D 126 2.12 -13.55 14.40
N SER D 127 2.36 -12.39 13.76
CA SER D 127 3.41 -12.28 12.75
C SER D 127 4.78 -12.27 13.42
N PHE D 128 4.83 -11.70 14.62
CA PHE D 128 6.07 -11.56 15.37
C PHE D 128 6.23 -12.59 16.51
N GLU D 129 5.11 -13.01 17.10
CA GLU D 129 5.15 -13.92 18.24
C GLU D 129 3.90 -14.78 18.34
N ALA D 130 4.10 -16.08 18.48
CA ALA D 130 2.98 -17.04 18.57
C ALA D 130 2.03 -16.74 19.71
N ALA D 131 2.59 -16.39 20.86
CA ALA D 131 1.81 -16.09 22.05
C ALA D 131 0.87 -14.88 21.90
N SER D 132 1.16 -14.01 20.94
CA SER D 132 0.36 -12.80 20.69
C SER D 132 -0.56 -12.87 19.47
N LYS D 133 -0.91 -14.08 19.03
CA LYS D 133 -1.75 -14.27 17.86
C LYS D 133 -3.18 -13.71 17.92
N LYS D 134 -3.71 -13.55 19.12
CA LYS D 134 -5.06 -13.02 19.31
C LYS D 134 -5.08 -11.51 19.48
N LYS D 135 -3.90 -10.90 19.34
CA LYS D 135 -3.73 -9.46 19.50
C LYS D 135 -3.58 -8.76 18.15
N ILE D 136 -4.40 -7.73 17.92
CA ILE D 136 -4.32 -6.97 16.66
C ILE D 136 -4.23 -5.47 16.97
N ALA D 137 -3.77 -4.70 15.99
CA ALA D 137 -3.63 -3.26 16.16
C ALA D 137 -4.37 -2.52 15.06
N VAL D 138 -5.39 -1.75 15.44
CA VAL D 138 -6.19 -0.94 14.51
C VAL D 138 -5.55 0.45 14.47
N VAL D 139 -4.86 0.75 13.37
CA VAL D 139 -4.13 2.01 13.19
C VAL D 139 -4.76 3.03 12.23
N ARG D 140 -5.17 4.17 12.76
CA ARG D 140 -5.79 5.22 11.97
C ARG D 140 -5.00 6.54 12.01
N ARG D 141 -5.06 7.30 10.91
CA ARG D 141 -4.36 8.58 10.81
C ARG D 141 -5.09 9.72 11.56
N GLU D 142 -4.31 10.68 12.08
CA GLU D 142 -4.84 11.82 12.81
C GLU D 142 -4.04 13.09 12.49
N PRO D 143 -4.68 14.26 12.60
CA PRO D 143 -4.01 15.54 12.33
C PRO D 143 -3.00 15.88 13.43
N VAL D 144 -2.00 16.71 13.13
CA VAL D 144 -1.00 17.08 14.13
C VAL D 144 -1.45 18.25 15.00
N GLY D 145 -2.45 19.00 14.53
CA GLY D 145 -2.95 20.14 15.29
C GLY D 145 -3.04 21.42 14.47
N LEU D 146 -2.22 22.41 14.84
CA LEU D 146 -2.15 23.69 14.15
C LEU D 146 -0.90 23.73 13.28
N VAL D 147 -1.09 24.06 11.99
CA VAL D 147 0.00 24.14 11.03
C VAL D 147 0.27 25.60 10.62
N LEU D 148 1.53 26.00 10.68
CA LEU D 148 1.92 27.34 10.26
C LEU D 148 2.47 27.19 8.87
N ALA D 149 1.83 27.81 7.89
CA ALA D 149 2.23 27.74 6.49
C ALA D 149 2.78 29.11 6.07
N ILE D 150 3.98 29.10 5.49
CA ILE D 150 4.66 30.32 5.03
C ILE D 150 5.05 30.16 3.57
N SER D 151 4.49 31.01 2.70
CA SER D 151 4.78 30.96 1.25
C SER D 151 5.87 31.92 0.79
N PRO D 152 6.46 31.68 -0.39
CA PRO D 152 7.52 32.51 -0.96
C PRO D 152 7.01 33.62 -1.89
N PHE D 153 7.89 34.54 -2.28
CA PHE D 153 7.51 35.65 -3.16
C PHE D 153 7.29 35.28 -4.62
N ASN D 154 8.01 34.27 -5.11
CA ASN D 154 7.88 33.85 -6.51
C ASN D 154 6.61 33.09 -6.84
N TYR D 155 5.97 32.54 -5.81
CA TYR D 155 4.71 31.81 -5.91
C TYR D 155 3.97 32.00 -4.58
N PRO D 156 3.58 33.24 -4.26
CA PRO D 156 2.87 33.57 -3.02
C PRO D 156 1.51 32.91 -2.81
N VAL D 157 0.82 32.61 -3.92
CA VAL D 157 -0.49 31.98 -3.87
C VAL D 157 -0.41 30.45 -4.08
N ASN D 158 0.28 30.02 -5.13
CA ASN D 158 0.43 28.61 -5.44
C ASN D 158 1.15 27.83 -4.33
N LEU D 159 2.28 28.34 -3.85
CA LEU D 159 3.01 27.66 -2.81
C LEU D 159 2.49 27.97 -1.41
N ALA D 160 1.21 28.33 -1.35
CA ALA D 160 0.50 28.60 -0.11
C ALA D 160 -0.56 27.50 -0.10
N GLY D 161 -1.26 27.39 -1.23
CA GLY D 161 -2.31 26.40 -1.40
C GLY D 161 -1.84 24.96 -1.30
N SER D 162 -0.59 24.74 -1.72
CA SER D 162 0.02 23.41 -1.69
C SER D 162 0.33 22.98 -0.25
N LYS D 163 0.19 23.90 0.69
CA LYS D 163 0.43 23.64 2.11
C LYS D 163 -0.91 23.61 2.85
N ILE D 164 -1.74 24.62 2.55
CA ILE D 164 -3.06 24.82 3.16
C ILE D 164 -4.08 23.71 2.91
N ALA D 165 -4.34 23.39 1.64
CA ALA D 165 -5.30 22.33 1.31
C ALA D 165 -4.94 20.97 1.92
N PRO D 166 -3.67 20.50 1.77
CA PRO D 166 -3.26 19.21 2.33
C PRO D 166 -3.37 19.16 3.86
N ALA D 167 -3.19 20.31 4.49
CA ALA D 167 -3.29 20.43 5.94
C ALA D 167 -4.74 20.39 6.43
N LEU D 168 -5.60 21.17 5.76
CA LEU D 168 -7.03 21.28 6.11
C LEU D 168 -7.88 20.03 5.91
N ILE D 169 -7.65 19.30 4.83
CA ILE D 169 -8.43 18.09 4.55
C ILE D 169 -8.24 17.00 5.62
N ALA D 170 -7.06 16.97 6.24
CA ALA D 170 -6.73 15.97 7.26
C ALA D 170 -7.30 16.32 8.63
N GLY D 171 -7.69 17.57 8.82
CA GLY D 171 -8.26 17.96 10.10
C GLY D 171 -7.44 18.96 10.92
N ASN D 172 -6.36 19.48 10.33
CA ASN D 172 -5.52 20.47 11.00
C ASN D 172 -6.12 21.85 10.75
N VAL D 173 -5.73 22.83 11.57
CA VAL D 173 -6.18 24.20 11.36
C VAL D 173 -5.01 24.99 10.79
N ILE D 174 -5.30 26.13 10.18
CA ILE D 174 -4.27 26.91 9.51
C ILE D 174 -4.07 28.37 9.93
N ALA D 175 -2.79 28.77 9.92
CA ALA D 175 -2.34 30.13 10.19
C ALA D 175 -1.42 30.35 9.00
N PHE D 176 -1.84 31.22 8.08
CA PHE D 176 -1.08 31.50 6.85
C PHE D 176 -0.31 32.82 6.87
N LYS D 177 1.01 32.72 6.67
CA LYS D 177 1.91 33.87 6.63
C LYS D 177 2.54 34.00 5.25
N PRO D 178 2.02 34.90 4.39
CA PRO D 178 2.59 35.07 3.06
C PRO D 178 3.81 36.00 3.14
N PRO D 179 4.58 36.11 2.05
CA PRO D 179 5.75 37.01 2.12
C PRO D 179 5.22 38.44 2.12
N THR D 180 5.94 39.37 2.75
CA THR D 180 5.49 40.77 2.79
C THR D 180 5.28 41.30 1.36
N GLN D 181 6.25 41.01 0.49
CA GLN D 181 6.12 41.40 -0.91
C GLN D 181 5.34 40.24 -1.52
N GLY D 182 4.01 40.36 -1.50
CA GLY D 182 3.15 39.30 -2.00
C GLY D 182 2.05 39.04 -0.98
N SER D 183 1.99 39.86 0.06
CA SER D 183 0.97 39.74 1.10
C SER D 183 -0.41 40.15 0.61
N ILE D 184 -0.46 41.07 -0.35
CA ILE D 184 -1.75 41.52 -0.90
C ILE D 184 -2.42 40.36 -1.63
N SER D 185 -1.63 39.63 -2.43
CA SER D 185 -2.11 38.48 -3.18
C SER D 185 -2.50 37.36 -2.20
N GLY D 186 -1.75 37.25 -1.12
CA GLY D 186 -2.04 36.25 -0.11
C GLY D 186 -3.38 36.56 0.56
N LEU D 187 -3.67 37.85 0.74
CA LEU D 187 -4.93 38.28 1.33
C LEU D 187 -6.07 38.13 0.34
N LEU D 188 -5.75 38.14 -0.97
CA LEU D 188 -6.77 37.95 -2.00
C LEU D 188 -7.17 36.48 -2.00
N LEU D 189 -6.22 35.62 -1.67
CA LEU D 189 -6.46 34.17 -1.59
C LEU D 189 -7.36 33.89 -0.38
N ALA D 190 -7.14 34.65 0.69
CA ALA D 190 -7.91 34.52 1.93
C ALA D 190 -9.39 34.84 1.73
N GLU D 191 -9.69 35.74 0.80
CA GLU D 191 -11.08 36.13 0.52
C GLU D 191 -11.92 34.93 0.03
N ALA D 192 -11.30 34.06 -0.76
CA ALA D 192 -11.97 32.87 -1.30
C ALA D 192 -12.33 31.94 -0.14
N PHE D 193 -11.42 31.82 0.84
CA PHE D 193 -11.67 30.98 2.01
C PHE D 193 -12.79 31.59 2.85
N ALA D 194 -12.83 32.92 2.91
CA ALA D 194 -13.86 33.62 3.67
C ALA D 194 -15.22 33.44 3.00
N GLU D 195 -15.25 33.58 1.67
CA GLU D 195 -16.49 33.44 0.92
C GLU D 195 -17.04 32.02 0.90
N ALA D 196 -16.14 31.04 0.98
CA ALA D 196 -16.53 29.63 0.99
C ALA D 196 -17.26 29.26 2.29
N GLY D 197 -17.10 30.10 3.31
CA GLY D 197 -17.77 29.89 4.59
C GLY D 197 -17.21 28.89 5.57
N LEU D 198 -15.90 28.66 5.58
CA LEU D 198 -15.32 27.71 6.54
C LEU D 198 -15.54 28.29 7.93
N PRO D 199 -15.75 27.42 8.94
CA PRO D 199 -15.97 27.86 10.33
C PRO D 199 -14.92 28.86 10.81
N ALA D 200 -15.32 29.72 11.73
CA ALA D 200 -14.42 30.75 12.28
C ALA D 200 -13.25 30.14 13.01
N GLY D 201 -12.04 30.60 12.67
CA GLY D 201 -10.85 30.10 13.31
C GLY D 201 -10.10 28.98 12.63
N VAL D 202 -10.71 28.26 11.68
CA VAL D 202 -9.98 27.16 11.02
C VAL D 202 -8.92 27.65 10.02
N PHE D 203 -9.16 28.81 9.42
CA PHE D 203 -8.23 29.42 8.48
C PHE D 203 -8.04 30.88 8.87
N ASN D 204 -6.78 31.29 9.07
CA ASN D 204 -6.46 32.64 9.46
C ASN D 204 -5.19 33.08 8.77
N THR D 205 -5.01 34.39 8.63
CA THR D 205 -3.81 34.95 8.00
C THR D 205 -3.02 35.81 8.99
N ILE D 206 -1.73 35.99 8.69
CA ILE D 206 -0.81 36.79 9.51
C ILE D 206 0.09 37.60 8.58
N THR D 207 0.26 38.89 8.88
CA THR D 207 1.15 39.76 8.10
C THR D 207 1.86 40.67 9.09
N GLY D 208 3.11 41.02 8.77
CA GLY D 208 3.88 41.90 9.64
C GLY D 208 5.34 41.96 9.29
N ARG D 209 6.14 42.59 10.16
CA ARG D 209 7.57 42.74 9.95
C ARG D 209 8.38 41.63 10.60
N GLY D 210 9.38 41.14 9.87
CA GLY D 210 10.24 40.07 10.35
C GLY D 210 10.89 40.27 11.70
N SER D 211 11.37 41.49 11.96
CA SER D 211 12.03 41.78 13.23
C SER D 211 11.05 41.86 14.40
N GLU D 212 9.75 41.87 14.11
CA GLU D 212 8.76 41.93 15.17
C GLU D 212 8.07 40.59 15.45
N ILE D 213 7.72 39.86 14.40
CA ILE D 213 7.04 38.56 14.58
C ILE D 213 7.71 37.36 13.92
N GLY D 214 8.88 37.58 13.31
CA GLY D 214 9.60 36.50 12.63
C GLY D 214 9.84 35.22 13.43
N ASP D 215 10.61 35.32 14.50
CA ASP D 215 10.92 34.18 15.35
C ASP D 215 9.70 33.82 16.19
N TYR D 216 8.93 34.82 16.59
CA TYR D 216 7.75 34.65 17.42
C TYR D 216 6.71 33.66 16.86
N ILE D 217 6.38 33.80 15.58
CA ILE D 217 5.39 32.91 14.97
C ILE D 217 5.84 31.45 14.91
N VAL D 218 7.16 31.22 14.83
CA VAL D 218 7.72 29.87 14.76
C VAL D 218 7.94 29.22 16.13
N GLU D 219 8.43 30.01 17.07
CA GLU D 219 8.72 29.53 18.43
C GLU D 219 7.49 29.25 19.28
N HIS D 220 6.37 29.86 18.92
CA HIS D 220 5.11 29.72 19.65
C HIS D 220 4.70 28.25 19.88
N GLN D 221 4.40 27.94 21.14
CA GLN D 221 4.00 26.60 21.57
C GLN D 221 2.72 26.08 20.93
N ALA D 222 1.86 26.99 20.48
CA ALA D 222 0.61 26.61 19.83
C ALA D 222 0.84 25.91 18.49
N VAL D 223 1.96 26.22 17.84
CA VAL D 223 2.29 25.63 16.55
C VAL D 223 2.81 24.20 16.65
N ASN D 224 2.17 23.30 15.92
CA ASN D 224 2.53 21.88 15.90
C ASN D 224 3.35 21.43 14.69
N PHE D 225 3.35 22.22 13.64
CA PHE D 225 4.07 21.89 12.40
C PHE D 225 4.39 23.20 11.67
N ILE D 226 5.58 23.29 11.10
CA ILE D 226 5.98 24.48 10.32
C ILE D 226 6.32 24.07 8.89
N ASN D 227 5.50 24.53 7.94
CA ASN D 227 5.68 24.23 6.52
C ASN D 227 6.17 25.53 5.85
N PHE D 228 7.40 25.52 5.34
CA PHE D 228 8.00 26.72 4.76
C PHE D 228 8.77 26.56 3.46
N THR D 229 8.72 27.61 2.64
CA THR D 229 9.43 27.69 1.37
C THR D 229 10.10 29.06 1.34
N GLY D 230 11.43 29.06 1.19
CA GLY D 230 12.18 30.30 1.17
C GLY D 230 13.68 30.06 1.13
N SER D 231 14.46 30.95 1.73
CA SER D 231 15.92 30.84 1.74
C SER D 231 16.51 29.78 2.67
N THR D 232 17.68 29.25 2.30
CA THR D 232 18.37 28.22 3.08
C THR D 232 18.73 28.69 4.49
N GLY D 233 19.22 29.92 4.60
CA GLY D 233 19.59 30.48 5.90
C GLY D 233 18.43 30.49 6.86
N ILE D 234 17.29 31.03 6.43
CA ILE D 234 16.10 31.09 7.24
C ILE D 234 15.59 29.68 7.54
N GLY D 235 15.68 28.80 6.53
CA GLY D 235 15.26 27.42 6.70
C GLY D 235 16.01 26.69 7.79
N GLU D 236 17.34 26.88 7.83
CA GLU D 236 18.19 26.25 8.84
C GLU D 236 17.76 26.70 10.23
N ARG D 237 17.52 28.01 10.33
CA ARG D 237 17.10 28.68 11.55
C ARG D 237 15.75 28.14 12.05
N ILE D 238 14.82 27.96 11.11
CA ILE D 238 13.49 27.44 11.44
C ILE D 238 13.58 26.01 11.97
N GLY D 239 14.48 25.23 11.38
CA GLY D 239 14.68 23.85 11.80
C GLY D 239 15.12 23.78 13.25
N LYS D 240 16.02 24.68 13.62
CA LYS D 240 16.55 24.75 14.98
C LYS D 240 15.47 25.27 15.93
N MET D 241 14.73 26.30 15.51
CA MET D 241 13.66 26.86 16.34
C MET D 241 12.50 25.89 16.52
N ALA D 242 12.37 24.93 15.61
CA ALA D 242 11.29 23.95 15.68
C ALA D 242 11.50 22.99 16.85
N GLY D 243 12.75 22.80 17.26
CA GLY D 243 13.05 21.90 18.38
C GLY D 243 12.94 20.46 17.93
N MET D 244 11.95 19.74 18.43
CA MET D 244 11.71 18.37 18.03
C MET D 244 10.35 18.23 17.37
N ARG D 245 9.75 19.36 17.01
CA ARG D 245 8.46 19.41 16.31
C ARG D 245 8.70 19.14 14.83
N PRO D 246 7.74 18.52 14.14
CA PRO D 246 7.86 18.21 12.71
C PRO D 246 7.86 19.44 11.79
N ILE D 247 8.62 19.35 10.70
CA ILE D 247 8.73 20.45 9.74
C ILE D 247 8.76 19.98 8.28
N MET D 248 8.60 20.94 7.38
CA MET D 248 8.66 20.73 5.94
C MET D 248 9.35 21.98 5.41
N LEU D 249 10.47 21.80 4.72
CA LEU D 249 11.22 22.93 4.18
C LEU D 249 11.63 22.71 2.72
N GLU D 250 11.47 23.74 1.91
CA GLU D 250 11.91 23.71 0.53
C GLU D 250 12.81 24.93 0.46
N LEU D 251 14.12 24.69 0.35
CA LEU D 251 15.10 25.78 0.32
C LEU D 251 15.75 25.97 -1.06
N GLY D 252 16.98 26.46 -1.06
CA GLY D 252 17.68 26.71 -2.31
C GLY D 252 17.94 25.55 -3.27
N GLY D 253 18.48 25.90 -4.43
CA GLY D 253 18.81 24.91 -5.43
C GLY D 253 19.87 25.41 -6.40
N LYS D 254 20.61 24.48 -6.99
CA LYS D 254 21.64 24.79 -7.98
C LYS D 254 21.61 23.61 -8.94
N ASP D 255 20.41 23.32 -9.45
CA ASP D 255 20.17 22.21 -10.36
C ASP D 255 21.13 22.19 -11.53
N SER D 256 21.71 21.03 -11.80
CA SER D 256 22.62 20.88 -12.90
C SER D 256 22.00 20.10 -14.06
N ALA D 257 22.43 20.42 -15.27
CA ALA D 257 21.97 19.72 -16.46
C ALA D 257 23.18 19.01 -17.03
N ILE D 258 23.25 17.70 -16.85
CA ILE D 258 24.36 16.87 -17.34
C ILE D 258 24.08 16.49 -18.79
N VAL D 259 24.98 16.88 -19.69
CA VAL D 259 24.84 16.62 -21.12
C VAL D 259 25.91 15.67 -21.67
N LEU D 260 25.50 14.46 -22.06
CA LEU D 260 26.44 13.48 -22.59
C LEU D 260 26.67 13.65 -24.10
N GLU D 261 27.70 12.98 -24.61
CA GLU D 261 28.04 13.07 -26.03
C GLU D 261 26.99 12.57 -27.02
N ASP D 262 26.08 11.70 -26.58
CA ASP D 262 25.04 11.17 -27.48
C ASP D 262 23.69 11.88 -27.32
N ALA D 263 23.70 13.03 -26.66
CA ALA D 263 22.49 13.78 -26.44
C ALA D 263 21.94 14.44 -27.69
N ASP D 264 20.64 14.73 -27.68
CA ASP D 264 19.96 15.43 -28.77
C ASP D 264 20.15 16.90 -28.37
N LEU D 265 21.10 17.57 -29.03
CA LEU D 265 21.43 18.96 -28.72
C LEU D 265 20.37 20.03 -28.93
N GLU D 266 19.46 19.83 -29.87
CA GLU D 266 18.40 20.81 -30.11
C GLU D 266 17.39 20.77 -28.98
N LEU D 267 16.98 19.55 -28.62
CA LEU D 267 16.04 19.34 -27.53
C LEU D 267 16.67 19.81 -26.22
N THR D 268 17.95 19.52 -26.05
CA THR D 268 18.73 19.90 -24.85
C THR D 268 18.74 21.42 -24.71
N ALA D 269 19.09 22.10 -25.80
CA ALA D 269 19.17 23.55 -25.84
C ALA D 269 17.83 24.20 -25.49
N LYS D 270 16.74 23.68 -26.06
CA LYS D 270 15.41 24.22 -25.79
C LYS D 270 14.98 24.07 -24.35
N ASN D 271 15.21 22.88 -23.79
CA ASN D 271 14.83 22.61 -22.40
C ASN D 271 15.66 23.41 -21.39
N ILE D 272 16.93 23.64 -21.70
CA ILE D 272 17.82 24.41 -20.83
C ILE D 272 17.43 25.89 -20.81
N ILE D 273 17.06 26.42 -21.97
CA ILE D 273 16.64 27.81 -22.09
C ILE D 273 15.38 28.06 -21.29
N ALA D 274 14.40 27.16 -21.45
CA ALA D 274 13.13 27.27 -20.74
C ALA D 274 13.31 27.16 -19.23
N GLY D 275 14.05 26.14 -18.80
CA GLY D 275 14.29 25.93 -17.38
C GLY D 275 15.13 26.98 -16.68
N ALA D 276 16.13 27.48 -17.39
CA ALA D 276 17.03 28.48 -16.83
C ALA D 276 16.51 29.91 -16.76
N PHE D 277 15.74 30.34 -17.76
CA PHE D 277 15.25 31.73 -17.78
C PHE D 277 13.80 32.02 -17.37
N GLY D 278 13.04 30.98 -17.05
CA GLY D 278 11.67 31.19 -16.62
C GLY D 278 11.62 32.12 -15.42
N TYR D 279 10.73 33.12 -15.49
CA TYR D 279 10.56 34.11 -14.42
C TYR D 279 11.90 34.79 -14.06
N SER D 280 12.73 35.02 -15.07
CA SER D 280 14.04 35.66 -14.92
C SER D 280 15.02 34.90 -14.03
N GLY D 281 14.82 33.58 -13.89
CA GLY D 281 15.72 32.77 -13.08
C GLY D 281 15.37 32.74 -11.59
N GLN D 282 14.25 33.36 -11.22
CA GLN D 282 13.81 33.40 -9.83
C GLN D 282 12.99 32.17 -9.40
N ARG D 283 13.59 30.98 -9.58
CA ARG D 283 12.96 29.71 -9.22
C ARG D 283 13.95 28.76 -8.55
N CYS D 284 13.50 27.99 -7.55
CA CYS D 284 14.37 27.03 -6.86
C CYS D 284 14.67 25.83 -7.75
N THR D 285 13.65 25.38 -8.48
CA THR D 285 13.79 24.27 -9.41
C THR D 285 13.99 24.88 -10.78
N ALA D 286 15.26 25.12 -11.13
CA ALA D 286 15.61 25.72 -12.40
C ALA D 286 17.02 25.25 -12.73
N VAL D 287 17.29 25.05 -14.02
CA VAL D 287 18.62 24.64 -14.46
C VAL D 287 19.55 25.81 -14.15
N LYS D 288 20.46 25.61 -13.19
CA LYS D 288 21.37 26.68 -12.80
C LYS D 288 22.84 26.51 -13.19
N ARG D 289 23.18 25.38 -13.82
CA ARG D 289 24.55 25.09 -14.27
C ARG D 289 24.56 23.92 -15.27
N VAL D 290 25.31 24.09 -16.36
CA VAL D 290 25.40 23.05 -17.38
C VAL D 290 26.76 22.34 -17.33
N LEU D 291 26.73 21.02 -17.14
CA LEU D 291 27.95 20.21 -17.08
C LEU D 291 27.94 19.37 -18.36
N VAL D 292 28.56 19.91 -19.41
CA VAL D 292 28.60 19.28 -20.72
C VAL D 292 29.95 18.68 -21.14
N MET D 293 29.89 17.51 -21.78
CA MET D 293 31.10 16.84 -22.26
C MET D 293 31.71 17.72 -23.33
N GLU D 294 33.02 17.95 -23.19
CA GLU D 294 33.77 18.81 -24.10
C GLU D 294 33.52 18.65 -25.61
N SER D 295 33.45 17.41 -26.09
CA SER D 295 33.25 17.17 -27.52
C SER D 295 31.97 17.74 -28.15
N VAL D 296 30.96 18.01 -27.35
CA VAL D 296 29.71 18.57 -27.87
C VAL D 296 29.40 19.96 -27.31
N ALA D 297 30.30 20.49 -26.49
CA ALA D 297 30.12 21.78 -25.85
C ALA D 297 29.93 22.99 -26.79
N ASP D 298 30.86 23.18 -27.72
CA ASP D 298 30.79 24.29 -28.66
C ASP D 298 29.45 24.38 -29.39
N GLU D 299 28.98 23.25 -29.89
CA GLU D 299 27.71 23.20 -30.63
C GLU D 299 26.51 23.54 -29.77
N LEU D 300 26.50 23.07 -28.53
CA LEU D 300 25.39 23.32 -27.62
C LEU D 300 25.34 24.79 -27.19
N VAL D 301 26.51 25.35 -26.91
CA VAL D 301 26.62 26.74 -26.49
C VAL D 301 26.09 27.73 -27.53
N GLU D 302 26.30 27.42 -28.81
CA GLU D 302 25.83 28.30 -29.89
C GLU D 302 24.30 28.30 -30.01
N LYS D 303 23.69 27.13 -29.82
CA LYS D 303 22.24 26.99 -29.87
C LYS D 303 21.63 27.80 -28.74
N ILE D 304 22.18 27.62 -27.53
CA ILE D 304 21.74 28.33 -26.34
C ILE D 304 21.94 29.84 -26.51
N ARG D 305 23.08 30.23 -27.08
CA ARG D 305 23.38 31.64 -27.30
C ARG D 305 22.30 32.31 -28.14
N GLU D 306 21.95 31.69 -29.25
CA GLU D 306 20.95 32.22 -30.16
C GLU D 306 19.56 32.30 -29.56
N LYS D 307 19.18 31.27 -28.80
CA LYS D 307 17.86 31.26 -28.16
C LYS D 307 17.72 32.33 -27.09
N VAL D 308 18.82 32.68 -26.43
CA VAL D 308 18.80 33.71 -25.40
C VAL D 308 18.45 35.06 -26.06
N LEU D 309 18.95 35.26 -27.27
CA LEU D 309 18.69 36.50 -28.00
C LEU D 309 17.25 36.67 -28.47
N ALA D 310 16.47 35.59 -28.42
CA ALA D 310 15.08 35.64 -28.86
C ALA D 310 14.13 35.91 -27.71
N LEU D 311 14.63 35.86 -26.49
CA LEU D 311 13.81 36.10 -25.29
C LEU D 311 13.34 37.54 -25.29
N THR D 312 12.11 37.77 -24.83
CA THR D 312 11.57 39.12 -24.73
C THR D 312 11.98 39.69 -23.38
N ILE D 313 12.19 41.00 -23.34
CA ILE D 313 12.60 41.69 -22.12
C ILE D 313 11.70 42.89 -21.93
N GLY D 314 11.17 43.07 -20.72
CA GLY D 314 10.28 44.21 -20.49
C GLY D 314 9.35 44.13 -19.30
N ASN D 315 8.18 44.76 -19.45
CA ASN D 315 7.18 44.82 -18.39
C ASN D 315 6.22 43.64 -18.24
N PRO D 316 5.71 43.42 -17.00
CA PRO D 316 4.78 42.34 -16.65
C PRO D 316 3.52 42.35 -17.52
N GLU D 317 3.00 43.54 -17.77
CA GLU D 317 1.79 43.68 -18.56
C GLU D 317 1.97 43.26 -20.01
N ASP D 318 3.21 43.24 -20.49
CA ASP D 318 3.50 42.84 -21.85
C ASP D 318 3.86 41.35 -21.98
N ASP D 319 3.80 40.62 -20.85
CA ASP D 319 4.12 39.20 -20.81
C ASP D 319 5.54 38.88 -21.30
N ALA D 320 6.49 39.74 -20.95
CA ALA D 320 7.89 39.55 -21.34
C ALA D 320 8.47 38.33 -20.63
N ASP D 321 9.43 37.68 -21.29
CA ASP D 321 10.10 36.52 -20.72
C ASP D 321 10.93 36.95 -19.51
N ILE D 322 11.70 38.02 -19.71
CA ILE D 322 12.55 38.60 -18.68
C ILE D 322 11.92 39.88 -18.14
N THR D 323 11.49 39.82 -16.88
CA THR D 323 10.89 40.97 -16.20
C THR D 323 11.87 41.50 -15.15
N PRO D 324 11.60 42.70 -14.59
CA PRO D 324 12.51 43.26 -13.58
C PRO D 324 12.55 42.36 -12.34
N LEU D 325 13.71 42.31 -11.69
CA LEU D 325 13.87 41.50 -10.49
C LEU D 325 13.07 42.05 -9.30
N ILE D 326 12.78 41.18 -8.34
CA ILE D 326 11.98 41.51 -7.17
C ILE D 326 12.33 42.81 -6.42
N ASP D 327 13.62 43.08 -6.23
CA ASP D 327 14.06 44.29 -5.55
C ASP D 327 15.48 44.67 -5.94
N THR D 328 15.91 45.84 -5.50
CA THR D 328 17.24 46.35 -5.79
C THR D 328 18.38 45.51 -5.22
N LYS D 329 18.21 45.05 -3.99
CA LYS D 329 19.18 44.22 -3.29
C LYS D 329 19.47 42.95 -4.10
N SER D 330 18.44 42.39 -4.71
CA SER D 330 18.56 41.18 -5.52
C SER D 330 19.39 41.43 -6.78
N ALA D 331 19.05 42.48 -7.51
CA ALA D 331 19.78 42.84 -8.73
C ALA D 331 21.25 43.13 -8.41
N ASP D 332 21.50 43.80 -7.28
CA ASP D 332 22.85 44.14 -6.84
C ASP D 332 23.67 42.85 -6.65
N TYR D 333 23.04 41.84 -6.04
CA TYR D 333 23.69 40.56 -5.80
C TYR D 333 24.03 39.82 -7.12
N VAL D 334 23.05 39.74 -8.02
CA VAL D 334 23.25 39.08 -9.30
C VAL D 334 24.36 39.79 -10.05
N GLU D 335 24.39 41.12 -9.92
CA GLU D 335 25.41 41.93 -10.58
C GLU D 335 26.80 41.56 -10.08
N GLY D 336 26.91 41.35 -8.77
CA GLY D 336 28.19 40.98 -8.18
C GLY D 336 28.72 39.63 -8.62
N LEU D 337 27.82 38.72 -8.99
CA LEU D 337 28.22 37.40 -9.46
C LEU D 337 28.70 37.52 -10.92
N ILE D 338 28.08 38.43 -11.67
CA ILE D 338 28.42 38.67 -13.08
C ILE D 338 29.82 39.25 -13.19
N ASN D 339 30.16 40.14 -12.26
CA ASN D 339 31.46 40.78 -12.23
C ASN D 339 32.56 39.79 -11.89
N ASP D 340 32.33 38.96 -10.87
CA ASP D 340 33.29 37.95 -10.43
C ASP D 340 33.67 37.03 -11.59
N ALA D 341 32.68 36.47 -12.26
CA ALA D 341 32.93 35.58 -13.38
C ALA D 341 33.65 36.29 -14.53
N ASN D 342 33.15 37.46 -14.92
CA ASN D 342 33.72 38.22 -16.03
C ASN D 342 35.15 38.66 -15.73
N ASP D 343 35.41 39.02 -14.49
CA ASP D 343 36.74 39.46 -14.09
C ASP D 343 37.72 38.30 -13.91
N LYS D 344 37.18 37.11 -13.64
CA LYS D 344 38.02 35.91 -13.47
C LYS D 344 38.32 35.15 -14.77
N GLY D 345 37.78 35.60 -15.90
CA GLY D 345 38.07 34.94 -17.17
C GLY D 345 36.95 34.31 -17.98
N ALA D 346 35.75 34.17 -17.41
CA ALA D 346 34.63 33.55 -18.13
C ALA D 346 34.31 34.35 -19.40
N THR D 347 33.70 33.68 -20.37
CA THR D 347 33.35 34.31 -21.64
C THR D 347 31.85 34.59 -21.75
N ALA D 348 31.48 35.87 -21.64
CA ALA D 348 30.08 36.29 -21.75
C ALA D 348 29.68 36.29 -23.22
N LEU D 349 28.64 35.55 -23.57
CA LEU D 349 28.19 35.46 -24.95
C LEU D 349 26.97 36.31 -25.29
N THR D 350 26.55 37.13 -24.34
CA THR D 350 25.42 38.05 -24.51
C THR D 350 25.80 39.29 -23.67
N GLU D 351 25.31 40.46 -24.08
CA GLU D 351 25.66 41.69 -23.38
C GLU D 351 25.20 41.82 -21.94
N ILE D 352 26.05 42.49 -21.16
CA ILE D 352 25.78 42.77 -19.75
C ILE D 352 25.08 44.13 -19.73
N LYS D 353 23.83 44.14 -19.28
CA LYS D 353 23.05 45.37 -19.22
C LYS D 353 22.02 45.37 -18.09
N ARG D 354 21.91 46.51 -17.42
CA ARG D 354 20.97 46.68 -16.31
C ARG D 354 20.39 48.10 -16.34
N GLU D 355 19.07 48.19 -16.28
CA GLU D 355 18.36 49.48 -16.27
C GLU D 355 17.37 49.30 -15.13
N GLY D 356 17.57 50.05 -14.05
CA GLY D 356 16.70 49.90 -12.91
C GLY D 356 17.03 48.53 -12.32
N ASN D 357 16.03 47.69 -12.13
CA ASN D 357 16.28 46.36 -11.59
C ASN D 357 16.07 45.30 -12.66
N LEU D 358 16.04 45.75 -13.91
CA LEU D 358 15.88 44.87 -15.06
C LEU D 358 17.24 44.49 -15.65
N ILE D 359 17.62 43.24 -15.44
CA ILE D 359 18.88 42.72 -15.94
C ILE D 359 18.58 41.86 -17.17
N CYS D 360 19.23 42.18 -18.29
CA CYS D 360 19.06 41.42 -19.52
C CYS D 360 19.68 40.02 -19.32
N PRO D 361 19.10 39.00 -19.98
CA PRO D 361 19.58 37.61 -19.88
C PRO D 361 21.01 37.42 -20.35
N ILE D 362 21.80 36.66 -19.60
CA ILE D 362 23.20 36.45 -19.98
C ILE D 362 23.72 35.01 -19.88
N LEU D 363 24.46 34.62 -20.91
CA LEU D 363 25.07 33.29 -21.01
C LEU D 363 26.59 33.39 -20.80
N PHE D 364 27.11 32.63 -19.84
CA PHE D 364 28.55 32.61 -19.54
C PHE D 364 29.20 31.26 -19.86
N ASP D 365 30.16 31.27 -20.79
CA ASP D 365 30.87 30.05 -21.18
C ASP D 365 32.22 30.05 -20.45
N LYS D 366 32.87 28.88 -20.43
CA LYS D 366 34.17 28.72 -19.78
C LYS D 366 34.18 29.02 -18.28
N VAL D 367 33.14 28.57 -17.57
CA VAL D 367 33.06 28.78 -16.13
C VAL D 367 33.84 27.67 -15.41
N THR D 368 34.62 28.06 -14.40
CA THR D 368 35.39 27.11 -13.64
C THR D 368 34.90 27.03 -12.20
N THR D 369 35.18 25.92 -11.52
CA THR D 369 34.76 25.71 -10.14
C THR D 369 35.38 26.69 -9.14
N ASP D 370 36.27 27.54 -9.64
CA ASP D 370 36.94 28.55 -8.82
C ASP D 370 36.16 29.87 -8.81
N MET D 371 35.07 29.90 -9.56
CA MET D 371 34.24 31.09 -9.66
C MET D 371 32.98 30.95 -8.81
N ARG D 372 32.52 32.07 -8.25
CA ARG D 372 31.31 32.10 -7.42
C ARG D 372 30.05 31.63 -8.16
N LEU D 373 29.96 32.01 -9.44
CA LEU D 373 28.83 31.65 -10.28
C LEU D 373 28.67 30.14 -10.47
N ALA D 374 29.74 29.38 -10.22
CA ALA D 374 29.73 27.93 -10.35
C ALA D 374 29.00 27.22 -9.20
N TRP D 375 28.85 27.89 -8.06
CA TRP D 375 28.23 27.31 -6.88
C TRP D 375 27.05 28.07 -6.26
N GLU D 376 27.13 29.41 -6.22
CA GLU D 376 26.08 30.22 -5.62
C GLU D 376 24.78 30.37 -6.44
N GLU D 377 23.63 30.27 -5.75
CA GLU D 377 22.32 30.42 -6.37
C GLU D 377 22.09 31.93 -6.58
N PRO D 378 22.02 32.37 -7.85
CA PRO D 378 21.84 33.79 -8.18
C PRO D 378 20.44 34.36 -8.02
N PHE D 379 19.46 33.64 -8.59
CA PHE D 379 18.07 34.07 -8.60
C PHE D 379 17.95 35.27 -9.55
N GLY D 380 18.58 35.11 -10.71
CA GLY D 380 18.62 36.13 -11.75
C GLY D 380 18.85 35.49 -13.11
N PRO D 381 18.66 36.21 -14.23
CA PRO D 381 18.86 35.64 -15.57
C PRO D 381 20.32 35.48 -16.02
N VAL D 382 21.06 34.60 -15.35
CA VAL D 382 22.45 34.34 -15.67
C VAL D 382 22.76 32.83 -15.63
N LEU D 383 23.22 32.28 -16.76
CA LEU D 383 23.52 30.84 -16.87
C LEU D 383 24.98 30.47 -17.17
N PRO D 384 25.62 29.71 -16.29
CA PRO D 384 27.03 29.27 -16.46
C PRO D 384 27.20 27.90 -17.13
N ILE D 385 28.14 27.82 -18.07
CA ILE D 385 28.45 26.57 -18.77
C ILE D 385 29.81 26.06 -18.27
N ILE D 386 29.83 24.84 -17.72
CA ILE D 386 31.05 24.21 -17.21
C ILE D 386 31.35 22.93 -18.02
N ARG D 387 32.48 22.91 -18.70
CA ARG D 387 32.87 21.75 -19.52
C ARG D 387 33.60 20.66 -18.74
N VAL D 388 33.28 19.40 -19.06
CA VAL D 388 33.89 18.23 -18.42
C VAL D 388 34.47 17.28 -19.47
N THR D 389 35.28 16.32 -19.02
CA THR D 389 35.89 15.35 -19.92
C THR D 389 35.41 13.92 -19.66
N SER D 390 34.60 13.72 -18.62
CA SER D 390 34.07 12.40 -18.30
C SER D 390 32.80 12.51 -17.48
N VAL D 391 31.96 11.48 -17.56
CA VAL D 391 30.71 11.45 -16.80
C VAL D 391 31.03 11.40 -15.31
N GLU D 392 32.14 10.75 -14.97
CA GLU D 392 32.57 10.63 -13.57
C GLU D 392 32.89 12.00 -13.00
N GLU D 393 33.50 12.86 -13.81
CA GLU D 393 33.83 14.22 -13.39
C GLU D 393 32.56 15.03 -13.19
N ALA D 394 31.60 14.86 -14.09
CA ALA D 394 30.33 15.58 -14.01
C ALA D 394 29.60 15.24 -12.72
N ILE D 395 29.66 13.97 -12.33
CA ILE D 395 29.00 13.48 -11.12
C ILE D 395 29.66 14.05 -9.87
N GLU D 396 30.99 14.14 -9.89
CA GLU D 396 31.73 14.68 -8.74
C GLU D 396 31.43 16.17 -8.52
N ILE D 397 31.48 16.96 -9.59
CA ILE D 397 31.21 18.40 -9.53
C ILE D 397 29.77 18.66 -9.05
N SER D 398 28.84 17.86 -9.56
CA SER D 398 27.43 17.98 -9.21
C SER D 398 27.21 17.73 -7.73
N ASN D 399 27.67 16.58 -7.25
CA ASN D 399 27.51 16.21 -5.84
C ASN D 399 28.36 17.06 -4.89
N LYS D 400 29.30 17.82 -5.44
CA LYS D 400 30.17 18.68 -4.65
C LYS D 400 29.39 19.87 -4.08
N SER D 401 28.27 20.20 -4.71
CA SER D 401 27.41 21.30 -4.27
C SER D 401 26.73 20.98 -2.94
N GLU D 402 26.38 22.03 -2.19
CA GLU D 402 25.70 21.89 -0.90
C GLU D 402 24.20 21.67 -1.11
N TYR D 403 23.73 21.99 -2.32
CA TYR D 403 22.32 21.85 -2.71
C TYR D 403 22.05 20.52 -3.39
N GLY D 404 20.79 20.08 -3.35
CA GLY D 404 20.42 18.82 -3.97
C GLY D 404 18.94 18.68 -4.22
N LEU D 405 18.37 19.62 -4.97
CA LEU D 405 16.94 19.60 -5.26
C LEU D 405 16.59 18.64 -6.40
N GLN D 406 17.03 18.96 -7.62
CA GLN D 406 16.76 18.13 -8.78
C GLN D 406 17.92 18.17 -9.78
N ALA D 407 17.84 17.32 -10.82
CA ALA D 407 18.87 17.25 -11.85
C ALA D 407 18.31 16.73 -13.18
N SER D 408 18.96 17.11 -14.27
CA SER D 408 18.58 16.69 -15.62
C SER D 408 19.74 15.94 -16.25
N ILE D 409 19.43 14.93 -17.06
CA ILE D 409 20.45 14.16 -17.77
C ILE D 409 19.98 14.05 -19.20
N PHE D 410 20.78 14.59 -20.12
CA PHE D 410 20.46 14.52 -21.53
C PHE D 410 21.35 13.48 -22.21
N THR D 411 20.73 12.37 -22.63
CA THR D 411 21.41 11.25 -23.27
C THR D 411 20.40 10.30 -23.92
N ASN D 412 20.88 9.41 -24.77
CA ASN D 412 20.02 8.42 -25.43
C ASN D 412 20.20 7.02 -24.84
N ASP D 413 21.06 6.91 -23.83
CA ASP D 413 21.34 5.65 -23.14
C ASP D 413 20.63 5.71 -21.77
N PHE D 414 19.44 5.11 -21.70
CA PHE D 414 18.67 5.09 -20.45
C PHE D 414 19.20 4.22 -19.31
N PRO D 415 19.64 2.98 -19.60
CA PRO D 415 20.16 2.14 -18.52
C PRO D 415 21.30 2.86 -17.81
N ARG D 416 22.13 3.54 -18.60
CA ARG D 416 23.26 4.32 -18.07
C ARG D 416 22.75 5.53 -17.30
N ALA D 417 21.72 6.20 -17.83
CA ALA D 417 21.12 7.37 -17.17
C ALA D 417 20.54 6.98 -15.80
N PHE D 418 19.98 5.78 -15.69
CA PHE D 418 19.44 5.30 -14.43
C PHE D 418 20.57 5.07 -13.43
N GLY D 419 21.71 4.60 -13.93
CA GLY D 419 22.87 4.36 -13.09
C GLY D 419 23.45 5.65 -12.54
N ILE D 420 23.56 6.66 -13.40
CA ILE D 420 24.07 7.97 -13.01
C ILE D 420 23.12 8.57 -11.97
N ALA D 421 21.81 8.46 -12.24
CA ALA D 421 20.75 8.97 -11.37
C ALA D 421 20.83 8.45 -9.95
N GLU D 422 21.26 7.19 -9.81
CA GLU D 422 21.41 6.58 -8.49
C GLU D 422 22.55 7.23 -7.74
N GLN D 423 23.51 7.79 -8.48
CA GLN D 423 24.69 8.42 -7.89
C GLN D 423 24.51 9.88 -7.52
N LEU D 424 23.59 10.55 -8.21
CA LEU D 424 23.33 11.98 -7.96
C LEU D 424 22.59 12.22 -6.65
N GLU D 425 23.14 13.11 -5.83
CA GLU D 425 22.56 13.45 -4.55
C GLU D 425 21.47 14.53 -4.66
N VAL D 426 20.35 14.12 -5.24
CA VAL D 426 19.19 14.99 -5.46
C VAL D 426 17.91 14.22 -5.15
N GLY D 427 16.79 14.93 -5.14
CA GLY D 427 15.51 14.29 -4.89
C GLY D 427 14.93 13.70 -6.16
N THR D 428 14.91 14.52 -7.22
CA THR D 428 14.36 14.10 -8.51
C THR D 428 15.33 14.29 -9.69
N VAL D 429 15.33 13.31 -10.58
CA VAL D 429 16.17 13.35 -11.78
C VAL D 429 15.28 13.26 -13.02
N HIS D 430 15.40 14.24 -13.90
CA HIS D 430 14.63 14.27 -15.15
C HIS D 430 15.51 13.83 -16.31
N ILE D 431 15.06 12.81 -17.04
CA ILE D 431 15.81 12.32 -18.19
C ILE D 431 15.30 12.97 -19.47
N ASN D 432 16.19 13.69 -20.15
CA ASN D 432 15.87 14.40 -21.39
C ASN D 432 14.77 15.44 -21.24
N ASN D 433 14.81 16.14 -20.11
CA ASN D 433 13.84 17.19 -19.83
C ASN D 433 14.38 18.08 -18.73
N LYS D 434 13.92 19.33 -18.70
CA LYS D 434 14.34 20.29 -17.69
C LYS D 434 13.70 19.96 -16.34
N THR D 435 14.33 20.45 -15.28
CA THR D 435 13.83 20.23 -13.92
C THR D 435 12.52 21.00 -13.72
N GLN D 436 11.71 20.55 -12.76
CA GLN D 436 10.41 21.19 -12.48
C GLN D 436 9.66 20.44 -11.37
N ARG D 437 8.75 21.13 -10.69
CA ARG D 437 7.94 20.48 -9.65
C ARG D 437 6.94 19.60 -10.38
N GLY D 438 6.84 19.83 -11.68
CA GLY D 438 5.97 19.12 -12.61
C GLY D 438 5.13 17.97 -12.12
N THR D 439 3.81 18.16 -12.23
CA THR D 439 2.77 17.21 -11.79
C THR D 439 2.87 17.17 -10.28
N ASP D 440 1.95 17.90 -9.65
CA ASP D 440 1.92 18.03 -8.21
C ASP D 440 1.58 16.73 -7.46
N ASN D 441 1.33 15.65 -8.20
CA ASN D 441 1.03 14.37 -7.57
C ASN D 441 2.33 13.63 -7.32
N PHE D 442 3.37 13.97 -8.10
CA PHE D 442 4.69 13.36 -7.98
C PHE D 442 5.37 13.88 -6.71
N PRO D 443 6.30 13.10 -6.13
CA PRO D 443 7.00 13.54 -4.92
C PRO D 443 7.94 14.70 -5.25
N PHE D 444 8.10 15.62 -4.29
CA PHE D 444 8.96 16.79 -4.47
C PHE D 444 9.78 16.95 -3.20
N LEU D 445 11.09 16.79 -3.31
CA LEU D 445 11.99 16.89 -2.16
C LEU D 445 13.39 17.29 -2.61
N GLY D 446 14.26 17.54 -1.64
CA GLY D 446 15.62 17.91 -1.93
C GLY D 446 16.60 17.29 -0.94
N ALA D 447 17.84 17.08 -1.37
CA ALA D 447 18.88 16.50 -0.53
C ALA D 447 19.71 17.61 0.11
N LYS D 448 20.63 17.22 0.98
CA LYS D 448 21.52 18.14 1.67
C LYS D 448 20.84 19.42 2.16
N LYS D 449 21.38 20.57 1.78
CA LYS D 449 20.83 21.87 2.20
C LYS D 449 19.60 22.35 1.44
N SER D 450 19.10 21.55 0.50
CA SER D 450 17.91 21.95 -0.27
C SER D 450 16.56 21.74 0.42
N GLY D 451 16.57 21.12 1.60
CA GLY D 451 15.31 20.90 2.30
C GLY D 451 15.22 19.77 3.30
N ALA D 452 14.00 19.59 3.80
CA ALA D 452 13.67 18.56 4.78
C ALA D 452 12.20 18.16 4.56
N GLY D 453 11.94 16.87 4.41
CA GLY D 453 10.59 16.39 4.19
C GLY D 453 10.24 16.18 2.73
N ILE D 454 9.29 15.29 2.47
CA ILE D 454 8.85 14.97 1.12
C ILE D 454 7.49 15.59 0.82
N GLN D 455 7.48 16.47 -0.18
CA GLN D 455 6.25 17.15 -0.62
C GLN D 455 5.57 16.40 -1.77
N GLY D 456 4.57 17.04 -2.36
CA GLY D 456 3.77 16.42 -3.40
C GLY D 456 2.47 16.23 -2.64
N VAL D 457 1.32 16.34 -3.29
CA VAL D 457 0.04 16.23 -2.59
C VAL D 457 -0.06 15.12 -1.54
N LYS D 458 0.00 13.88 -1.99
CA LYS D 458 -0.09 12.70 -1.13
C LYS D 458 0.91 12.69 0.04
N TYR D 459 2.16 13.03 -0.26
CA TYR D 459 3.24 13.05 0.73
C TYR D 459 3.09 14.19 1.75
N SER D 460 2.49 15.29 1.32
CA SER D 460 2.26 16.44 2.19
C SER D 460 1.20 16.09 3.23
N ILE D 461 0.22 15.29 2.82
CA ILE D 461 -0.85 14.86 3.71
C ILE D 461 -0.29 13.89 4.76
N GLU D 462 0.57 12.97 4.34
CA GLU D 462 1.17 12.01 5.27
C GLU D 462 2.07 12.74 6.27
N ALA D 463 2.79 13.75 5.77
CA ALA D 463 3.69 14.54 6.61
C ALA D 463 2.97 15.32 7.70
N MET D 464 1.85 15.93 7.35
CA MET D 464 1.08 16.72 8.32
C MET D 464 0.01 15.94 9.09
N THR D 465 0.24 14.65 9.25
CA THR D 465 -0.64 13.78 10.03
C THR D 465 0.20 12.82 10.85
N THR D 466 -0.39 12.28 11.90
CA THR D 466 0.30 11.32 12.74
C THR D 466 -0.58 10.08 12.75
N VAL D 467 -0.24 9.13 13.62
CA VAL D 467 -0.98 7.89 13.71
C VAL D 467 -1.50 7.64 15.13
N LYS D 468 -2.59 6.87 15.22
CA LYS D 468 -3.20 6.52 16.50
C LYS D 468 -3.44 5.01 16.45
N SER D 469 -2.77 4.29 17.35
CA SER D 469 -2.89 2.83 17.39
C SER D 469 -3.70 2.32 18.58
N VAL D 470 -4.76 1.56 18.28
CA VAL D 470 -5.62 0.96 19.30
C VAL D 470 -5.43 -0.55 19.26
N VAL D 471 -4.91 -1.10 20.36
CA VAL D 471 -4.61 -2.52 20.48
C VAL D 471 -5.54 -3.28 21.45
N PHE D 472 -6.04 -4.44 21.02
CA PHE D 472 -6.92 -5.27 21.85
C PHE D 472 -6.84 -6.75 21.47
N ASP D 473 -7.26 -7.62 22.38
CA ASP D 473 -7.24 -9.07 22.17
C ASP D 473 -8.61 -9.64 21.83
N ILE D 474 -8.62 -10.53 20.84
CA ILE D 474 -9.84 -11.19 20.37
C ILE D 474 -10.16 -12.39 21.28
N LYS D 475 -11.44 -12.61 21.54
CA LYS D 475 -11.87 -13.72 22.38
C LYS D 475 -12.71 -14.74 21.60
S SO4 E . 7.96 -22.46 -17.67
O1 SO4 E . 7.12 -23.39 -18.45
O2 SO4 E . 7.20 -21.94 -16.52
O3 SO4 E . 8.41 -21.33 -18.49
O4 SO4 E . 9.12 -23.21 -17.16
S SO4 F . -2.04 -39.40 -17.17
O1 SO4 F . -3.40 -39.46 -17.73
O2 SO4 F . -1.81 -40.59 -16.32
O3 SO4 F . -1.87 -38.17 -16.38
O4 SO4 F . -1.05 -39.39 -18.27
S SO4 G . 13.40 -18.59 -15.32
O1 SO4 G . 14.60 -18.14 -16.04
O2 SO4 G . 12.25 -18.55 -16.23
O3 SO4 G . 13.17 -17.71 -14.17
O4 SO4 G . 13.60 -19.96 -14.85
S SO4 H . -29.04 -5.65 -2.42
O1 SO4 H . -29.61 -6.79 -3.16
O2 SO4 H . -27.67 -5.38 -2.89
O3 SO4 H . -29.01 -5.93 -0.98
O4 SO4 H . -29.87 -4.47 -2.65
S SO4 I . -36.53 -11.78 -20.29
O1 SO4 I . -36.91 -12.95 -21.10
O2 SO4 I . -36.79 -10.55 -21.06
O3 SO4 I . -35.10 -11.87 -19.94
O4 SO4 I . -37.33 -11.76 -19.06
S SO4 J . -27.73 -0.62 1.79
O1 SO4 J . -27.45 -2.06 1.69
O2 SO4 J . -26.50 0.11 2.13
O3 SO4 J . -28.74 -0.40 2.85
O4 SO4 J . -28.23 -0.13 0.50
S SO4 K . 10.89 1.23 27.58
O1 SO4 K . 11.48 1.01 26.24
O2 SO4 K . 11.07 0.02 28.40
O3 SO4 K . 9.45 1.51 27.43
O4 SO4 K . 11.57 2.37 28.24
S SO4 L . 28.52 9.95 30.91
O1 SO4 L . 29.80 9.25 31.03
O2 SO4 L . 27.81 9.47 29.71
O3 SO4 L . 28.75 11.39 30.80
O4 SO4 L . 27.70 9.67 32.10
S SO4 M . 7.37 -4.58 26.08
O1 SO4 M . 8.32 -4.08 25.08
O2 SO4 M . 8.07 -5.49 27.00
O3 SO4 M . 6.30 -5.31 25.40
O4 SO4 M . 6.83 -3.44 26.85
S SO4 N . 9.81 41.88 6.36
O1 SO4 N . 10.39 42.55 7.54
O2 SO4 N . 10.69 42.07 5.20
O3 SO4 N . 8.49 42.47 6.06
O4 SO4 N . 9.67 40.44 6.63
S SO4 O . 6.88 23.85 -12.57
O1 SO4 O . 8.02 23.65 -11.65
O2 SO4 O . 6.01 22.67 -12.54
O3 SO4 O . 7.39 24.05 -13.93
O4 SO4 O . 6.12 25.03 -12.14
S SO4 P . 10.12 26.77 -7.45
O1 SO4 P . 10.88 27.43 -6.35
O2 SO4 P . 9.65 25.45 -7.01
O3 SO4 P . 11.00 26.63 -8.62
O4 SO4 P . 8.97 27.61 -7.80
#